data_3TOZ
#
_entry.id   3TOZ
#
_cell.length_a   70.130
_cell.length_b   78.434
_cell.length_c   214.829
_cell.angle_alpha   90.00
_cell.angle_beta   90.49
_cell.angle_gamma   90.00
#
_symmetry.space_group_name_H-M   'P 1 21 1'
#
loop_
_entity.id
_entity.type
_entity.pdbx_description
1 polymer 'Shikimate dehydrogenase'
2 non-polymer NICOTINAMIDE-ADENINE-DINUCLEOTIDE
3 non-polymer 'SULFATE ION'
4 non-polymer 'CHLORIDE ION'
5 water water
#
_entity_poly.entity_id   1
_entity_poly.type   'polypeptide(L)'
_entity_poly.pdbx_seq_one_letter_code
;MHHHHHHSSGVDLGTENLYFQSNAMTNKITERITGHTELIGLIATPIRHSLSPTMHNEAFAKLGLDYVYLAFEVGDKELK
DVVQGFRAMNLRGWNVSMPNKTNIHKYLDKLSPAAELVGAVNTVVNDDGVLTGHITDGTGYMRALKEAGHDIIGKKMTIC
GAGGAATAICIQAALDGVKEISIFNRKDDFYANAEKTVEKINSKTDCKAQLFDIEDHEQLRKEIAESVIFTNATGVGMKP
FEGETLLPSADMLRPELIVSDVVYKPTKTRLLEIAEEQGCQTLNGLGMMLWQGAKAFEIWTHKEMPVDYIKEILF
;
_entity_poly.pdbx_strand_id   A,B,C,D,E,F,G,H
#
loop_
_chem_comp.id
_chem_comp.type
_chem_comp.name
_chem_comp.formula
CL non-polymer 'CHLORIDE ION' 'Cl -1'
NAD non-polymer NICOTINAMIDE-ADENINE-DINUCLEOTIDE 'C21 H27 N7 O14 P2'
SO4 non-polymer 'SULFATE ION' 'O4 S -2'
#
# COMPACT_ATOMS: atom_id res chain seq x y z
N MET A 25 7.93 -23.88 -60.04
CA MET A 25 8.55 -23.97 -58.67
C MET A 25 9.21 -22.68 -58.21
N THR A 26 9.18 -21.66 -59.06
CA THR A 26 9.75 -20.37 -58.71
C THR A 26 8.72 -19.66 -57.88
N ASN A 27 9.19 -18.84 -56.95
CA ASN A 27 8.31 -18.10 -56.08
C ASN A 27 8.97 -16.75 -55.84
N LYS A 28 8.59 -15.75 -56.64
CA LYS A 28 9.17 -14.41 -56.53
C LYS A 28 8.56 -13.59 -55.39
N ILE A 29 7.41 -14.03 -54.87
CA ILE A 29 6.77 -13.32 -53.74
C ILE A 29 7.73 -13.36 -52.55
N THR A 30 8.56 -12.34 -52.42
CA THR A 30 9.57 -12.27 -51.35
C THR A 30 9.08 -11.54 -50.10
N GLU A 31 7.85 -11.03 -50.17
CA GLU A 31 7.24 -10.26 -49.11
C GLU A 31 6.35 -11.13 -48.19
N ARG A 32 6.80 -11.35 -46.96
CA ARG A 32 6.07 -12.20 -46.01
C ARG A 32 4.76 -11.63 -45.50
N ILE A 33 4.41 -10.42 -45.91
CA ILE A 33 3.19 -9.76 -45.44
C ILE A 33 2.06 -10.00 -46.44
N THR A 34 0.99 -10.66 -45.99
CA THR A 34 -0.16 -11.01 -46.80
C THR A 34 -1.41 -10.54 -46.06
N GLY A 35 -2.59 -10.90 -46.59
CA GLY A 35 -3.87 -10.58 -45.96
C GLY A 35 -4.03 -11.32 -44.63
N HIS A 36 -3.15 -12.30 -44.35
CA HIS A 36 -3.22 -13.02 -43.08
C HIS A 36 -2.49 -12.29 -41.95
N THR A 37 -1.35 -11.68 -42.29
CA THR A 37 -0.53 -10.95 -41.32
C THR A 37 -1.34 -10.00 -40.42
N GLU A 38 -1.11 -10.09 -39.12
CA GLU A 38 -1.77 -9.24 -38.14
C GLU A 38 -0.80 -8.16 -37.69
N LEU A 39 -1.36 -7.14 -37.08
CA LEU A 39 -0.62 -5.96 -36.63
C LEU A 39 -0.50 -5.79 -35.12
N ILE A 40 0.69 -5.42 -34.67
CA ILE A 40 0.98 -5.08 -33.27
C ILE A 40 1.41 -3.63 -33.41
N GLY A 41 0.77 -2.73 -32.67
CA GLY A 41 1.11 -1.31 -32.77
C GLY A 41 2.02 -0.76 -31.68
N LEU A 42 2.41 0.50 -31.87
CA LEU A 42 3.21 1.27 -30.94
C LEU A 42 2.62 2.67 -31.07
N ILE A 43 2.07 3.20 -30.00
CA ILE A 43 1.45 4.52 -30.06
C ILE A 43 2.12 5.47 -29.08
N ALA A 44 2.52 6.64 -29.62
CA ALA A 44 3.28 7.65 -28.91
C ALA A 44 3.75 8.76 -29.87
N THR A 45 4.42 9.78 -29.34
CA THR A 45 4.97 10.87 -30.16
C THR A 45 5.96 11.68 -29.33
N PRO A 46 7.18 11.89 -29.85
CA PRO A 46 7.68 11.40 -31.13
C PRO A 46 7.91 9.93 -30.97
N ILE A 47 7.99 9.19 -32.07
CA ILE A 47 8.19 7.74 -31.95
C ILE A 47 8.80 7.07 -33.19
N ARG A 48 9.00 7.77 -34.29
CA ARG A 48 9.48 7.09 -35.50
C ARG A 48 10.93 6.61 -35.55
N HIS A 49 11.77 7.06 -34.61
CA HIS A 49 13.16 6.59 -34.55
C HIS A 49 13.28 5.36 -33.61
N SER A 50 12.17 4.97 -33.00
CA SER A 50 12.12 3.83 -32.11
C SER A 50 12.72 2.56 -32.71
N LEU A 51 13.39 1.76 -31.89
CA LEU A 51 14.01 0.48 -32.35
C LEU A 51 13.08 -0.70 -32.18
N SER A 52 12.04 -0.51 -31.38
CA SER A 52 11.13 -1.57 -31.09
C SER A 52 10.58 -2.30 -32.32
N PRO A 53 10.19 -1.54 -33.37
CA PRO A 53 9.67 -2.26 -34.51
C PRO A 53 10.69 -3.21 -35.14
N THR A 54 11.98 -2.86 -35.13
CA THR A 54 12.97 -3.75 -35.71
C THR A 54 13.04 -4.98 -34.82
N MET A 55 13.12 -4.73 -33.52
CA MET A 55 13.16 -5.80 -32.55
C MET A 55 12.06 -6.85 -32.77
N HIS A 56 10.81 -6.43 -32.78
CA HIS A 56 9.72 -7.39 -32.92
C HIS A 56 9.55 -7.99 -34.29
N ASN A 57 9.79 -7.22 -35.34
CA ASN A 57 9.64 -7.72 -36.70
C ASN A 57 10.69 -8.79 -36.97
N GLU A 58 11.85 -8.59 -36.38
CA GLU A 58 12.93 -9.56 -36.51
C GLU A 58 12.59 -10.83 -35.71
N ALA A 59 12.03 -10.64 -34.52
CA ALA A 59 11.63 -11.76 -33.68
C ALA A 59 10.50 -12.49 -34.39
N PHE A 60 9.53 -11.76 -34.90
CA PHE A 60 8.44 -12.44 -35.62
C PHE A 60 9.01 -13.21 -36.81
N ALA A 61 9.81 -12.55 -37.64
CA ALA A 61 10.36 -13.21 -38.80
C ALA A 61 10.99 -14.51 -38.33
N LYS A 62 12.01 -14.40 -37.50
CA LYS A 62 12.77 -15.57 -37.01
C LYS A 62 11.89 -16.73 -36.52
N LEU A 63 10.86 -16.43 -35.73
CA LEU A 63 9.96 -17.48 -35.21
C LEU A 63 8.84 -17.93 -36.17
N GLY A 64 8.64 -17.24 -37.28
CA GLY A 64 7.60 -17.60 -38.25
C GLY A 64 6.20 -17.17 -37.86
N LEU A 65 6.11 -16.09 -37.09
CA LEU A 65 4.82 -15.61 -36.66
C LEU A 65 4.33 -14.58 -37.67
N ASP A 66 3.07 -14.69 -38.08
CA ASP A 66 2.56 -13.81 -39.11
C ASP A 66 2.09 -12.48 -38.50
N TYR A 67 3.08 -11.74 -37.98
CA TYR A 67 2.85 -10.44 -37.39
C TYR A 67 3.85 -9.38 -37.88
N VAL A 68 3.41 -8.14 -37.81
N VAL A 68 3.42 -8.13 -37.84
CA VAL A 68 4.22 -7.01 -38.18
CA VAL A 68 4.26 -7.01 -38.19
C VAL A 68 3.98 -5.98 -37.10
C VAL A 68 3.99 -5.97 -37.12
N TYR A 69 5.02 -5.23 -36.76
CA TYR A 69 4.94 -4.20 -35.73
C TYR A 69 5.22 -2.83 -36.37
N LEU A 70 4.28 -1.92 -36.21
CA LEU A 70 4.37 -0.57 -36.75
C LEU A 70 4.12 0.46 -35.67
N ALA A 71 4.74 1.62 -35.85
CA ALA A 71 4.63 2.78 -34.96
C ALA A 71 3.64 3.81 -35.52
N PHE A 72 2.96 4.50 -34.62
CA PHE A 72 2.04 5.51 -35.01
C PHE A 72 2.26 6.69 -34.11
N GLU A 73 2.19 7.88 -34.68
CA GLU A 73 2.39 9.10 -33.92
C GLU A 73 1.10 9.42 -33.26
N VAL A 74 0.99 9.06 -31.99
CA VAL A 74 -0.22 9.30 -31.24
C VAL A 74 0.10 10.03 -29.95
N GLY A 75 -0.67 11.08 -29.72
CA GLY A 75 -0.55 11.92 -28.55
C GLY A 75 -1.91 12.17 -27.93
N ASP A 76 -1.97 13.06 -26.96
CA ASP A 76 -3.20 13.34 -26.21
C ASP A 76 -4.49 13.41 -27.05
N LYS A 77 -4.50 14.20 -28.13
CA LYS A 77 -5.73 14.38 -28.92
C LYS A 77 -6.12 13.16 -29.74
N GLU A 78 -5.17 12.25 -29.97
CA GLU A 78 -5.46 11.07 -30.78
C GLU A 78 -5.67 9.76 -30.02
N LEU A 79 -5.21 9.70 -28.77
CA LEU A 79 -5.25 8.44 -28.00
C LEU A 79 -6.60 7.72 -27.91
N LYS A 80 -7.66 8.43 -27.54
CA LYS A 80 -8.97 7.80 -27.40
C LYS A 80 -9.49 7.19 -28.69
N ASP A 81 -9.36 7.92 -29.79
CA ASP A 81 -9.83 7.45 -31.10
C ASP A 81 -9.00 6.27 -31.59
N VAL A 82 -7.71 6.25 -31.25
CA VAL A 82 -6.80 5.17 -31.69
C VAL A 82 -7.11 3.86 -30.97
N VAL A 83 -7.08 3.87 -29.65
CA VAL A 83 -7.48 2.69 -28.91
C VAL A 83 -8.89 2.21 -29.29
N GLN A 84 -9.82 3.12 -29.52
N GLN A 84 -9.81 3.13 -29.52
CA GLN A 84 -11.16 2.66 -29.89
CA GLN A 84 -11.16 2.74 -29.89
C GLN A 84 -11.12 2.01 -31.27
C GLN A 84 -11.18 2.11 -31.29
N GLY A 85 -10.23 2.52 -32.12
CA GLY A 85 -10.07 2.01 -33.44
C GLY A 85 -9.35 0.68 -33.40
N PHE A 86 -8.39 0.48 -32.49
CA PHE A 86 -7.68 -0.82 -32.43
C PHE A 86 -8.65 -1.90 -31.97
N ARG A 87 -9.62 -1.54 -31.13
CA ARG A 87 -10.64 -2.50 -30.70
C ARG A 87 -11.50 -2.91 -31.85
N ALA A 88 -11.92 -1.93 -32.66
CA ALA A 88 -12.74 -2.20 -33.84
C ALA A 88 -11.94 -3.05 -34.83
N MET A 89 -10.65 -2.81 -34.86
CA MET A 89 -9.74 -3.53 -35.73
C MET A 89 -9.36 -4.86 -35.09
N ASN A 90 -9.86 -5.10 -33.90
CA ASN A 90 -9.50 -6.31 -33.18
C ASN A 90 -8.00 -6.59 -33.16
N LEU A 91 -7.17 -5.59 -32.88
CA LEU A 91 -5.74 -5.85 -32.78
C LEU A 91 -5.44 -6.71 -31.57
N ARG A 92 -4.38 -7.49 -31.67
CA ARG A 92 -3.99 -8.38 -30.60
C ARG A 92 -3.37 -7.59 -29.47
N GLY A 93 -2.61 -6.56 -29.81
CA GLY A 93 -1.97 -5.78 -28.77
C GLY A 93 -1.09 -4.69 -29.32
N TRP A 94 -0.52 -3.91 -28.42
CA TRP A 94 0.34 -2.83 -28.83
C TRP A 94 1.13 -2.26 -27.69
N ASN A 95 2.21 -1.57 -28.02
CA ASN A 95 3.00 -0.88 -27.05
C ASN A 95 2.49 0.56 -26.97
N VAL A 96 2.79 1.22 -25.86
CA VAL A 96 2.36 2.58 -25.62
C VAL A 96 3.52 3.32 -25.02
N SER A 97 3.75 4.55 -25.45
CA SER A 97 4.85 5.32 -24.89
C SER A 97 4.44 6.78 -24.71
N MET A 98 5.39 7.62 -24.34
N MET A 98 5.38 7.62 -24.29
CA MET A 98 5.15 9.05 -24.12
CA MET A 98 5.09 9.02 -24.04
C MET A 98 4.35 9.66 -25.26
C MET A 98 4.34 9.65 -25.22
N PRO A 99 3.31 10.48 -24.93
CA PRO A 99 2.79 10.88 -23.62
C PRO A 99 1.49 10.17 -23.23
N ASN A 100 1.37 8.88 -23.57
CA ASN A 100 0.11 8.15 -23.33
C ASN A 100 0.07 7.12 -22.20
N LYS A 101 1.22 6.74 -21.68
CA LYS A 101 1.30 5.74 -20.63
C LYS A 101 0.37 5.94 -19.41
N THR A 102 0.28 7.15 -18.86
CA THR A 102 -0.55 7.38 -17.68
C THR A 102 -2.04 7.66 -17.97
N ASN A 103 -2.37 8.09 -19.19
CA ASN A 103 -3.77 8.32 -19.56
C ASN A 103 -4.49 7.10 -20.12
N ILE A 104 -3.77 6.15 -20.68
CA ILE A 104 -4.44 5.04 -21.40
C ILE A 104 -5.36 4.10 -20.61
N HIS A 105 -5.13 3.94 -19.31
CA HIS A 105 -6.02 3.08 -18.49
C HIS A 105 -7.48 3.48 -18.66
N LYS A 106 -7.71 4.74 -19.01
CA LYS A 106 -9.08 5.21 -19.19
C LYS A 106 -9.85 4.46 -20.28
N TYR A 107 -9.17 3.93 -21.28
CA TYR A 107 -9.87 3.27 -22.37
C TYR A 107 -9.60 1.77 -22.40
N LEU A 108 -9.08 1.24 -21.30
CA LEU A 108 -8.81 -0.18 -21.18
C LEU A 108 -9.84 -0.75 -20.23
N ASP A 109 -9.96 -2.08 -20.25
CA ASP A 109 -10.92 -2.80 -19.43
C ASP A 109 -10.31 -3.26 -18.11
N LYS A 110 -9.07 -3.77 -18.16
CA LYS A 110 -8.36 -4.27 -16.98
C LYS A 110 -6.88 -3.93 -16.97
N LEU A 111 -6.26 -3.98 -15.79
CA LEU A 111 -4.82 -3.67 -15.63
C LEU A 111 -4.11 -4.75 -14.84
N SER A 112 -2.84 -5.01 -15.16
CA SER A 112 -2.05 -5.98 -14.40
C SER A 112 -1.83 -5.38 -13.00
N PRO A 113 -1.45 -6.19 -12.02
CA PRO A 113 -1.20 -5.60 -10.73
C PRO A 113 -0.19 -4.47 -10.80
N ALA A 114 0.92 -4.70 -11.51
CA ALA A 114 1.97 -3.69 -11.63
C ALA A 114 1.45 -2.44 -12.34
N ALA A 115 0.65 -2.64 -13.39
CA ALA A 115 0.11 -1.52 -14.16
C ALA A 115 -0.78 -0.65 -13.30
N GLU A 116 -1.61 -1.28 -12.47
CA GLU A 116 -2.50 -0.51 -11.62
C GLU A 116 -1.79 0.23 -10.49
N LEU A 117 -0.79 -0.40 -9.86
CA LEU A 117 -0.08 0.25 -8.77
C LEU A 117 0.86 1.33 -9.34
N VAL A 118 1.49 1.05 -10.48
CA VAL A 118 2.37 2.04 -11.12
C VAL A 118 1.57 3.22 -11.69
N GLY A 119 0.41 2.92 -12.25
CA GLY A 119 -0.47 3.94 -12.81
C GLY A 119 -0.07 4.28 -14.22
N ALA A 120 0.74 3.42 -14.83
CA ALA A 120 1.19 3.61 -16.20
C ALA A 120 1.02 2.30 -16.93
N VAL A 121 0.83 2.37 -18.23
CA VAL A 121 0.67 1.21 -19.10
C VAL A 121 1.54 1.42 -20.34
N ASN A 122 2.36 0.42 -20.68
CA ASN A 122 3.23 0.55 -21.86
C ASN A 122 3.02 -0.60 -22.84
N THR A 123 2.17 -1.55 -22.43
CA THR A 123 1.82 -2.72 -23.22
C THR A 123 0.36 -3.07 -23.01
N VAL A 124 -0.32 -3.34 -24.12
CA VAL A 124 -1.72 -3.71 -24.07
C VAL A 124 -1.86 -5.01 -24.84
N VAL A 125 -2.75 -5.85 -24.34
CA VAL A 125 -3.04 -7.10 -24.99
C VAL A 125 -4.57 -7.22 -25.02
N ASN A 126 -5.07 -7.75 -26.13
CA ASN A 126 -6.47 -7.92 -26.39
C ASN A 126 -6.82 -9.38 -26.40
N ASP A 127 -7.53 -9.81 -25.36
CA ASP A 127 -8.03 -11.16 -25.21
C ASP A 127 -9.54 -11.18 -25.37
N ASP A 128 -10.00 -11.73 -26.48
CA ASP A 128 -11.43 -11.87 -26.79
C ASP A 128 -12.22 -10.56 -26.56
N GLY A 129 -11.67 -9.46 -27.05
CA GLY A 129 -12.29 -8.15 -26.92
C GLY A 129 -12.00 -7.43 -25.61
N VAL A 130 -11.34 -8.10 -24.67
CA VAL A 130 -11.03 -7.50 -23.37
C VAL A 130 -9.57 -7.04 -23.39
N LEU A 131 -9.37 -5.75 -23.23
CA LEU A 131 -8.03 -5.16 -23.26
C LEU A 131 -7.41 -5.06 -21.89
N THR A 132 -6.23 -5.65 -21.73
CA THR A 132 -5.55 -5.59 -20.45
C THR A 132 -4.28 -4.81 -20.62
N GLY A 133 -4.05 -3.88 -19.69
CA GLY A 133 -2.84 -3.05 -19.70
C GLY A 133 -1.78 -3.61 -18.78
N HIS A 134 -0.55 -3.65 -19.30
CA HIS A 134 0.61 -4.16 -18.62
C HIS A 134 1.72 -3.15 -18.67
N ILE A 135 2.66 -3.25 -17.73
CA ILE A 135 3.82 -2.38 -17.72
C ILE A 135 5.05 -3.30 -17.62
N THR A 136 5.82 -3.33 -18.71
CA THR A 136 6.97 -4.21 -18.86
C THR A 136 8.37 -3.64 -18.66
N ASP A 137 8.52 -2.35 -18.44
CA ASP A 137 9.88 -1.80 -18.27
C ASP A 137 10.54 -2.24 -16.96
N GLY A 138 9.76 -2.25 -15.88
CA GLY A 138 10.27 -2.68 -14.57
C GLY A 138 10.60 -4.14 -14.63
N THR A 139 9.71 -4.90 -15.25
CA THR A 139 9.89 -6.33 -15.44
C THR A 139 11.15 -6.57 -16.27
N GLY A 140 11.33 -5.77 -17.29
CA GLY A 140 12.47 -5.88 -18.17
C GLY A 140 13.79 -5.60 -17.44
N TYR A 141 13.77 -4.61 -16.56
CA TYR A 141 14.96 -4.26 -15.80
C TYR A 141 15.38 -5.38 -14.86
N MET A 142 14.42 -5.88 -14.07
CA MET A 142 14.69 -6.95 -13.09
C MET A 142 15.16 -8.23 -13.76
N ARG A 143 14.55 -8.56 -14.89
CA ARG A 143 14.92 -9.76 -15.63
C ARG A 143 16.37 -9.67 -16.10
N ALA A 144 16.74 -8.51 -16.66
CA ALA A 144 18.11 -8.28 -17.14
C ALA A 144 19.12 -8.50 -16.03
N LEU A 145 18.78 -8.08 -14.82
CA LEU A 145 19.69 -8.27 -13.69
C LEU A 145 19.86 -9.77 -13.39
N LYS A 146 18.75 -10.50 -13.36
CA LYS A 146 18.76 -11.95 -13.10
C LYS A 146 19.51 -12.73 -14.15
N GLU A 147 19.38 -12.31 -15.40
CA GLU A 147 20.09 -12.98 -16.48
C GLU A 147 21.58 -12.75 -16.34
N ALA A 148 21.94 -11.57 -15.83
CA ALA A 148 23.33 -11.19 -15.64
C ALA A 148 23.89 -11.68 -14.31
N GLY A 149 23.21 -12.65 -13.69
CA GLY A 149 23.66 -13.25 -12.45
C GLY A 149 23.57 -12.43 -11.18
N HIS A 150 22.76 -11.37 -11.19
CA HIS A 150 22.63 -10.49 -10.00
C HIS A 150 21.28 -10.68 -9.31
N ASP A 151 21.33 -11.19 -8.08
CA ASP A 151 20.13 -11.42 -7.27
C ASP A 151 19.98 -10.30 -6.26
N ILE A 152 19.03 -9.39 -6.50
CA ILE A 152 18.81 -8.26 -5.57
C ILE A 152 17.54 -8.47 -4.74
N ILE A 153 16.87 -9.60 -4.95
CA ILE A 153 15.64 -9.92 -4.21
C ILE A 153 15.99 -10.15 -2.75
N GLY A 154 15.26 -9.49 -1.86
CA GLY A 154 15.52 -9.59 -0.43
C GLY A 154 16.63 -8.65 0.05
N LYS A 155 17.27 -7.93 -0.89
CA LYS A 155 18.37 -6.99 -0.58
C LYS A 155 17.96 -5.50 -0.72
N LYS A 156 18.96 -4.61 -0.62
CA LYS A 156 18.75 -3.17 -0.70
C LYS A 156 19.31 -2.57 -1.98
N MET A 157 18.54 -1.62 -2.54
CA MET A 157 18.88 -0.91 -3.75
C MET A 157 18.80 0.57 -3.52
N THR A 158 19.75 1.30 -4.10
CA THR A 158 19.71 2.74 -4.07
C THR A 158 19.56 3.06 -5.56
N ILE A 159 18.62 3.94 -5.88
CA ILE A 159 18.37 4.26 -7.28
C ILE A 159 18.18 5.74 -7.48
N CYS A 160 18.67 6.23 -8.62
CA CYS A 160 18.57 7.63 -8.98
C CYS A 160 17.47 7.73 -10.02
N GLY A 161 16.52 8.63 -9.79
CA GLY A 161 15.42 8.84 -10.73
C GLY A 161 14.01 8.76 -10.15
N ALA A 162 13.11 9.47 -10.81
CA ALA A 162 11.70 9.53 -10.42
C ALA A 162 10.79 9.66 -11.66
N GLY A 163 11.35 9.43 -12.85
CA GLY A 163 10.60 9.47 -14.08
C GLY A 163 9.94 8.12 -14.32
N GLY A 164 9.32 7.98 -15.49
CA GLY A 164 8.61 6.75 -15.86
C GLY A 164 9.38 5.46 -15.59
N ALA A 165 10.62 5.41 -16.03
CA ALA A 165 11.47 4.23 -15.88
C ALA A 165 11.82 3.90 -14.43
N ALA A 166 12.12 4.92 -13.64
CA ALA A 166 12.49 4.74 -12.23
C ALA A 166 11.31 4.29 -11.42
N THR A 167 10.17 4.92 -11.67
CA THR A 167 8.93 4.59 -11.01
C THR A 167 8.57 3.13 -11.32
N ALA A 168 8.74 2.71 -12.57
CA ALA A 168 8.39 1.33 -12.95
C ALA A 168 9.31 0.34 -12.26
N ILE A 169 10.59 0.65 -12.29
CA ILE A 169 11.60 -0.20 -11.68
C ILE A 169 11.37 -0.30 -10.18
N CYS A 170 11.24 0.84 -9.49
CA CYS A 170 11.04 0.81 -8.04
C CYS A 170 9.82 -0.02 -7.65
N ILE A 171 8.71 0.25 -8.30
CA ILE A 171 7.50 -0.46 -7.99
C ILE A 171 7.61 -1.93 -8.34
N GLN A 172 8.15 -2.27 -9.49
CA GLN A 172 8.25 -3.69 -9.84
C GLN A 172 9.22 -4.34 -8.89
N ALA A 173 10.32 -3.66 -8.59
CA ALA A 173 11.34 -4.17 -7.68
C ALA A 173 10.72 -4.57 -6.34
N ALA A 174 9.89 -3.67 -5.83
CA ALA A 174 9.19 -3.89 -4.57
C ALA A 174 8.30 -5.10 -4.70
N LEU A 175 7.57 -5.19 -5.81
CA LEU A 175 6.68 -6.32 -6.02
C LEU A 175 7.43 -7.61 -6.12
N ASP A 176 8.63 -7.57 -6.69
CA ASP A 176 9.43 -8.77 -6.85
C ASP A 176 10.09 -9.22 -5.54
N GLY A 177 10.06 -8.38 -4.52
CA GLY A 177 10.63 -8.78 -3.26
C GLY A 177 11.89 -8.08 -2.82
N VAL A 178 12.23 -6.95 -3.45
CA VAL A 178 13.39 -6.20 -2.96
C VAL A 178 12.95 -5.83 -1.54
N LYS A 179 13.88 -5.82 -0.59
CA LYS A 179 13.52 -5.53 0.81
C LYS A 179 13.43 -4.04 1.08
N GLU A 180 14.40 -3.30 0.55
CA GLU A 180 14.47 -1.89 0.82
C GLU A 180 15.02 -1.12 -0.38
N ILE A 181 14.46 0.05 -0.62
CA ILE A 181 14.87 0.90 -1.72
C ILE A 181 15.02 2.34 -1.27
N SER A 182 16.21 2.90 -1.45
CA SER A 182 16.44 4.30 -1.15
C SER A 182 16.42 5.00 -2.51
N ILE A 183 15.57 6.02 -2.63
CA ILE A 183 15.46 6.76 -3.88
C ILE A 183 16.03 8.16 -3.73
N PHE A 184 16.81 8.56 -4.74
CA PHE A 184 17.42 9.89 -4.80
C PHE A 184 17.00 10.58 -6.07
N ASN A 185 16.69 11.86 -5.96
CA ASN A 185 16.28 12.64 -7.10
C ASN A 185 16.47 14.11 -6.80
N ARG A 186 16.73 14.90 -7.84
CA ARG A 186 16.89 16.34 -7.64
C ARG A 186 15.53 16.97 -7.40
N LYS A 187 15.53 18.23 -6.98
CA LYS A 187 14.28 18.95 -6.70
C LYS A 187 13.70 19.58 -7.96
N ASP A 188 13.17 18.72 -8.83
CA ASP A 188 12.55 19.14 -10.08
C ASP A 188 11.09 18.71 -10.08
N ASP A 189 10.47 18.69 -11.26
CA ASP A 189 9.07 18.28 -11.38
C ASP A 189 8.78 16.87 -10.88
N PHE A 190 9.78 16.00 -10.94
CA PHE A 190 9.60 14.60 -10.56
C PHE A 190 9.67 14.26 -9.06
N TYR A 191 10.18 15.17 -8.22
CA TYR A 191 10.30 14.87 -6.78
C TYR A 191 8.95 14.47 -6.18
N ALA A 192 7.89 15.15 -6.59
CA ALA A 192 6.55 14.85 -6.08
C ALA A 192 6.18 13.42 -6.49
N ASN A 193 6.62 13.01 -7.67
CA ASN A 193 6.29 11.68 -8.10
C ASN A 193 6.99 10.66 -7.23
N ALA A 194 8.25 10.93 -6.88
CA ALA A 194 9.03 10.05 -6.02
C ALA A 194 8.32 9.83 -4.70
N GLU A 195 7.87 10.92 -4.09
CA GLU A 195 7.17 10.85 -2.81
C GLU A 195 5.96 9.95 -2.92
N LYS A 196 5.27 10.03 -4.05
CA LYS A 196 4.09 9.23 -4.28
C LYS A 196 4.52 7.76 -4.42
N THR A 197 5.63 7.53 -5.12
CA THR A 197 6.14 6.17 -5.30
C THR A 197 6.52 5.60 -3.95
N VAL A 198 7.15 6.40 -3.10
CA VAL A 198 7.51 5.91 -1.80
C VAL A 198 6.27 5.43 -1.06
N GLU A 199 5.22 6.25 -1.10
CA GLU A 199 3.96 5.95 -0.42
C GLU A 199 3.29 4.71 -0.95
N LYS A 200 3.33 4.52 -2.27
CA LYS A 200 2.77 3.33 -2.88
C LYS A 200 3.50 2.09 -2.37
N ILE A 201 4.83 2.16 -2.40
CA ILE A 201 5.67 1.03 -1.99
C ILE A 201 5.43 0.64 -0.53
N ASN A 202 5.49 1.62 0.36
CA ASN A 202 5.30 1.36 1.78
C ASN A 202 3.90 0.89 2.15
N SER A 203 2.88 1.41 1.47
CA SER A 203 1.51 1.06 1.83
C SER A 203 0.95 -0.20 1.17
N LYS A 204 1.52 -0.64 0.04
CA LYS A 204 0.98 -1.84 -0.67
C LYS A 204 1.96 -2.98 -1.04
N THR A 205 3.19 -2.90 -0.55
CA THR A 205 4.18 -3.96 -0.75
C THR A 205 4.82 -4.16 0.60
N ASP A 206 5.67 -5.18 0.70
CA ASP A 206 6.41 -5.45 1.94
C ASP A 206 7.84 -4.84 1.86
N CYS A 207 8.01 -3.87 0.98
CA CYS A 207 9.28 -3.20 0.76
C CYS A 207 9.28 -1.87 1.49
N LYS A 208 10.46 -1.47 1.98
CA LYS A 208 10.62 -0.18 2.67
C LYS A 208 11.30 0.80 1.73
N ALA A 209 10.64 1.92 1.47
CA ALA A 209 11.17 2.92 0.58
C ALA A 209 11.33 4.26 1.26
N GLN A 210 12.40 4.97 0.92
CA GLN A 210 12.64 6.33 1.39
C GLN A 210 13.19 7.19 0.22
N LEU A 211 12.88 8.48 0.24
CA LEU A 211 13.29 9.41 -0.80
C LEU A 211 14.22 10.47 -0.23
N PHE A 212 15.31 10.73 -0.94
CA PHE A 212 16.27 11.72 -0.54
C PHE A 212 16.65 12.60 -1.71
N ASP A 213 17.20 13.76 -1.39
CA ASP A 213 17.67 14.71 -2.36
C ASP A 213 18.99 14.15 -2.90
N ILE A 214 19.17 14.19 -4.22
CA ILE A 214 20.39 13.71 -4.86
C ILE A 214 21.60 14.56 -4.45
N GLU A 215 21.35 15.80 -4.02
CA GLU A 215 22.42 16.70 -3.57
C GLU A 215 22.82 16.46 -2.11
N ASP A 216 22.19 15.48 -1.46
CA ASP A 216 22.55 15.12 -0.09
C ASP A 216 23.58 14.00 -0.23
N HIS A 217 24.79 14.38 -0.61
CA HIS A 217 25.87 13.43 -0.87
C HIS A 217 26.23 12.52 0.29
N GLU A 218 26.08 12.98 1.52
CA GLU A 218 26.41 12.13 2.67
C GLU A 218 25.37 11.03 2.90
N GLN A 219 24.13 11.28 2.54
CA GLN A 219 23.10 10.26 2.69
C GLN A 219 23.35 9.26 1.57
N LEU A 220 23.69 9.79 0.40
CA LEU A 220 23.98 8.99 -0.78
C LEU A 220 25.13 8.03 -0.49
N ARG A 221 26.18 8.54 0.16
N ARG A 221 26.17 8.54 0.19
CA ARG A 221 27.33 7.71 0.52
CA ARG A 221 27.33 7.72 0.55
C ARG A 221 26.90 6.56 1.44
C ARG A 221 26.87 6.56 1.41
N LYS A 222 26.07 6.89 2.43
CA LYS A 222 25.56 5.91 3.38
C LYS A 222 24.63 4.90 2.71
N GLU A 223 23.68 5.38 1.92
CA GLU A 223 22.76 4.45 1.26
C GLU A 223 23.50 3.52 0.32
N ILE A 224 24.45 4.05 -0.44
CA ILE A 224 25.19 3.19 -1.35
C ILE A 224 26.00 2.16 -0.56
N ALA A 225 26.60 2.59 0.55
CA ALA A 225 27.40 1.69 1.40
C ALA A 225 26.55 0.57 1.99
N GLU A 226 25.25 0.82 2.15
CA GLU A 226 24.34 -0.19 2.70
C GLU A 226 23.58 -0.97 1.62
N SER A 227 23.88 -0.69 0.35
CA SER A 227 23.17 -1.34 -0.76
C SER A 227 23.99 -2.40 -1.48
N VAL A 228 23.30 -3.35 -2.10
CA VAL A 228 23.96 -4.39 -2.89
C VAL A 228 24.03 -3.89 -4.34
N ILE A 229 23.20 -2.91 -4.68
CA ILE A 229 23.15 -2.36 -6.03
C ILE A 229 22.86 -0.87 -6.07
N PHE A 230 23.55 -0.20 -6.99
CA PHE A 230 23.37 1.23 -7.23
C PHE A 230 22.96 1.37 -8.68
N THR A 231 21.82 2.02 -8.91
CA THR A 231 21.31 2.16 -10.26
C THR A 231 20.97 3.56 -10.70
N ASN A 232 21.37 3.89 -11.91
CA ASN A 232 20.99 5.16 -12.49
C ASN A 232 19.72 4.93 -13.29
N ALA A 233 18.68 5.68 -13.00
CA ALA A 233 17.44 5.55 -13.75
C ALA A 233 17.01 6.95 -14.22
N THR A 234 18.01 7.81 -14.49
CA THR A 234 17.79 9.15 -15.01
C THR A 234 18.47 9.20 -16.37
N GLY A 235 18.30 10.32 -17.07
CA GLY A 235 18.91 10.53 -18.39
C GLY A 235 20.35 10.99 -18.34
N VAL A 236 20.94 11.11 -17.13
CA VAL A 236 22.32 11.54 -17.00
C VAL A 236 23.19 10.40 -17.48
N GLY A 237 24.13 10.70 -18.36
CA GLY A 237 25.02 9.71 -18.95
C GLY A 237 24.65 9.60 -20.43
N MET A 238 23.41 9.96 -20.73
CA MET A 238 22.87 9.94 -22.09
C MET A 238 22.80 11.40 -22.58
N LYS A 239 23.05 11.63 -23.88
CA LYS A 239 23.01 13.00 -24.39
C LYS A 239 21.64 13.63 -24.09
N PRO A 240 21.63 14.93 -23.75
CA PRO A 240 22.77 15.84 -23.70
C PRO A 240 23.69 15.75 -22.48
N PHE A 241 23.63 14.67 -21.71
CA PHE A 241 24.48 14.53 -20.52
C PHE A 241 25.56 13.42 -20.60
N GLU A 242 26.05 13.12 -21.80
CA GLU A 242 27.12 12.10 -21.92
C GLU A 242 28.37 12.55 -21.19
N GLY A 243 29.14 11.56 -20.72
CA GLY A 243 30.38 11.81 -20.00
C GLY A 243 30.17 12.33 -18.58
N GLU A 244 28.90 12.54 -18.21
CA GLU A 244 28.54 13.07 -16.90
C GLU A 244 27.80 12.04 -16.08
N THR A 245 27.97 12.16 -14.77
CA THR A 245 27.36 11.23 -13.83
C THR A 245 26.95 11.93 -12.53
N LEU A 246 25.83 11.48 -11.97
CA LEU A 246 25.33 12.01 -10.68
C LEU A 246 26.13 11.49 -9.50
N LEU A 247 27.01 10.52 -9.72
CA LEU A 247 27.85 9.98 -8.64
C LEU A 247 28.98 11.00 -8.38
N PRO A 248 28.97 11.65 -7.19
CA PRO A 248 29.99 12.68 -6.88
C PRO A 248 31.45 12.21 -6.82
N SER A 249 31.69 10.96 -6.43
CA SER A 249 33.05 10.46 -6.35
C SER A 249 33.14 8.95 -6.25
N ALA A 250 34.18 8.41 -6.87
CA ALA A 250 34.45 6.98 -6.88
C ALA A 250 34.48 6.41 -5.46
N ASP A 251 34.89 7.24 -4.49
CA ASP A 251 34.96 6.89 -3.07
C ASP A 251 33.73 6.13 -2.57
N MET A 252 32.57 6.50 -3.08
CA MET A 252 31.29 5.93 -2.66
C MET A 252 31.01 4.49 -3.08
N LEU A 253 31.76 3.99 -4.07
CA LEU A 253 31.58 2.62 -4.56
C LEU A 253 32.64 1.67 -3.98
N ARG A 254 32.44 0.36 -4.17
CA ARG A 254 33.42 -0.66 -3.76
C ARG A 254 33.26 -1.89 -4.66
N PRO A 255 34.32 -2.70 -4.81
CA PRO A 255 34.35 -3.89 -5.66
C PRO A 255 33.10 -4.79 -5.70
N GLU A 256 32.52 -5.10 -4.54
N GLU A 256 32.54 -5.11 -4.54
CA GLU A 256 31.35 -5.98 -4.48
CA GLU A 256 31.36 -5.98 -4.48
C GLU A 256 30.06 -5.34 -5.01
C GLU A 256 30.05 -5.34 -4.99
N LEU A 257 29.91 -4.03 -4.81
CA LEU A 257 28.72 -3.32 -5.25
C LEU A 257 28.42 -3.55 -6.72
N ILE A 258 27.15 -3.82 -7.02
CA ILE A 258 26.70 -3.98 -8.40
C ILE A 258 26.30 -2.58 -8.86
N VAL A 259 26.76 -2.17 -10.04
CA VAL A 259 26.40 -0.83 -10.56
C VAL A 259 25.70 -1.02 -11.90
N SER A 260 24.47 -0.50 -12.01
CA SER A 260 23.72 -0.66 -13.26
C SER A 260 23.17 0.67 -13.77
N ASP A 261 23.01 0.76 -15.08
CA ASP A 261 22.50 1.98 -15.66
C ASP A 261 21.49 1.58 -16.69
N VAL A 262 20.41 2.35 -16.73
CA VAL A 262 19.36 2.10 -17.69
C VAL A 262 19.79 2.52 -19.08
N VAL A 263 20.76 3.43 -19.13
CA VAL A 263 21.24 3.92 -20.40
C VAL A 263 22.11 2.86 -21.09
N TYR A 264 21.96 2.75 -22.42
CA TYR A 264 22.76 1.84 -23.24
C TYR A 264 23.26 2.55 -24.50
N LYS A 265 22.97 3.85 -24.58
CA LYS A 265 23.40 4.68 -25.69
C LYS A 265 23.89 5.98 -25.03
N PRO A 266 25.18 6.05 -24.67
CA PRO A 266 26.25 5.06 -24.88
C PRO A 266 26.14 3.77 -24.05
N THR A 267 26.79 2.73 -24.54
CA THR A 267 26.80 1.41 -23.90
C THR A 267 27.58 1.40 -22.58
N LYS A 268 28.40 2.41 -22.37
CA LYS A 268 29.20 2.52 -21.17
C LYS A 268 29.25 3.99 -20.71
N THR A 269 28.25 4.36 -19.89
CA THR A 269 28.16 5.72 -19.35
C THR A 269 29.33 6.02 -18.41
N ARG A 270 29.59 7.29 -18.12
CA ARG A 270 30.65 7.68 -17.17
C ARG A 270 30.50 6.86 -15.87
N LEU A 271 29.26 6.74 -15.38
CA LEU A 271 29.01 5.95 -14.16
C LEU A 271 29.62 4.55 -14.30
N LEU A 272 29.27 3.85 -15.36
CA LEU A 272 29.81 2.50 -15.58
C LEU A 272 31.31 2.53 -15.81
N GLU A 273 31.81 3.64 -16.35
CA GLU A 273 33.24 3.81 -16.58
C GLU A 273 33.95 3.79 -15.23
N ILE A 274 33.46 4.63 -14.32
CA ILE A 274 34.03 4.76 -12.99
C ILE A 274 33.86 3.47 -12.19
N ALA A 275 32.67 2.89 -12.26
CA ALA A 275 32.36 1.66 -11.54
C ALA A 275 33.32 0.52 -11.95
N GLU A 276 33.58 0.40 -13.24
CA GLU A 276 34.48 -0.62 -13.74
C GLU A 276 35.83 -0.41 -13.10
N GLU A 277 36.35 0.81 -13.20
CA GLU A 277 37.64 1.18 -12.64
C GLU A 277 37.74 0.83 -11.15
N GLN A 278 36.62 0.93 -10.44
CA GLN A 278 36.62 0.60 -9.01
C GLN A 278 36.43 -0.90 -8.74
N GLY A 279 36.51 -1.71 -9.79
CA GLY A 279 36.40 -3.18 -9.68
C GLY A 279 34.97 -3.74 -9.66
N CYS A 280 33.98 -2.87 -9.75
CA CYS A 280 32.57 -3.29 -9.72
C CYS A 280 32.14 -3.99 -10.98
N GLN A 281 31.12 -4.83 -10.84
CA GLN A 281 30.51 -5.50 -11.97
C GLN A 281 29.46 -4.51 -12.42
N THR A 282 29.35 -4.33 -13.73
CA THR A 282 28.41 -3.38 -14.27
C THR A 282 27.46 -4.01 -15.27
N LEU A 283 26.36 -3.31 -15.52
CA LEU A 283 25.37 -3.73 -16.47
C LEU A 283 24.69 -2.47 -16.98
N ASN A 284 24.69 -2.30 -18.29
CA ASN A 284 24.05 -1.13 -18.88
C ASN A 284 22.56 -1.45 -19.12
N GLY A 285 21.86 -0.59 -19.85
CA GLY A 285 20.43 -0.80 -20.11
C GLY A 285 20.03 -1.69 -21.28
N LEU A 286 21.02 -2.29 -21.94
N LEU A 286 21.01 -2.28 -21.96
CA LEU A 286 20.76 -3.13 -23.10
CA LEU A 286 20.73 -3.15 -23.10
C LEU A 286 19.86 -4.34 -22.78
C LEU A 286 19.78 -4.29 -22.74
N GLY A 287 20.04 -4.93 -21.61
CA GLY A 287 19.21 -6.03 -21.16
C GLY A 287 17.80 -5.53 -20.85
N MET A 288 17.68 -4.43 -20.11
CA MET A 288 16.34 -3.89 -19.80
C MET A 288 15.53 -3.71 -21.06
N MET A 289 16.18 -3.18 -22.11
CA MET A 289 15.51 -2.91 -23.39
C MET A 289 15.07 -4.22 -24.06
N LEU A 290 15.96 -5.19 -24.11
CA LEU A 290 15.65 -6.48 -24.73
C LEU A 290 14.58 -7.26 -23.99
N TRP A 291 14.70 -7.35 -22.68
CA TRP A 291 13.73 -8.10 -21.87
C TRP A 291 12.40 -7.41 -21.67
N GLN A 292 12.35 -6.11 -21.91
CA GLN A 292 11.10 -5.36 -21.83
C GLN A 292 10.31 -5.74 -23.09
N GLY A 293 11.05 -5.91 -24.18
CA GLY A 293 10.48 -6.30 -25.46
C GLY A 293 10.04 -7.73 -25.36
N ALA A 294 10.90 -8.55 -24.77
CA ALA A 294 10.62 -9.96 -24.58
C ALA A 294 9.34 -10.16 -23.82
N LYS A 295 9.11 -9.36 -22.77
CA LYS A 295 7.93 -9.54 -21.97
C LYS A 295 6.73 -9.27 -22.84
N ALA A 296 6.76 -8.15 -23.55
CA ALA A 296 5.69 -7.75 -24.44
C ALA A 296 5.45 -8.84 -25.45
N PHE A 297 6.52 -9.31 -26.04
CA PHE A 297 6.45 -10.34 -27.06
C PHE A 297 5.74 -11.55 -26.46
N GLU A 298 6.05 -11.87 -25.20
CA GLU A 298 5.46 -13.03 -24.54
C GLU A 298 3.99 -12.83 -24.17
N ILE A 299 3.62 -11.64 -23.74
CA ILE A 299 2.20 -11.38 -23.41
C ILE A 299 1.34 -11.51 -24.66
N TRP A 300 1.89 -11.12 -25.81
CA TRP A 300 1.12 -11.16 -27.04
C TRP A 300 1.02 -12.51 -27.70
N THR A 301 2.15 -13.22 -27.78
CA THR A 301 2.24 -14.50 -28.49
C THR A 301 2.31 -15.73 -27.63
N HIS A 302 2.62 -15.54 -26.36
CA HIS A 302 2.84 -16.63 -25.41
C HIS A 302 4.09 -17.45 -25.79
N LYS A 303 5.01 -16.79 -26.49
CA LYS A 303 6.28 -17.40 -26.89
C LYS A 303 7.46 -16.57 -26.38
N GLU A 304 8.61 -17.21 -26.38
CA GLU A 304 9.82 -16.59 -25.94
C GLU A 304 10.58 -15.87 -27.04
N MET A 305 10.70 -14.55 -26.91
CA MET A 305 11.49 -13.83 -27.89
C MET A 305 12.91 -14.32 -27.73
N PRO A 306 13.58 -14.63 -28.84
CA PRO A 306 14.96 -15.05 -28.72
C PRO A 306 15.87 -13.83 -28.49
N VAL A 307 15.98 -13.40 -27.23
CA VAL A 307 16.80 -12.24 -26.84
C VAL A 307 18.19 -12.29 -27.46
N ASP A 308 18.89 -13.40 -27.24
N ASP A 308 18.83 -13.43 -27.22
CA ASP A 308 20.25 -13.56 -27.77
CA ASP A 308 20.14 -13.77 -27.74
C ASP A 308 20.36 -13.24 -29.26
C ASP A 308 20.36 -13.33 -29.20
N TYR A 309 19.50 -13.83 -30.07
CA TYR A 309 19.52 -13.55 -31.51
C TYR A 309 19.22 -12.10 -31.84
N ILE A 310 18.30 -11.51 -31.09
CA ILE A 310 17.92 -10.12 -31.35
C ILE A 310 19.01 -9.15 -30.92
N LYS A 311 19.76 -9.49 -29.88
CA LYS A 311 20.83 -8.63 -29.43
C LYS A 311 21.90 -8.54 -30.51
N GLU A 312 22.13 -9.63 -31.23
CA GLU A 312 23.15 -9.64 -32.28
C GLU A 312 22.81 -8.66 -33.36
N ILE A 313 21.55 -8.71 -33.78
CA ILE A 313 21.09 -7.86 -34.86
C ILE A 313 21.02 -6.39 -34.49
N LEU A 314 20.38 -6.08 -33.36
CA LEU A 314 20.22 -4.70 -32.91
C LEU A 314 21.51 -3.96 -32.60
N PHE A 315 22.28 -4.50 -31.67
CA PHE A 315 23.48 -3.84 -31.19
C PHE A 315 24.74 -4.58 -31.57
N THR B 26 26.75 -15.02 -39.29
CA THR B 26 26.52 -13.55 -39.29
C THR B 26 25.03 -13.29 -39.35
N ASN B 27 24.57 -12.26 -38.64
CA ASN B 27 23.16 -11.89 -38.63
C ASN B 27 23.02 -10.36 -38.58
N LYS B 28 22.23 -9.81 -39.48
CA LYS B 28 22.01 -8.36 -39.52
C LYS B 28 20.55 -8.06 -39.75
N ILE B 29 20.21 -6.78 -39.76
CA ILE B 29 18.83 -6.37 -39.97
C ILE B 29 18.37 -6.73 -41.39
N THR B 30 17.25 -7.44 -41.46
CA THR B 30 16.65 -7.87 -42.72
C THR B 30 15.23 -7.31 -42.94
N GLU B 31 14.60 -6.88 -41.86
CA GLU B 31 13.23 -6.35 -41.93
C GLU B 31 13.27 -4.90 -42.35
N ARG B 32 12.59 -4.60 -43.44
CA ARG B 32 12.53 -3.24 -43.95
C ARG B 32 11.50 -2.40 -43.16
N ILE B 33 10.81 -3.04 -42.23
CA ILE B 33 9.78 -2.36 -41.44
C ILE B 33 10.44 -1.85 -40.17
N THR B 34 10.48 -0.53 -40.05
CA THR B 34 11.07 0.15 -38.91
C THR B 34 10.01 1.08 -38.37
N GLY B 35 10.40 1.96 -37.44
CA GLY B 35 9.48 2.93 -36.89
C GLY B 35 9.12 3.99 -37.91
N HIS B 36 9.84 4.05 -39.03
CA HIS B 36 9.51 5.04 -40.07
C HIS B 36 8.42 4.52 -41.02
N THR B 37 8.32 3.20 -41.17
CA THR B 37 7.37 2.56 -42.07
C THR B 37 5.91 2.98 -41.78
N GLU B 38 5.16 3.36 -42.84
CA GLU B 38 3.75 3.78 -42.67
C GLU B 38 2.79 2.75 -43.25
N LEU B 39 1.56 2.79 -42.77
CA LEU B 39 0.52 1.83 -43.14
C LEU B 39 -0.55 2.28 -44.14
N ILE B 40 -0.86 1.37 -45.06
CA ILE B 40 -1.95 1.50 -46.02
C ILE B 40 -2.84 0.33 -45.61
N GLY B 41 -4.14 0.56 -45.50
CA GLY B 41 -5.02 -0.48 -45.07
C GLY B 41 -5.87 -1.10 -46.14
N LEU B 42 -6.61 -2.12 -45.71
CA LEU B 42 -7.60 -2.82 -46.51
C LEU B 42 -8.60 -3.19 -45.44
N ILE B 43 -9.80 -2.63 -45.52
CA ILE B 43 -10.82 -2.91 -44.52
C ILE B 43 -12.07 -3.49 -45.18
N ALA B 44 -12.38 -4.72 -44.75
CA ALA B 44 -13.50 -5.48 -45.27
C ALA B 44 -13.63 -6.82 -44.51
N THR B 45 -14.64 -7.62 -44.85
CA THR B 45 -14.86 -8.94 -44.22
C THR B 45 -15.83 -9.74 -45.07
N PRO B 46 -15.45 -10.97 -45.44
CA PRO B 46 -14.18 -11.59 -45.12
C PRO B 46 -13.13 -10.90 -45.98
N ILE B 47 -11.86 -11.08 -45.66
CA ILE B 47 -10.82 -10.39 -46.44
C ILE B 47 -9.42 -10.94 -46.34
N ARG B 48 -9.13 -11.79 -45.37
CA ARG B 48 -7.74 -12.25 -45.20
C ARG B 48 -7.10 -13.06 -46.32
N HIS B 49 -7.91 -13.59 -47.24
CA HIS B 49 -7.35 -14.34 -48.39
C HIS B 49 -6.98 -13.42 -49.56
N SER B 50 -7.20 -12.12 -49.39
CA SER B 50 -6.91 -11.14 -50.43
C SER B 50 -5.47 -11.12 -50.93
N LEU B 51 -5.34 -10.84 -52.22
CA LEU B 51 -4.05 -10.75 -52.89
C LEU B 51 -3.53 -9.32 -52.88
N SER B 52 -4.39 -8.35 -52.54
CA SER B 52 -3.99 -6.94 -52.58
C SER B 52 -2.78 -6.58 -51.71
N PRO B 53 -2.64 -7.19 -50.52
CA PRO B 53 -1.46 -6.85 -49.72
C PRO B 53 -0.15 -7.24 -50.40
N THR B 54 -0.13 -8.41 -51.02
CA THR B 54 1.05 -8.89 -51.71
C THR B 54 1.37 -7.97 -52.87
N MET B 55 0.33 -7.55 -53.58
CA MET B 55 0.48 -6.62 -54.71
C MET B 55 1.16 -5.31 -54.27
N HIS B 56 0.57 -4.64 -53.30
CA HIS B 56 1.12 -3.37 -52.84
C HIS B 56 2.46 -3.52 -52.11
N ASN B 57 2.59 -4.53 -51.25
CA ASN B 57 3.88 -4.72 -50.55
C ASN B 57 5.01 -4.97 -51.51
N GLU B 58 4.77 -5.80 -52.51
CA GLU B 58 5.77 -6.06 -53.54
C GLU B 58 6.06 -4.79 -54.34
N ALA B 59 5.01 -3.99 -54.57
CA ALA B 59 5.15 -2.75 -55.32
C ALA B 59 6.00 -1.77 -54.51
N PHE B 60 5.76 -1.68 -53.21
CA PHE B 60 6.54 -0.77 -52.36
C PHE B 60 7.99 -1.17 -52.25
N ALA B 61 8.19 -2.48 -52.09
CA ALA B 61 9.51 -3.05 -51.96
C ALA B 61 10.34 -2.74 -53.20
N LYS B 62 9.74 -2.95 -54.36
CA LYS B 62 10.41 -2.74 -55.63
C LYS B 62 10.80 -1.29 -55.76
N LEU B 63 9.85 -0.37 -55.51
CA LEU B 63 10.12 1.07 -55.64
C LEU B 63 10.90 1.68 -54.49
N GLY B 64 11.12 0.94 -53.43
CA GLY B 64 11.83 1.48 -52.26
C GLY B 64 10.95 2.44 -51.47
N LEU B 65 9.66 2.19 -51.45
CA LEU B 65 8.75 3.07 -50.70
C LEU B 65 8.55 2.49 -49.29
N ASP B 66 8.60 3.32 -48.25
CA ASP B 66 8.50 2.80 -46.87
C ASP B 66 7.07 2.70 -46.38
N TYR B 67 6.35 1.79 -47.01
CA TYR B 67 4.98 1.50 -46.69
C TYR B 67 4.80 -0.02 -46.64
N VAL B 68 3.81 -0.45 -45.88
CA VAL B 68 3.41 -1.84 -45.82
C VAL B 68 1.89 -1.74 -45.93
N TYR B 69 1.26 -2.75 -46.52
CA TYR B 69 -0.18 -2.80 -46.71
C TYR B 69 -0.71 -3.96 -45.87
N LEU B 70 -1.79 -3.73 -45.11
CA LEU B 70 -2.38 -4.78 -44.27
C LEU B 70 -3.89 -4.72 -44.34
N ALA B 71 -4.49 -5.90 -44.24
CA ALA B 71 -5.93 -6.07 -44.27
C ALA B 71 -6.50 -6.22 -42.85
N PHE B 72 -7.72 -5.75 -42.65
CA PHE B 72 -8.36 -5.89 -41.36
C PHE B 72 -9.80 -6.29 -41.56
N GLU B 73 -10.25 -7.19 -40.70
CA GLU B 73 -11.63 -7.66 -40.75
C GLU B 73 -12.52 -6.59 -40.19
N VAL B 74 -13.12 -5.81 -41.08
CA VAL B 74 -13.98 -4.70 -40.66
C VAL B 74 -15.31 -4.75 -41.38
N GLY B 75 -16.40 -4.75 -40.61
CA GLY B 75 -17.75 -4.79 -41.13
C GLY B 75 -18.54 -3.57 -40.69
N ASP B 76 -19.86 -3.63 -40.90
CA ASP B 76 -20.76 -2.53 -40.58
C ASP B 76 -20.48 -1.92 -39.21
N LYS B 77 -20.54 -2.78 -38.20
CA LYS B 77 -20.37 -2.39 -36.81
C LYS B 77 -19.03 -1.72 -36.46
N GLU B 78 -17.97 -2.09 -37.16
CA GLU B 78 -16.62 -1.59 -36.89
C GLU B 78 -16.21 -0.38 -37.72
N LEU B 79 -16.80 -0.26 -38.90
CA LEU B 79 -16.43 0.78 -39.90
C LEU B 79 -16.24 2.20 -39.36
N LYS B 80 -17.24 2.74 -38.67
CA LYS B 80 -17.12 4.12 -38.17
C LYS B 80 -15.90 4.30 -37.25
N ASP B 81 -15.67 3.34 -36.38
CA ASP B 81 -14.54 3.41 -35.45
C ASP B 81 -13.21 3.27 -36.11
N VAL B 82 -13.14 2.38 -37.08
CA VAL B 82 -11.89 2.14 -37.80
C VAL B 82 -11.46 3.39 -38.57
N VAL B 83 -12.39 4.03 -39.27
CA VAL B 83 -12.07 5.24 -40.02
C VAL B 83 -11.67 6.36 -39.07
N GLN B 84 -12.38 6.55 -37.98
CA GLN B 84 -11.99 7.58 -37.02
C GLN B 84 -10.59 7.21 -36.51
N GLY B 85 -10.39 5.91 -36.26
CA GLY B 85 -9.09 5.44 -35.82
C GLY B 85 -8.03 5.77 -36.86
N PHE B 86 -8.36 5.52 -38.11
CA PHE B 86 -7.42 5.79 -39.20
C PHE B 86 -7.06 7.27 -39.31
N ARG B 87 -8.02 8.16 -39.13
CA ARG B 87 -7.74 9.58 -39.16
C ARG B 87 -6.75 9.91 -38.05
N ALA B 88 -7.03 9.37 -36.86
CA ALA B 88 -6.23 9.61 -35.68
C ALA B 88 -4.82 9.08 -35.87
N MET B 89 -4.69 7.99 -36.63
CA MET B 89 -3.39 7.37 -36.91
C MET B 89 -2.71 8.03 -38.09
N ASN B 90 -3.40 9.01 -38.67
CA ASN B 90 -2.89 9.72 -39.84
C ASN B 90 -2.49 8.80 -41.02
N LEU B 91 -3.27 7.74 -41.27
CA LEU B 91 -2.93 6.88 -42.41
C LEU B 91 -3.07 7.66 -43.71
N ARG B 92 -2.20 7.35 -44.66
CA ARG B 92 -2.22 7.99 -45.95
C ARG B 92 -3.46 7.58 -46.73
N GLY B 93 -3.91 6.36 -46.52
CA GLY B 93 -5.08 5.86 -47.21
C GLY B 93 -5.29 4.38 -47.01
N TRP B 94 -6.19 3.82 -47.78
CA TRP B 94 -6.51 2.42 -47.67
C TRP B 94 -7.55 1.98 -48.68
N ASN B 95 -7.74 0.68 -48.77
CA ASN B 95 -8.76 0.12 -49.64
C ASN B 95 -9.95 -0.23 -48.77
N VAL B 96 -11.10 -0.36 -49.41
CA VAL B 96 -12.34 -0.68 -48.78
C VAL B 96 -13.03 -1.71 -49.65
N SER B 97 -13.47 -2.81 -49.06
CA SER B 97 -14.18 -3.82 -49.84
C SER B 97 -15.40 -4.26 -49.08
N MET B 98 -16.18 -5.17 -49.66
N MET B 98 -16.14 -5.22 -49.63
CA MET B 98 -17.42 -5.63 -49.04
CA MET B 98 -17.35 -5.79 -49.00
C MET B 98 -17.23 -5.86 -47.53
C MET B 98 -17.21 -5.91 -47.48
N PRO B 99 -18.21 -5.45 -46.70
CA PRO B 99 -19.51 -4.80 -47.01
C PRO B 99 -19.53 -3.29 -46.74
N ASN B 100 -18.40 -2.62 -46.91
CA ASN B 100 -18.27 -1.23 -46.58
C ASN B 100 -18.33 -0.21 -47.73
N LYS B 101 -18.05 -0.67 -48.94
CA LYS B 101 -18.00 0.24 -50.10
C LYS B 101 -19.12 1.28 -50.26
N THR B 102 -20.36 0.93 -49.96
CA THR B 102 -21.45 1.87 -50.16
C THR B 102 -21.76 2.71 -48.94
N ASN B 103 -21.27 2.32 -47.78
CA ASN B 103 -21.50 3.06 -46.55
C ASN B 103 -20.39 4.02 -46.18
N ILE B 104 -19.14 3.73 -46.57
CA ILE B 104 -18.03 4.55 -46.06
C ILE B 104 -18.09 6.07 -46.32
N HIS B 105 -18.83 6.50 -47.36
CA HIS B 105 -18.93 7.94 -47.66
C HIS B 105 -19.43 8.74 -46.47
N LYS B 106 -20.24 8.14 -45.62
CA LYS B 106 -20.70 8.84 -44.43
C LYS B 106 -19.56 9.32 -43.53
N TYR B 107 -18.40 8.68 -43.58
CA TYR B 107 -17.28 9.05 -42.71
C TYR B 107 -16.09 9.68 -43.44
N LEU B 108 -16.33 10.08 -44.69
CA LEU B 108 -15.32 10.72 -45.51
C LEU B 108 -15.70 12.19 -45.65
N ASP B 109 -14.78 12.98 -46.18
CA ASP B 109 -14.95 14.42 -46.36
C ASP B 109 -15.31 14.79 -47.81
N LYS B 110 -14.76 14.05 -48.76
CA LYS B 110 -14.98 14.30 -50.17
C LYS B 110 -15.00 13.03 -51.02
N LEU B 111 -15.57 13.12 -52.21
CA LEU B 111 -15.67 12.00 -53.14
C LEU B 111 -15.25 12.40 -54.55
N SER B 112 -14.54 11.51 -55.23
CA SER B 112 -14.18 11.74 -56.61
C SER B 112 -15.50 11.74 -57.37
N PRO B 113 -15.53 12.39 -58.56
CA PRO B 113 -16.73 12.40 -59.37
C PRO B 113 -17.33 11.01 -59.56
N ALA B 114 -16.47 10.03 -59.79
CA ALA B 114 -16.92 8.64 -60.03
C ALA B 114 -17.49 7.99 -58.76
N ALA B 115 -16.86 8.23 -57.63
CA ALA B 115 -17.33 7.65 -56.38
C ALA B 115 -18.68 8.21 -56.03
N GLU B 116 -18.86 9.50 -56.31
N GLU B 116 -18.86 9.51 -56.27
CA GLU B 116 -20.10 10.17 -55.99
CA GLU B 116 -20.11 10.19 -56.00
C GLU B 116 -21.19 9.67 -56.93
C GLU B 116 -21.20 9.67 -56.92
N LEU B 117 -20.83 9.44 -58.19
CA LEU B 117 -21.77 8.98 -59.20
C LEU B 117 -22.08 7.49 -59.04
N VAL B 118 -21.07 6.72 -58.67
CA VAL B 118 -21.25 5.31 -58.47
C VAL B 118 -21.98 5.04 -57.15
N GLY B 119 -21.66 5.83 -56.12
CA GLY B 119 -22.25 5.66 -54.81
C GLY B 119 -21.51 4.57 -54.05
N ALA B 120 -20.26 4.34 -54.46
CA ALA B 120 -19.41 3.34 -53.83
C ALA B 120 -17.96 3.84 -53.79
N VAL B 121 -17.26 3.47 -52.72
CA VAL B 121 -15.87 3.82 -52.51
C VAL B 121 -15.05 2.58 -52.19
N ASN B 122 -13.93 2.38 -52.90
CA ASN B 122 -13.05 1.23 -52.65
C ASN B 122 -11.60 1.67 -52.34
N THR B 123 -11.37 2.97 -52.37
CA THR B 123 -10.05 3.54 -52.14
C THR B 123 -10.16 4.91 -51.46
N VAL B 124 -9.48 5.08 -50.34
CA VAL B 124 -9.49 6.36 -49.65
C VAL B 124 -8.09 6.91 -49.55
N VAL B 125 -7.96 8.24 -49.66
CA VAL B 125 -6.65 8.87 -49.57
C VAL B 125 -6.80 10.00 -48.59
N ASN B 126 -5.78 10.21 -47.76
CA ASN B 126 -5.78 11.23 -46.74
C ASN B 126 -4.79 12.34 -47.07
N ASP B 127 -5.33 13.51 -47.41
CA ASP B 127 -4.53 14.68 -47.72
C ASP B 127 -4.67 15.70 -46.64
N ASP B 128 -3.63 15.85 -45.83
CA ASP B 128 -3.59 16.83 -44.77
C ASP B 128 -4.85 16.75 -43.87
N GLY B 129 -5.30 15.54 -43.56
CA GLY B 129 -6.45 15.31 -42.72
C GLY B 129 -7.78 15.21 -43.46
N VAL B 130 -7.80 15.58 -44.74
CA VAL B 130 -9.00 15.53 -45.56
C VAL B 130 -9.06 14.17 -46.30
N LEU B 131 -10.10 13.40 -46.01
CA LEU B 131 -10.28 12.10 -46.59
C LEU B 131 -11.11 12.14 -47.88
N THR B 132 -10.49 11.70 -48.98
CA THR B 132 -11.18 11.64 -50.27
C THR B 132 -11.38 10.21 -50.65
N GLY B 133 -12.62 9.88 -51.01
CA GLY B 133 -12.96 8.53 -51.45
C GLY B 133 -12.95 8.41 -52.97
N HIS B 134 -12.33 7.34 -53.44
CA HIS B 134 -12.22 7.06 -54.84
C HIS B 134 -12.79 5.67 -55.14
N ILE B 135 -13.04 5.40 -56.42
CA ILE B 135 -13.54 4.09 -56.85
C ILE B 135 -12.64 3.70 -58.03
N THR B 136 -11.84 2.67 -57.83
CA THR B 136 -10.86 2.27 -58.81
C THR B 136 -11.13 1.03 -59.65
N ASP B 137 -12.19 0.28 -59.34
CA ASP B 137 -12.48 -0.93 -60.13
C ASP B 137 -12.85 -0.62 -61.56
N GLY B 138 -13.69 0.39 -61.77
CA GLY B 138 -14.07 0.79 -63.12
C GLY B 138 -12.83 1.28 -63.88
N THR B 139 -12.08 2.17 -63.25
CA THR B 139 -10.86 2.69 -63.86
C THR B 139 -9.95 1.54 -64.28
N GLY B 140 -9.74 0.59 -63.38
CA GLY B 140 -8.86 -0.56 -63.67
C GLY B 140 -9.33 -1.35 -64.88
N TYR B 141 -10.63 -1.64 -64.92
CA TYR B 141 -11.19 -2.39 -66.02
C TYR B 141 -10.96 -1.71 -67.36
N MET B 142 -11.27 -0.42 -67.41
CA MET B 142 -11.12 0.36 -68.65
C MET B 142 -9.66 0.47 -69.07
N ARG B 143 -8.77 0.60 -68.08
CA ARG B 143 -7.35 0.70 -68.35
C ARG B 143 -6.85 -0.62 -68.97
N ALA B 144 -7.18 -1.74 -68.32
CA ALA B 144 -6.80 -3.06 -68.81
C ALA B 144 -7.21 -3.24 -70.28
N LEU B 145 -8.36 -2.71 -70.67
CA LEU B 145 -8.79 -2.85 -72.07
C LEU B 145 -7.84 -2.09 -72.98
N LYS B 146 -7.64 -0.82 -72.64
CA LYS B 146 -6.79 0.06 -73.39
C LYS B 146 -5.41 -0.54 -73.54
N GLU B 147 -4.86 -1.06 -72.45
CA GLU B 147 -3.52 -1.69 -72.47
C GLU B 147 -3.50 -2.91 -73.38
N ALA B 148 -4.63 -3.62 -73.44
CA ALA B 148 -4.76 -4.80 -74.25
C ALA B 148 -4.98 -4.43 -75.72
N GLY B 149 -5.05 -3.13 -76.01
CA GLY B 149 -5.25 -2.68 -77.37
C GLY B 149 -6.71 -2.64 -77.79
N HIS B 150 -7.62 -2.56 -76.82
CA HIS B 150 -9.04 -2.51 -77.14
C HIS B 150 -9.60 -1.11 -76.89
N ASP B 151 -10.05 -0.47 -77.96
CA ASP B 151 -10.62 0.86 -77.89
C ASP B 151 -12.12 0.76 -77.97
N ILE B 152 -12.80 0.99 -76.84
CA ILE B 152 -14.27 0.97 -76.84
C ILE B 152 -14.86 2.37 -76.64
N ILE B 153 -14.01 3.40 -76.57
CA ILE B 153 -14.44 4.78 -76.40
C ILE B 153 -15.15 5.19 -77.69
N GLY B 154 -16.32 5.80 -77.58
CA GLY B 154 -17.11 6.22 -78.74
C GLY B 154 -17.83 5.05 -79.41
N LYS B 155 -17.78 3.87 -78.80
CA LYS B 155 -18.41 2.66 -79.35
C LYS B 155 -19.43 2.06 -78.36
N LYS B 156 -20.04 0.95 -78.73
CA LYS B 156 -21.08 0.30 -77.90
C LYS B 156 -20.63 -0.98 -77.21
N MET B 157 -21.09 -1.13 -75.98
CA MET B 157 -20.82 -2.29 -75.14
C MET B 157 -22.10 -2.87 -74.59
N THR B 158 -22.14 -4.20 -74.53
CA THR B 158 -23.24 -4.92 -73.92
C THR B 158 -22.55 -5.56 -72.73
N ILE B 159 -23.14 -5.41 -71.55
CA ILE B 159 -22.52 -5.92 -70.34
C ILE B 159 -23.52 -6.66 -69.47
N CYS B 160 -23.08 -7.77 -68.89
CA CYS B 160 -23.90 -8.58 -67.99
C CYS B 160 -23.52 -8.23 -66.57
N GLY B 161 -24.52 -7.98 -65.73
CA GLY B 161 -24.27 -7.65 -64.35
C GLY B 161 -24.68 -6.25 -63.94
N ALA B 162 -24.96 -6.13 -62.64
CA ALA B 162 -25.42 -4.90 -62.00
C ALA B 162 -24.89 -4.81 -60.57
N GLY B 163 -23.88 -5.60 -60.24
CA GLY B 163 -23.30 -5.59 -58.92
C GLY B 163 -22.27 -4.50 -58.76
N GLY B 164 -21.44 -4.63 -57.73
CA GLY B 164 -20.40 -3.63 -57.44
C GLY B 164 -19.50 -3.34 -58.62
N ALA B 165 -19.00 -4.41 -59.25
CA ALA B 165 -18.11 -4.24 -60.37
C ALA B 165 -18.81 -3.70 -61.61
N ALA B 166 -19.94 -4.30 -61.99
CA ALA B 166 -20.66 -3.85 -63.21
C ALA B 166 -21.03 -2.38 -63.12
N THR B 167 -21.49 -1.97 -61.95
CA THR B 167 -21.88 -0.61 -61.74
C THR B 167 -20.69 0.30 -61.95
N ALA B 168 -19.57 -0.02 -61.33
CA ALA B 168 -18.38 0.83 -61.49
C ALA B 168 -17.88 0.85 -62.92
N ILE B 169 -17.99 -0.28 -63.60
CA ILE B 169 -17.57 -0.35 -64.98
C ILE B 169 -18.49 0.45 -65.86
N CYS B 170 -19.80 0.30 -65.68
CA CYS B 170 -20.76 1.04 -66.51
C CYS B 170 -20.62 2.57 -66.36
N ILE B 171 -20.41 3.03 -65.14
CA ILE B 171 -20.29 4.45 -64.89
C ILE B 171 -18.94 4.99 -65.36
N GLN B 172 -17.86 4.28 -65.08
CA GLN B 172 -16.56 4.77 -65.51
C GLN B 172 -16.51 4.72 -67.03
N ALA B 173 -17.14 3.71 -67.60
CA ALA B 173 -17.20 3.56 -69.06
C ALA B 173 -17.90 4.77 -69.63
N ALA B 174 -19.05 5.10 -69.04
CA ALA B 174 -19.82 6.26 -69.48
C ALA B 174 -18.96 7.51 -69.39
N LEU B 175 -18.38 7.74 -68.22
CA LEU B 175 -17.51 8.90 -68.01
C LEU B 175 -16.33 8.95 -68.97
N ASP B 176 -15.82 7.80 -69.38
CA ASP B 176 -14.68 7.78 -70.29
C ASP B 176 -15.04 8.08 -71.75
N GLY B 177 -16.32 8.05 -72.07
CA GLY B 177 -16.76 8.34 -73.43
C GLY B 177 -17.35 7.19 -74.22
N VAL B 178 -17.65 6.05 -73.59
CA VAL B 178 -18.29 4.96 -74.35
C VAL B 178 -19.64 5.55 -74.76
N LYS B 179 -20.03 5.36 -76.00
CA LYS B 179 -21.25 5.97 -76.52
C LYS B 179 -22.52 5.28 -76.03
N GLU B 180 -22.55 3.96 -76.12
CA GLU B 180 -23.76 3.24 -75.75
C GLU B 180 -23.47 1.97 -74.94
N ILE B 181 -24.31 1.72 -73.95
CA ILE B 181 -24.17 0.55 -73.08
C ILE B 181 -25.52 -0.11 -72.89
N SER B 182 -25.63 -1.38 -73.26
CA SER B 182 -26.85 -2.13 -73.05
C SER B 182 -26.51 -3.04 -71.87
N ILE B 183 -27.29 -2.95 -70.79
CA ILE B 183 -27.04 -3.76 -69.60
C ILE B 183 -28.04 -4.89 -69.50
N PHE B 184 -27.54 -6.09 -69.23
CA PHE B 184 -28.35 -7.26 -69.04
C PHE B 184 -28.11 -7.83 -67.63
N ASN B 185 -29.21 -8.10 -66.93
CA ASN B 185 -29.11 -8.66 -65.61
C ASN B 185 -30.37 -9.43 -65.36
N ARG B 186 -30.31 -10.37 -64.43
CA ARG B 186 -31.49 -11.14 -64.12
C ARG B 186 -32.33 -10.35 -63.13
N LYS B 187 -33.57 -10.78 -62.96
CA LYS B 187 -34.52 -10.14 -62.05
C LYS B 187 -34.23 -10.54 -60.59
N ASP B 188 -33.09 -10.11 -60.07
CA ASP B 188 -32.70 -10.39 -58.69
C ASP B 188 -32.54 -9.07 -57.92
N ASP B 189 -31.85 -9.13 -56.79
CA ASP B 189 -31.62 -7.98 -55.92
C ASP B 189 -30.89 -6.80 -56.55
N PHE B 190 -30.21 -7.02 -57.66
CA PHE B 190 -29.45 -5.95 -58.29
C PHE B 190 -30.16 -5.25 -59.45
N TYR B 191 -31.27 -5.81 -59.93
CA TYR B 191 -31.97 -5.21 -61.07
C TYR B 191 -32.29 -3.73 -60.82
N ALA B 192 -32.81 -3.42 -59.64
CA ALA B 192 -33.13 -2.03 -59.29
C ALA B 192 -31.87 -1.16 -59.29
N ASN B 193 -30.73 -1.74 -58.93
CA ASN B 193 -29.50 -0.97 -58.94
C ASN B 193 -29.12 -0.63 -60.38
N ALA B 194 -29.35 -1.60 -61.27
CA ALA B 194 -29.09 -1.45 -62.71
C ALA B 194 -29.96 -0.33 -63.25
N GLU B 195 -31.20 -0.30 -62.79
CA GLU B 195 -32.11 0.73 -63.22
C GLU B 195 -31.56 2.09 -62.82
N LYS B 196 -30.98 2.19 -61.63
CA LYS B 196 -30.38 3.44 -61.20
C LYS B 196 -29.17 3.73 -62.06
N THR B 197 -28.37 2.70 -62.33
CA THR B 197 -27.18 2.89 -63.17
C THR B 197 -27.58 3.49 -64.52
N VAL B 198 -28.66 3.00 -65.10
CA VAL B 198 -29.18 3.50 -66.38
C VAL B 198 -29.56 4.98 -66.24
N GLU B 199 -30.41 5.24 -65.25
CA GLU B 199 -30.92 6.56 -64.97
C GLU B 199 -29.76 7.53 -64.68
N LYS B 200 -28.78 7.08 -63.90
CA LYS B 200 -27.61 7.90 -63.58
C LYS B 200 -26.83 8.23 -64.85
N ILE B 201 -26.60 7.21 -65.68
CA ILE B 201 -25.86 7.35 -66.92
C ILE B 201 -26.48 8.29 -67.94
N ASN B 202 -27.78 8.15 -68.17
CA ASN B 202 -28.50 8.98 -69.14
C ASN B 202 -28.72 10.41 -68.70
N SER B 203 -28.87 10.62 -67.39
CA SER B 203 -29.16 11.96 -66.87
C SER B 203 -27.93 12.80 -66.58
N LYS B 204 -26.83 12.17 -66.20
CA LYS B 204 -25.63 12.94 -65.84
C LYS B 204 -24.38 12.54 -66.64
N THR B 205 -24.63 12.01 -67.83
CA THR B 205 -23.57 11.57 -68.73
C THR B 205 -24.11 11.70 -70.16
N ASP B 206 -23.22 11.66 -71.15
CA ASP B 206 -23.65 11.73 -72.56
C ASP B 206 -23.82 10.34 -73.17
N CYS B 207 -23.37 9.32 -72.45
CA CYS B 207 -23.50 7.95 -72.88
C CYS B 207 -24.96 7.55 -72.79
N LYS B 208 -25.43 6.72 -73.73
CA LYS B 208 -26.81 6.25 -73.75
C LYS B 208 -26.86 4.81 -73.21
N ALA B 209 -27.62 4.59 -72.14
CA ALA B 209 -27.70 3.28 -71.52
C ALA B 209 -29.12 2.77 -71.43
N GLN B 210 -29.25 1.45 -71.39
CA GLN B 210 -30.55 0.79 -71.31
C GLN B 210 -30.38 -0.55 -70.61
N LEU B 211 -31.44 -1.00 -69.96
CA LEU B 211 -31.42 -2.24 -69.19
C LEU B 211 -32.37 -3.28 -69.79
N PHE B 212 -31.90 -4.52 -69.79
CA PHE B 212 -32.67 -5.62 -70.31
C PHE B 212 -32.51 -6.84 -69.40
N ASP B 213 -33.54 -7.67 -69.37
CA ASP B 213 -33.54 -8.88 -68.57
C ASP B 213 -32.59 -9.81 -69.28
N ILE B 214 -31.74 -10.49 -68.53
CA ILE B 214 -30.77 -11.43 -69.11
C ILE B 214 -31.47 -12.58 -69.81
N GLU B 215 -32.70 -12.87 -69.43
CA GLU B 215 -33.43 -13.94 -70.09
C GLU B 215 -34.01 -13.51 -71.44
N ASP B 216 -33.96 -12.21 -71.76
CA ASP B 216 -34.49 -11.70 -73.04
C ASP B 216 -33.42 -12.01 -74.09
N HIS B 217 -33.34 -13.29 -74.45
CA HIS B 217 -32.32 -13.79 -75.35
C HIS B 217 -32.33 -13.20 -76.76
N GLU B 218 -33.50 -12.83 -77.29
CA GLU B 218 -33.56 -12.21 -78.61
C GLU B 218 -32.94 -10.80 -78.54
N GLN B 219 -33.21 -10.08 -77.46
CA GLN B 219 -32.64 -8.75 -77.33
C GLN B 219 -31.13 -8.89 -77.12
N LEU B 220 -30.74 -9.90 -76.36
CA LEU B 220 -29.32 -10.13 -76.10
C LEU B 220 -28.57 -10.33 -77.43
N ARG B 221 -29.18 -11.07 -78.35
CA ARG B 221 -28.56 -11.34 -79.65
C ARG B 221 -28.29 -10.04 -80.40
N LYS B 222 -29.34 -9.23 -80.56
CA LYS B 222 -29.22 -7.92 -81.26
C LYS B 222 -28.18 -7.01 -80.60
N GLU B 223 -28.20 -6.95 -79.27
CA GLU B 223 -27.27 -6.08 -78.61
C GLU B 223 -25.82 -6.53 -78.83
N ILE B 224 -25.56 -7.83 -78.74
CA ILE B 224 -24.18 -8.31 -78.94
C ILE B 224 -23.71 -8.05 -80.36
N ALA B 225 -24.57 -8.31 -81.35
CA ALA B 225 -24.22 -8.08 -82.75
C ALA B 225 -23.85 -6.62 -82.98
N GLU B 226 -24.58 -5.71 -82.33
CA GLU B 226 -24.38 -4.27 -82.47
C GLU B 226 -23.28 -3.70 -81.57
N SER B 227 -22.58 -4.55 -80.80
CA SER B 227 -21.53 -4.06 -79.88
C SER B 227 -20.14 -4.46 -80.32
N VAL B 228 -19.15 -3.64 -79.99
CA VAL B 228 -17.76 -3.98 -80.31
C VAL B 228 -17.21 -4.88 -79.21
N ILE B 229 -17.88 -4.90 -78.06
CA ILE B 229 -17.43 -5.70 -76.94
C ILE B 229 -18.59 -6.32 -76.18
N PHE B 230 -18.37 -7.54 -75.70
CA PHE B 230 -19.34 -8.24 -74.86
C PHE B 230 -18.60 -8.58 -73.57
N THR B 231 -19.13 -8.11 -72.44
CA THR B 231 -18.48 -8.26 -71.14
C THR B 231 -19.28 -8.92 -70.04
N ASN B 232 -18.64 -9.85 -69.34
CA ASN B 232 -19.26 -10.47 -68.21
C ASN B 232 -18.74 -9.78 -66.97
N ALA B 233 -19.66 -9.24 -66.18
CA ALA B 233 -19.33 -8.59 -64.94
C ALA B 233 -20.19 -9.19 -63.85
N THR B 234 -20.37 -10.51 -63.89
CA THR B 234 -21.14 -11.24 -62.89
C THR B 234 -20.28 -12.33 -62.34
N GLY B 235 -20.77 -13.01 -61.32
CA GLY B 235 -20.05 -14.13 -60.71
C GLY B 235 -20.15 -15.40 -61.54
N VAL B 236 -21.05 -15.41 -62.53
CA VAL B 236 -21.19 -16.60 -63.39
C VAL B 236 -19.86 -16.83 -64.09
N GLY B 237 -19.37 -18.06 -64.07
CA GLY B 237 -18.09 -18.39 -64.68
C GLY B 237 -17.09 -18.64 -63.58
N MET B 238 -17.39 -18.09 -62.41
CA MET B 238 -16.55 -18.27 -61.26
C MET B 238 -17.30 -19.13 -60.26
N LYS B 239 -16.52 -19.86 -59.46
CA LYS B 239 -17.03 -20.69 -58.43
C LYS B 239 -18.10 -19.91 -57.68
N PRO B 240 -19.24 -20.54 -57.38
CA PRO B 240 -19.65 -21.91 -57.63
C PRO B 240 -20.29 -22.14 -58.99
N PHE B 241 -20.03 -21.27 -59.95
CA PHE B 241 -20.60 -21.39 -61.28
C PHE B 241 -19.54 -21.62 -62.36
N GLU B 242 -18.43 -22.28 -62.04
CA GLU B 242 -17.40 -22.57 -63.06
C GLU B 242 -18.01 -23.48 -64.12
N GLY B 243 -17.66 -23.21 -65.39
CA GLY B 243 -18.17 -23.99 -66.51
C GLY B 243 -19.55 -23.56 -66.96
N GLU B 244 -20.04 -22.45 -66.41
CA GLU B 244 -21.35 -21.94 -66.77
C GLU B 244 -21.21 -20.54 -67.28
N THR B 245 -22.03 -20.23 -68.27
CA THR B 245 -22.04 -18.93 -68.84
C THR B 245 -23.44 -18.46 -69.01
N LEU B 246 -23.59 -17.14 -69.02
CA LEU B 246 -24.87 -16.52 -69.24
C LEU B 246 -25.14 -16.43 -70.73
N LEU B 247 -24.11 -16.68 -71.54
CA LEU B 247 -24.26 -16.65 -72.98
C LEU B 247 -25.07 -17.91 -73.36
N PRO B 248 -26.25 -17.73 -73.97
CA PRO B 248 -27.08 -18.90 -74.36
C PRO B 248 -26.57 -19.69 -75.55
N SER B 249 -26.00 -19.00 -76.53
CA SER B 249 -25.49 -19.63 -77.75
C SER B 249 -24.17 -19.03 -78.27
N ALA B 250 -23.32 -19.90 -78.80
CA ALA B 250 -22.05 -19.50 -79.39
C ALA B 250 -22.25 -18.64 -80.65
N ASP B 251 -23.31 -18.91 -81.40
CA ASP B 251 -23.56 -18.16 -82.64
C ASP B 251 -23.95 -16.68 -82.42
N MET B 252 -23.97 -16.23 -81.16
CA MET B 252 -24.25 -14.83 -80.85
C MET B 252 -22.95 -14.04 -80.93
N LEU B 253 -21.84 -14.76 -81.01
CA LEU B 253 -20.52 -14.15 -81.10
C LEU B 253 -20.04 -14.24 -82.53
N ARG B 254 -19.10 -13.37 -82.90
CA ARG B 254 -18.52 -13.36 -84.22
C ARG B 254 -17.02 -13.06 -84.06
N PRO B 255 -16.18 -13.47 -85.02
CA PRO B 255 -14.73 -13.26 -84.95
C PRO B 255 -14.22 -11.88 -84.47
N GLU B 256 -14.73 -10.80 -85.05
CA GLU B 256 -14.23 -9.47 -84.68
C GLU B 256 -14.67 -8.97 -83.31
N LEU B 257 -15.67 -9.63 -82.73
CA LEU B 257 -16.18 -9.25 -81.41
C LEU B 257 -15.14 -9.43 -80.32
N ILE B 258 -15.05 -8.46 -79.41
CA ILE B 258 -14.14 -8.55 -78.30
C ILE B 258 -14.97 -9.10 -77.16
N VAL B 259 -14.47 -10.11 -76.47
CA VAL B 259 -15.18 -10.71 -75.33
C VAL B 259 -14.33 -10.61 -74.09
N SER B 260 -14.86 -10.02 -73.01
CA SER B 260 -14.08 -9.85 -71.79
C SER B 260 -14.84 -10.33 -70.57
N ASP B 261 -14.08 -10.68 -69.55
CA ASP B 261 -14.66 -11.18 -68.33
C ASP B 261 -13.87 -10.57 -67.18
N VAL B 262 -14.58 -10.26 -66.10
CA VAL B 262 -13.97 -9.72 -64.91
C VAL B 262 -13.37 -10.88 -64.12
N VAL B 263 -13.82 -12.10 -64.41
CA VAL B 263 -13.34 -13.25 -63.69
C VAL B 263 -11.94 -13.59 -64.21
N TYR B 264 -11.04 -13.98 -63.32
CA TYR B 264 -9.70 -14.38 -63.74
C TYR B 264 -9.25 -15.67 -63.05
N LYS B 265 -10.09 -16.21 -62.18
CA LYS B 265 -9.83 -17.51 -61.58
C LYS B 265 -11.21 -18.16 -61.70
N PRO B 266 -11.37 -19.03 -62.72
CA PRO B 266 -10.42 -19.52 -63.74
C PRO B 266 -9.89 -18.51 -64.78
N THR B 267 -8.65 -18.73 -65.24
CA THR B 267 -8.04 -17.81 -66.23
C THR B 267 -8.82 -17.80 -67.54
N LYS B 268 -9.59 -18.85 -67.78
CA LYS B 268 -10.50 -18.94 -68.93
C LYS B 268 -11.89 -19.42 -68.51
N THR B 269 -12.83 -18.51 -68.35
CA THR B 269 -14.18 -18.91 -67.98
C THR B 269 -14.77 -19.64 -69.16
N ARG B 270 -15.95 -20.22 -68.98
CA ARG B 270 -16.64 -20.90 -70.07
C ARG B 270 -16.87 -19.89 -71.21
N LEU B 271 -17.27 -18.67 -70.86
CA LEU B 271 -17.52 -17.61 -71.86
C LEU B 271 -16.27 -17.34 -72.69
N LEU B 272 -15.13 -17.21 -72.04
CA LEU B 272 -13.88 -16.97 -72.77
C LEU B 272 -13.44 -18.19 -73.61
N GLU B 273 -13.87 -19.40 -73.24
CA GLU B 273 -13.52 -20.60 -74.04
C GLU B 273 -14.31 -20.59 -75.33
N ILE B 274 -15.60 -20.30 -75.21
CA ILE B 274 -16.51 -20.23 -76.36
C ILE B 274 -16.02 -19.13 -77.29
N ALA B 275 -15.62 -18.01 -76.68
CA ALA B 275 -15.13 -16.86 -77.41
C ALA B 275 -13.96 -17.27 -78.29
N GLU B 276 -12.94 -17.91 -77.71
CA GLU B 276 -11.79 -18.36 -78.50
C GLU B 276 -12.24 -19.29 -79.61
N GLU B 277 -13.15 -20.20 -79.32
CA GLU B 277 -13.66 -21.14 -80.33
C GLU B 277 -14.33 -20.40 -81.47
N GLN B 278 -14.94 -19.26 -81.18
CA GLN B 278 -15.62 -18.48 -82.23
C GLN B 278 -14.69 -17.50 -82.95
N GLY B 279 -13.40 -17.53 -82.62
CA GLY B 279 -12.44 -16.64 -83.25
C GLY B 279 -12.32 -15.29 -82.57
N CYS B 280 -13.15 -15.03 -81.57
CA CYS B 280 -13.10 -13.76 -80.87
C CYS B 280 -11.77 -13.54 -80.18
N GLN B 281 -11.47 -12.27 -79.94
CA GLN B 281 -10.27 -11.89 -79.23
C GLN B 281 -10.81 -11.78 -77.80
N THR B 282 -10.07 -12.26 -76.80
CA THR B 282 -10.56 -12.27 -75.42
C THR B 282 -9.68 -11.64 -74.32
N LEU B 283 -10.27 -11.35 -73.17
CA LEU B 283 -9.51 -10.81 -72.05
C LEU B 283 -10.21 -11.13 -70.74
N ASN B 284 -9.51 -11.82 -69.85
CA ASN B 284 -10.05 -12.16 -68.53
C ASN B 284 -9.84 -10.98 -67.58
N GLY B 285 -10.03 -11.20 -66.29
CA GLY B 285 -9.96 -10.11 -65.30
C GLY B 285 -8.61 -9.80 -64.68
N LEU B 286 -7.55 -10.42 -65.16
CA LEU B 286 -6.23 -10.15 -64.61
C LEU B 286 -5.85 -8.67 -64.71
N GLY B 287 -6.01 -8.12 -65.91
CA GLY B 287 -5.71 -6.73 -66.18
C GLY B 287 -6.46 -5.81 -65.24
N MET B 288 -7.76 -6.02 -65.14
CA MET B 288 -8.61 -5.22 -64.26
C MET B 288 -8.17 -5.21 -62.80
N MET B 289 -7.70 -6.35 -62.27
CA MET B 289 -7.35 -6.38 -60.86
C MET B 289 -6.02 -5.64 -60.68
N LEU B 290 -5.12 -5.80 -61.65
CA LEU B 290 -3.81 -5.18 -61.61
C LEU B 290 -3.90 -3.68 -61.69
N TRP B 291 -4.63 -3.20 -62.70
CA TRP B 291 -4.77 -1.77 -62.91
C TRP B 291 -5.62 -1.06 -61.88
N GLN B 292 -6.52 -1.78 -61.18
CA GLN B 292 -7.32 -1.11 -60.12
C GLN B 292 -6.35 -0.95 -58.93
N GLY B 293 -5.38 -1.85 -58.83
CA GLY B 293 -4.35 -1.77 -57.81
C GLY B 293 -3.43 -0.60 -58.11
N ALA B 294 -3.02 -0.50 -59.36
CA ALA B 294 -2.14 0.58 -59.84
C ALA B 294 -2.79 1.93 -59.59
N LYS B 295 -4.09 2.01 -59.88
CA LYS B 295 -4.78 3.26 -59.68
C LYS B 295 -4.65 3.68 -58.22
N ALA B 296 -5.00 2.76 -57.32
CA ALA B 296 -4.94 3.03 -55.87
C ALA B 296 -3.55 3.45 -55.44
N PHE B 297 -2.57 2.75 -55.98
CA PHE B 297 -1.18 2.99 -55.71
C PHE B 297 -0.72 4.37 -56.16
N GLU B 298 -1.18 4.77 -57.35
CA GLU B 298 -0.80 6.06 -57.91
C GLU B 298 -1.48 7.16 -57.08
N ILE B 299 -2.71 6.89 -56.62
CA ILE B 299 -3.44 7.85 -55.77
C ILE B 299 -2.68 8.10 -54.45
N TRP B 300 -2.17 7.03 -53.85
CA TRP B 300 -1.45 7.14 -52.60
C TRP B 300 -0.03 7.67 -52.74
N THR B 301 0.66 7.25 -53.78
CA THR B 301 2.06 7.61 -53.90
C THR B 301 2.47 8.54 -55.04
N HIS B 302 1.59 8.76 -56.02
CA HIS B 302 1.91 9.59 -57.19
C HIS B 302 3.08 8.94 -57.97
N LYS B 303 3.11 7.62 -57.93
CA LYS B 303 4.08 6.81 -58.61
C LYS B 303 3.30 5.77 -59.42
N GLU B 304 3.90 5.26 -60.47
CA GLU B 304 3.26 4.23 -61.29
C GLU B 304 3.65 2.86 -60.78
N MET B 305 2.66 2.02 -60.53
CA MET B 305 2.93 0.66 -60.08
C MET B 305 3.56 -0.10 -61.26
N PRO B 306 4.62 -0.89 -61.02
CA PRO B 306 5.18 -1.64 -62.14
C PRO B 306 4.33 -2.87 -62.38
N VAL B 307 3.26 -2.72 -63.14
CA VAL B 307 2.30 -3.79 -63.40
C VAL B 307 2.93 -5.04 -64.00
N ASP B 308 3.72 -4.86 -65.04
N ASP B 308 3.75 -4.79 -65.02
CA ASP B 308 4.36 -6.00 -65.68
CA ASP B 308 4.47 -5.84 -65.71
C ASP B 308 5.18 -6.80 -64.66
C ASP B 308 5.19 -6.75 -64.69
N TYR B 309 5.86 -6.10 -63.75
CA TYR B 309 6.65 -6.76 -62.71
C TYR B 309 5.77 -7.45 -61.70
N ILE B 310 4.75 -6.74 -61.22
CA ILE B 310 3.82 -7.33 -60.27
C ILE B 310 3.15 -8.54 -60.85
N LYS B 311 2.71 -8.41 -62.11
CA LYS B 311 2.02 -9.50 -62.80
C LYS B 311 2.84 -10.78 -62.77
N GLU B 312 4.12 -10.64 -63.05
CA GLU B 312 5.04 -11.76 -63.04
C GLU B 312 5.09 -12.40 -61.67
N ILE B 313 5.24 -11.57 -60.64
CA ILE B 313 5.29 -12.04 -59.27
C ILE B 313 4.01 -12.76 -58.83
N LEU B 314 2.85 -12.24 -59.20
CA LEU B 314 1.60 -12.87 -58.78
C LEU B 314 1.16 -14.09 -59.58
N PHE B 315 1.59 -14.20 -60.83
CA PHE B 315 1.16 -15.32 -61.67
C PHE B 315 2.30 -15.82 -62.56
N ILE C 29 -24.30 38.30 4.20
CA ILE C 29 -23.63 37.76 2.98
C ILE C 29 -24.59 37.97 1.80
N THR C 30 -24.05 38.36 0.64
CA THR C 30 -24.90 38.63 -0.55
C THR C 30 -24.30 38.10 -1.89
N GLU C 31 -22.99 38.11 -1.99
CA GLU C 31 -22.39 37.60 -3.20
C GLU C 31 -22.71 36.11 -3.31
N ARG C 32 -23.25 35.69 -4.46
CA ARG C 32 -23.58 34.30 -4.69
C ARG C 32 -22.35 33.48 -5.15
N ILE C 33 -21.21 34.13 -5.37
CA ILE C 33 -19.97 33.41 -5.87
C ILE C 33 -19.11 32.88 -4.73
N THR C 34 -18.70 31.61 -4.82
CA THR C 34 -17.91 30.96 -3.78
C THR C 34 -16.89 30.06 -4.42
N GLY C 35 -16.21 29.30 -3.58
CA GLY C 35 -15.24 28.32 -4.05
C GLY C 35 -15.95 27.23 -4.83
N HIS C 36 -17.29 27.14 -4.72
CA HIS C 36 -18.00 26.11 -5.48
C HIS C 36 -18.35 26.52 -6.93
N THR C 37 -18.48 27.82 -7.16
CA THR C 37 -18.89 28.38 -8.47
C THR C 37 -17.91 28.06 -9.57
N GLU C 38 -18.43 27.60 -10.70
CA GLU C 38 -17.60 27.26 -11.86
C GLU C 38 -17.67 28.34 -12.92
N LEU C 39 -16.70 28.33 -13.81
CA LEU C 39 -16.65 29.35 -14.84
C LEU C 39 -16.93 28.89 -16.25
N ILE C 40 -17.63 29.73 -16.97
CA ILE C 40 -17.89 29.53 -18.39
C ILE C 40 -17.22 30.75 -18.98
N GLY C 41 -16.41 30.56 -19.99
CA GLY C 41 -15.71 31.70 -20.59
C GLY C 41 -16.32 32.21 -21.88
N LEU C 42 -15.69 33.26 -22.40
CA LEU C 42 -16.00 33.93 -23.66
C LEU C 42 -14.63 34.42 -24.08
N ILE C 43 -14.01 33.73 -25.06
CA ILE C 43 -12.72 34.15 -25.54
C ILE C 43 -12.84 34.82 -26.91
N ALA C 44 -12.35 36.05 -26.97
CA ALA C 44 -12.41 36.88 -28.16
C ALA C 44 -11.73 38.23 -27.91
N THR C 45 -11.57 39.00 -28.97
CA THR C 45 -11.01 40.33 -28.84
C THR C 45 -11.32 41.15 -30.09
N PRO C 46 -11.89 42.36 -29.91
CA PRO C 46 -12.29 42.97 -28.64
C PRO C 46 -13.55 42.28 -28.10
N ILE C 47 -13.81 42.39 -26.80
CA ILE C 47 -14.94 41.67 -26.25
C ILE C 47 -15.65 42.20 -24.98
N ARG C 48 -15.01 43.11 -24.23
CA ARG C 48 -15.60 43.59 -22.94
C ARG C 48 -16.93 44.35 -22.98
N HIS C 49 -17.36 44.80 -24.15
N HIS C 49 -17.34 44.76 -24.17
CA HIS C 49 -18.65 45.50 -24.25
CA HIS C 49 -18.61 45.48 -24.38
C HIS C 49 -19.75 44.47 -24.51
C HIS C 49 -19.73 44.46 -24.50
N SER C 50 -19.36 43.21 -24.68
CA SER C 50 -20.31 42.11 -24.88
C SER C 50 -21.39 42.07 -23.84
N LEU C 51 -22.60 41.73 -24.30
CA LEU C 51 -23.74 41.60 -23.45
C LEU C 51 -23.99 40.14 -23.09
N SER C 52 -23.24 39.21 -23.68
CA SER C 52 -23.44 37.79 -23.36
C SER C 52 -23.31 37.45 -21.86
N PRO C 53 -22.27 37.99 -21.17
CA PRO C 53 -22.11 37.70 -19.76
C PRO C 53 -23.33 38.13 -18.95
N THR C 54 -23.88 39.26 -19.26
CA THR C 54 -25.04 39.67 -18.54
C THR C 54 -26.17 38.67 -18.80
N MET C 55 -26.25 38.18 -20.04
CA MET C 55 -27.32 37.23 -20.40
C MET C 55 -27.24 35.97 -19.56
N HIS C 56 -26.08 35.35 -19.61
CA HIS C 56 -25.86 34.12 -18.90
C HIS C 56 -25.76 34.26 -17.40
N ASN C 57 -25.15 35.33 -16.90
CA ASN C 57 -25.01 35.46 -15.47
C ASN C 57 -26.42 35.70 -14.88
N GLU C 58 -27.28 36.36 -15.62
CA GLU C 58 -28.64 36.58 -15.12
C GLU C 58 -29.47 35.29 -15.23
N ALA C 59 -29.12 34.44 -16.20
CA ALA C 59 -29.86 33.17 -16.35
C ALA C 59 -29.41 32.22 -15.24
N PHE C 60 -28.13 32.25 -14.88
CA PHE C 60 -27.64 31.40 -13.79
C PHE C 60 -28.27 31.78 -12.46
N ALA C 61 -28.17 33.07 -12.12
CA ALA C 61 -28.78 33.56 -10.90
C ALA C 61 -30.21 33.07 -10.85
N LYS C 62 -30.99 33.44 -11.87
CA LYS C 62 -32.42 33.09 -11.92
C LYS C 62 -32.72 31.60 -11.65
N LEU C 63 -31.87 30.68 -12.12
CA LEU C 63 -32.17 29.27 -11.90
C LEU C 63 -31.43 28.61 -10.75
N GLY C 64 -30.62 29.38 -10.02
CA GLY C 64 -29.84 28.86 -8.91
C GLY C 64 -28.69 27.97 -9.37
N LEU C 65 -28.18 28.23 -10.56
CA LEU C 65 -27.07 27.44 -11.10
C LEU C 65 -25.77 28.14 -10.68
N ASP C 66 -24.82 27.37 -10.14
CA ASP C 66 -23.57 27.93 -9.60
C ASP C 66 -22.47 28.02 -10.63
N TYR C 67 -22.74 28.87 -11.63
CA TYR C 67 -21.81 29.19 -12.69
C TYR C 67 -21.71 30.71 -12.78
N VAL C 68 -20.57 31.14 -13.28
CA VAL C 68 -20.33 32.52 -13.55
C VAL C 68 -19.78 32.58 -14.95
N TYR C 69 -20.22 33.58 -15.70
CA TYR C 69 -19.74 33.73 -17.08
C TYR C 69 -18.87 34.99 -17.18
N LEU C 70 -17.69 34.83 -17.75
CA LEU C 70 -16.75 35.94 -17.90
C LEU C 70 -16.05 35.95 -19.24
N ALA C 71 -15.72 37.16 -19.68
CA ALA C 71 -15.03 37.41 -20.93
C ALA C 71 -13.53 37.51 -20.76
N PHE C 72 -12.79 37.07 -21.77
CA PHE C 72 -11.34 37.22 -21.75
C PHE C 72 -10.87 37.72 -23.10
N GLU C 73 -10.05 38.78 -23.10
CA GLU C 73 -9.53 39.31 -24.34
C GLU C 73 -8.51 38.35 -24.91
N VAL C 74 -8.97 37.48 -25.81
CA VAL C 74 -8.09 36.47 -26.45
C VAL C 74 -8.15 36.52 -27.96
N GLY C 75 -6.97 36.56 -28.58
CA GLY C 75 -6.77 36.58 -30.03
C GLY C 75 -5.82 35.47 -30.46
N ASP C 76 -5.41 35.51 -31.72
CA ASP C 76 -4.53 34.48 -32.29
C ASP C 76 -3.42 34.09 -31.35
N LYS C 77 -2.67 35.08 -30.87
CA LYS C 77 -1.51 34.89 -30.00
C LYS C 77 -1.78 34.08 -28.71
N GLU C 78 -2.95 34.30 -28.12
CA GLU C 78 -3.31 33.66 -26.85
C GLU C 78 -4.15 32.35 -26.95
N LEU C 79 -4.86 32.16 -28.07
CA LEU C 79 -5.75 31.02 -28.26
C LEU C 79 -5.19 29.63 -27.87
N LYS C 80 -4.07 29.21 -28.45
CA LYS C 80 -3.55 27.89 -28.14
C LYS C 80 -3.35 27.70 -26.64
N ASP C 81 -2.77 28.70 -25.95
CA ASP C 81 -2.54 28.60 -24.50
C ASP C 81 -3.84 28.76 -23.67
N VAL C 82 -4.80 29.53 -24.16
CA VAL C 82 -6.07 29.69 -23.39
C VAL C 82 -6.85 28.37 -23.36
N VAL C 83 -7.17 27.83 -24.51
CA VAL C 83 -7.84 26.54 -24.55
C VAL C 83 -7.05 25.47 -23.75
N GLN C 84 -5.74 25.38 -23.91
CA GLN C 84 -5.01 24.36 -23.11
C GLN C 84 -5.20 24.70 -21.64
N GLY C 85 -5.09 25.98 -21.32
CA GLY C 85 -5.31 26.41 -19.97
C GLY C 85 -6.68 25.99 -19.48
N PHE C 86 -7.68 26.06 -20.36
CA PHE C 86 -9.06 25.71 -19.97
C PHE C 86 -9.20 24.22 -19.73
N ARG C 87 -8.43 23.42 -20.46
CA ARG C 87 -8.44 22.00 -20.26
C ARG C 87 -8.00 21.72 -18.82
N ALA C 88 -6.87 22.30 -18.44
CA ALA C 88 -6.28 22.06 -17.12
C ALA C 88 -7.06 22.68 -15.98
N MET C 89 -7.84 23.70 -16.27
CA MET C 89 -8.71 24.30 -15.27
C MET C 89 -10.07 23.57 -15.25
N ASN C 90 -10.17 22.59 -16.15
CA ASN C 90 -11.36 21.81 -16.36
C ASN C 90 -12.64 22.67 -16.48
N LEU C 91 -12.69 23.68 -17.36
CA LEU C 91 -13.99 24.43 -17.43
C LEU C 91 -14.95 23.59 -18.25
N ARG C 92 -16.23 23.77 -17.96
CA ARG C 92 -17.31 23.07 -18.63
C ARG C 92 -17.45 23.51 -20.10
N GLY C 93 -17.17 24.77 -20.37
CA GLY C 93 -17.26 25.25 -21.75
C GLY C 93 -17.19 26.74 -21.84
N TRP C 94 -17.27 27.24 -23.05
CA TRP C 94 -17.16 28.67 -23.24
C TRP C 94 -17.62 29.03 -24.62
N ASN C 95 -17.89 30.32 -24.79
CA ASN C 95 -18.24 30.88 -26.09
C ASN C 95 -16.91 31.31 -26.76
N VAL C 96 -16.89 31.38 -28.09
CA VAL C 96 -15.73 31.82 -28.82
C VAL C 96 -16.23 32.86 -29.81
N SER C 97 -15.54 33.99 -29.95
CA SER C 97 -15.97 34.98 -30.95
C SER C 97 -14.77 35.47 -31.72
N MET C 98 -14.97 36.40 -32.64
N MET C 98 -14.97 36.37 -32.67
CA MET C 98 -13.88 36.93 -33.48
CA MET C 98 -13.86 36.86 -33.50
C MET C 98 -12.66 37.29 -32.62
C MET C 98 -12.67 37.26 -32.63
N PRO C 99 -11.44 36.98 -33.10
CA PRO C 99 -11.06 36.35 -34.37
C PRO C 99 -10.68 34.86 -34.23
N ASN C 100 -11.33 34.17 -33.30
CA ASN C 100 -10.98 32.79 -32.98
C ASN C 100 -11.87 31.66 -33.48
N LYS C 101 -13.02 31.98 -34.05
CA LYS C 101 -14.00 30.97 -34.50
C LYS C 101 -13.53 29.94 -35.54
N THR C 102 -12.70 30.37 -36.49
CA THR C 102 -12.25 29.49 -37.58
C THR C 102 -10.92 28.77 -37.31
N ASN C 103 -10.27 29.10 -36.20
CA ASN C 103 -9.00 28.48 -35.84
C ASN C 103 -9.08 27.56 -34.64
N ILE C 104 -10.07 27.77 -33.79
CA ILE C 104 -10.13 26.99 -32.56
C ILE C 104 -10.35 25.50 -32.76
N HIS C 105 -11.01 25.10 -33.84
CA HIS C 105 -11.20 23.67 -34.07
C HIS C 105 -9.85 22.97 -33.84
N LYS C 106 -8.77 23.67 -34.17
CA LYS C 106 -7.40 23.12 -34.05
C LYS C 106 -7.01 22.61 -32.67
N TYR C 107 -7.53 23.23 -31.61
CA TYR C 107 -7.17 22.82 -30.26
C TYR C 107 -8.37 22.19 -29.54
N LEU C 108 -9.29 21.64 -30.32
CA LEU C 108 -10.47 20.96 -29.81
C LEU C 108 -10.38 19.50 -30.22
N ASP C 109 -11.13 18.64 -29.54
CA ASP C 109 -11.11 17.20 -29.81
C ASP C 109 -12.17 16.78 -30.83
N LYS C 110 -13.36 17.38 -30.74
CA LYS C 110 -14.47 17.03 -31.67
C LYS C 110 -15.36 18.22 -32.10
N LEU C 111 -15.88 18.09 -33.32
CA LEU C 111 -16.76 19.10 -33.88
C LEU C 111 -18.15 18.50 -34.12
N SER C 112 -19.20 19.29 -33.84
CA SER C 112 -20.58 18.85 -34.11
C SER C 112 -20.69 18.86 -35.63
N PRO C 113 -21.63 18.08 -36.20
CA PRO C 113 -21.78 18.08 -37.65
C PRO C 113 -21.90 19.48 -38.26
N ALA C 114 -22.66 20.38 -37.65
CA ALA C 114 -22.75 21.74 -38.20
C ALA C 114 -21.41 22.51 -38.12
N ALA C 115 -20.69 22.38 -37.01
CA ALA C 115 -19.40 23.09 -36.84
C ALA C 115 -18.44 22.66 -37.93
N GLU C 116 -18.49 21.37 -38.24
CA GLU C 116 -17.69 20.76 -39.29
C GLU C 116 -18.09 21.33 -40.64
N LEU C 117 -19.40 21.37 -40.91
CA LEU C 117 -19.88 21.87 -42.21
C LEU C 117 -19.70 23.36 -42.38
N VAL C 118 -19.79 24.12 -41.31
CA VAL C 118 -19.67 25.57 -41.41
C VAL C 118 -18.23 26.05 -41.35
N GLY C 119 -17.37 25.31 -40.65
CA GLY C 119 -15.97 25.70 -40.51
C GLY C 119 -15.79 26.73 -39.41
N ALA C 120 -16.77 26.87 -38.53
CA ALA C 120 -16.65 27.81 -37.43
C ALA C 120 -17.22 27.21 -36.15
N VAL C 121 -16.68 27.69 -35.03
CA VAL C 121 -17.09 27.25 -33.71
C VAL C 121 -17.30 28.48 -32.84
N ASN C 122 -18.47 28.60 -32.22
CA ASN C 122 -18.72 29.73 -31.30
C ASN C 122 -19.03 29.24 -29.88
N THR C 123 -19.16 27.93 -29.73
CA THR C 123 -19.44 27.35 -28.46
C THR C 123 -18.66 26.04 -28.27
N VAL C 124 -17.92 25.94 -27.15
CA VAL C 124 -17.19 24.74 -26.78
C VAL C 124 -17.81 24.15 -25.50
N VAL C 125 -17.77 22.82 -25.38
CA VAL C 125 -18.29 22.15 -24.20
C VAL C 125 -17.26 21.07 -23.86
N ASN C 126 -17.06 20.84 -22.57
CA ASN C 126 -16.08 19.87 -22.06
C ASN C 126 -16.75 18.69 -21.37
N ASP C 127 -16.65 17.51 -22.00
CA ASP C 127 -17.26 16.32 -21.41
C ASP C 127 -16.16 15.36 -20.99
N ASP C 128 -15.88 15.34 -19.69
CA ASP C 128 -14.86 14.48 -19.11
C ASP C 128 -13.50 14.66 -19.84
N GLY C 129 -13.16 15.92 -20.14
CA GLY C 129 -11.90 16.26 -20.83
C GLY C 129 -11.92 16.27 -22.36
N VAL C 130 -13.05 15.91 -22.96
CA VAL C 130 -13.21 15.87 -24.42
C VAL C 130 -13.91 17.18 -24.81
N LEU C 131 -13.27 18.03 -25.59
CA LEU C 131 -13.90 19.32 -25.96
C LEU C 131 -14.63 19.20 -27.27
N THR C 132 -15.90 19.61 -27.28
CA THR C 132 -16.67 19.57 -28.53
C THR C 132 -17.03 20.97 -28.97
N GLY C 133 -16.68 21.28 -30.21
CA GLY C 133 -16.98 22.56 -30.82
C GLY C 133 -18.36 22.53 -31.45
N HIS C 134 -19.15 23.55 -31.14
CA HIS C 134 -20.51 23.70 -31.63
C HIS C 134 -20.65 25.07 -32.25
N ILE C 135 -21.72 25.26 -33.02
CA ILE C 135 -22.04 26.59 -33.60
C ILE C 135 -23.53 26.79 -33.36
N THR C 136 -23.88 27.80 -32.58
CA THR C 136 -25.27 28.00 -32.21
C THR C 136 -26.03 29.05 -33.02
N ASP C 137 -25.37 29.75 -33.93
CA ASP C 137 -26.06 30.79 -34.73
C ASP C 137 -27.27 30.26 -35.49
N GLY C 138 -27.08 29.17 -36.23
CA GLY C 138 -28.14 28.57 -37.04
C GLY C 138 -29.26 28.06 -36.18
N THR C 139 -28.91 27.37 -35.10
CA THR C 139 -29.86 26.84 -34.14
C THR C 139 -30.69 27.97 -33.56
N GLY C 140 -30.02 29.01 -33.11
CA GLY C 140 -30.69 30.19 -32.57
C GLY C 140 -31.68 30.77 -33.57
N TYR C 141 -31.22 31.00 -34.79
CA TYR C 141 -32.06 31.56 -35.83
C TYR C 141 -33.32 30.72 -36.10
N MET C 142 -33.16 29.40 -36.21
CA MET C 142 -34.26 28.47 -36.48
C MET C 142 -35.22 28.34 -35.29
N ARG C 143 -34.67 28.41 -34.08
CA ARG C 143 -35.48 28.35 -32.90
C ARG C 143 -36.31 29.61 -32.77
N ALA C 144 -35.69 30.75 -33.05
CA ALA C 144 -36.38 32.04 -32.97
C ALA C 144 -37.58 32.06 -33.91
N LEU C 145 -37.43 31.51 -35.11
CA LEU C 145 -38.53 31.46 -36.08
C LEU C 145 -39.67 30.61 -35.54
N LYS C 146 -39.34 29.42 -35.09
CA LYS C 146 -40.31 28.47 -34.54
C LYS C 146 -41.05 29.10 -33.38
N GLU C 147 -40.32 29.72 -32.45
CA GLU C 147 -40.91 30.36 -31.28
C GLU C 147 -41.87 31.47 -31.66
N ALA C 148 -41.60 32.18 -32.75
CA ALA C 148 -42.47 33.26 -33.20
C ALA C 148 -43.64 32.73 -34.04
N GLY C 149 -43.75 31.42 -34.17
CA GLY C 149 -44.84 30.79 -34.92
C GLY C 149 -44.58 30.52 -36.38
N HIS C 150 -43.37 30.77 -36.88
CA HIS C 150 -43.11 30.54 -38.30
C HIS C 150 -42.49 29.17 -38.54
N ASP C 151 -43.20 28.33 -39.29
CA ASP C 151 -42.75 26.99 -39.62
C ASP C 151 -42.17 27.00 -41.02
N ILE C 152 -40.86 26.80 -41.15
CA ILE C 152 -40.24 26.78 -42.48
C ILE C 152 -39.65 25.40 -42.80
N ILE C 153 -39.95 24.42 -41.95
CA ILE C 153 -39.49 23.05 -42.15
C ILE C 153 -40.23 22.43 -43.33
N GLY C 154 -39.49 21.77 -44.22
CA GLY C 154 -40.07 21.14 -45.42
C GLY C 154 -40.52 22.18 -46.44
N LYS C 155 -40.05 23.41 -46.26
CA LYS C 155 -40.46 24.51 -47.14
C LYS C 155 -39.27 25.19 -47.81
N LYS C 156 -39.55 26.21 -48.61
CA LYS C 156 -38.53 26.95 -49.34
C LYS C 156 -38.20 28.32 -48.73
N MET C 157 -36.90 28.57 -48.55
CA MET C 157 -36.37 29.83 -48.03
C MET C 157 -35.41 30.47 -49.05
N THR C 158 -35.46 31.80 -49.16
CA THR C 158 -34.55 32.56 -49.99
C THR C 158 -33.78 33.41 -48.98
N ILE C 159 -32.45 33.33 -49.04
CA ILE C 159 -31.65 34.06 -48.09
C ILE C 159 -30.52 34.86 -48.73
N CYS C 160 -30.25 36.03 -48.16
CA CYS C 160 -29.19 36.92 -48.62
C CYS C 160 -28.01 36.77 -47.69
N GLY C 161 -26.84 36.47 -48.25
CA GLY C 161 -25.67 36.32 -47.44
C GLY C 161 -24.85 35.06 -47.65
N ALA C 162 -23.59 35.15 -47.25
CA ALA C 162 -22.64 34.04 -47.36
C ALA C 162 -21.48 34.20 -46.38
N GLY C 163 -21.71 34.98 -45.33
CA GLY C 163 -20.71 35.22 -44.28
C GLY C 163 -20.90 34.18 -43.22
N GLY C 164 -20.35 34.40 -42.04
CA GLY C 164 -20.51 33.41 -40.98
C GLY C 164 -21.97 33.14 -40.62
N ALA C 165 -22.73 34.20 -40.44
CA ALA C 165 -24.12 34.08 -40.07
C ALA C 165 -24.95 33.35 -41.12
N ALA C 166 -24.89 33.81 -42.36
CA ALA C 166 -25.67 33.19 -43.41
C ALA C 166 -25.26 31.73 -43.60
N THR C 167 -23.98 31.44 -43.40
CA THR C 167 -23.52 30.07 -43.58
C THR C 167 -24.06 29.13 -42.50
N ALA C 168 -24.01 29.58 -41.24
CA ALA C 168 -24.53 28.76 -40.13
C ALA C 168 -26.03 28.53 -40.32
N ILE C 169 -26.73 29.58 -40.75
CA ILE C 169 -28.16 29.48 -40.97
C ILE C 169 -28.48 28.48 -42.05
N CYS C 170 -27.88 28.65 -43.21
CA CYS C 170 -28.12 27.76 -44.34
C CYS C 170 -27.79 26.32 -43.99
N ILE C 171 -26.68 26.12 -43.32
CA ILE C 171 -26.28 24.79 -42.93
C ILE C 171 -27.22 24.21 -41.87
N GLN C 172 -27.55 25.00 -40.86
CA GLN C 172 -28.43 24.47 -39.85
C GLN C 172 -29.83 24.26 -40.43
N ALA C 173 -30.25 25.19 -41.28
CA ALA C 173 -31.57 25.11 -41.91
C ALA C 173 -31.67 23.82 -42.70
N ALA C 174 -30.61 23.51 -43.43
CA ALA C 174 -30.60 22.28 -44.22
C ALA C 174 -30.67 21.05 -43.31
N LEU C 175 -29.92 21.07 -42.21
CA LEU C 175 -29.90 19.95 -41.27
C LEU C 175 -31.23 19.76 -40.54
N ASP C 176 -31.88 20.87 -40.22
CA ASP C 176 -33.16 20.80 -39.53
C ASP C 176 -34.28 20.32 -40.45
N GLY C 177 -34.06 20.34 -41.75
CA GLY C 177 -35.07 19.87 -42.68
C GLY C 177 -35.73 20.89 -43.59
N VAL C 178 -35.10 22.03 -43.78
CA VAL C 178 -35.64 23.01 -44.72
C VAL C 178 -35.52 22.31 -46.06
N LYS C 179 -36.58 22.30 -46.86
CA LYS C 179 -36.53 21.60 -48.16
C LYS C 179 -35.64 22.27 -49.22
N GLU C 180 -35.82 23.59 -49.44
CA GLU C 180 -35.04 24.33 -50.44
C GLU C 180 -34.52 25.66 -49.97
N ILE C 181 -33.30 25.97 -50.38
CA ILE C 181 -32.69 27.24 -50.01
C ILE C 181 -32.09 27.87 -51.26
N SER C 182 -32.50 29.11 -51.53
CA SER C 182 -31.95 29.85 -52.66
C SER C 182 -31.12 30.94 -52.04
N ILE C 183 -29.81 30.85 -52.25
CA ILE C 183 -28.89 31.82 -51.68
C ILE C 183 -28.56 32.86 -52.71
N PHE C 184 -28.65 34.11 -52.29
CA PHE C 184 -28.29 35.23 -53.11
C PHE C 184 -27.16 35.97 -52.40
N ASN C 185 -26.12 36.29 -53.14
CA ASN C 185 -24.99 37.02 -52.59
C ASN C 185 -24.27 37.72 -53.72
N ARG C 186 -23.64 38.84 -53.41
CA ARG C 186 -22.94 39.58 -54.43
C ARG C 186 -21.66 38.87 -54.82
N LYS C 187 -21.07 39.31 -55.91
CA LYS C 187 -19.83 38.75 -56.37
C LYS C 187 -18.65 39.36 -55.61
N ASP C 188 -18.54 39.06 -54.31
CA ASP C 188 -17.42 39.54 -53.53
C ASP C 188 -16.60 38.32 -53.09
N ASP C 189 -15.75 38.49 -52.07
CA ASP C 189 -14.89 37.42 -51.58
C ASP C 189 -15.66 36.25 -51.00
N PHE C 190 -16.92 36.48 -50.62
CA PHE C 190 -17.75 35.46 -50.02
C PHE C 190 -18.50 34.56 -51.01
N TYR C 191 -18.54 34.95 -52.28
CA TYR C 191 -19.29 34.19 -53.26
C TYR C 191 -18.79 32.75 -53.30
N ALA C 192 -17.45 32.56 -53.32
CA ALA C 192 -16.83 31.22 -53.36
C ALA C 192 -17.20 30.38 -52.15
N ASN C 193 -17.33 31.02 -50.98
CA ASN C 193 -17.75 30.30 -49.79
C ASN C 193 -19.18 29.80 -50.01
N ALA C 194 -20.01 30.67 -50.58
CA ALA C 194 -21.41 30.33 -50.86
C ALA C 194 -21.47 29.09 -51.74
N GLU C 195 -20.53 28.96 -52.67
CA GLU C 195 -20.49 27.80 -53.55
C GLU C 195 -20.19 26.53 -52.75
N LYS C 196 -19.29 26.64 -51.78
CA LYS C 196 -18.97 25.50 -50.94
C LYS C 196 -20.26 25.14 -50.25
N THR C 197 -20.89 26.14 -49.63
CA THR C 197 -22.13 25.91 -48.89
C THR C 197 -23.18 25.14 -49.71
N VAL C 198 -23.40 25.54 -50.97
CA VAL C 198 -24.36 24.86 -51.84
C VAL C 198 -23.95 23.42 -52.00
N GLU C 199 -22.69 23.23 -52.35
CA GLU C 199 -22.13 21.91 -52.56
C GLU C 199 -22.27 21.02 -51.34
N LYS C 200 -21.83 21.50 -50.19
CA LYS C 200 -21.87 20.68 -49.00
C LYS C 200 -23.33 20.40 -48.58
N ILE C 201 -24.23 21.39 -48.74
CA ILE C 201 -25.65 21.16 -48.44
C ILE C 201 -26.23 20.05 -49.32
N ASN C 202 -25.89 20.07 -50.59
CA ASN C 202 -26.42 19.07 -51.50
C ASN C 202 -25.78 17.71 -51.33
N SER C 203 -24.46 17.67 -51.16
CA SER C 203 -23.75 16.40 -51.03
C SER C 203 -23.89 15.74 -49.67
N LYS C 204 -24.14 16.52 -48.62
CA LYS C 204 -24.25 15.96 -47.27
C LYS C 204 -25.60 16.09 -46.54
N THR C 205 -26.64 16.58 -47.23
CA THR C 205 -28.00 16.71 -46.65
C THR C 205 -29.08 16.45 -47.70
N ASP C 206 -30.32 16.39 -47.21
CA ASP C 206 -31.51 16.15 -48.06
C ASP C 206 -32.05 17.44 -48.64
N CYS C 207 -31.48 18.57 -48.22
CA CYS C 207 -31.92 19.86 -48.70
C CYS C 207 -31.28 20.18 -50.05
N LYS C 208 -32.01 20.85 -50.93
CA LYS C 208 -31.46 21.28 -52.24
C LYS C 208 -31.18 22.79 -52.20
N ALA C 209 -29.92 23.14 -52.48
CA ALA C 209 -29.48 24.51 -52.45
C ALA C 209 -28.92 24.95 -53.79
N GLN C 210 -29.12 26.24 -54.07
CA GLN C 210 -28.61 26.85 -55.29
C GLN C 210 -28.21 28.30 -54.96
N LEU C 211 -27.25 28.82 -55.71
CA LEU C 211 -26.70 30.15 -55.52
C LEU C 211 -26.97 31.06 -56.71
N PHE C 212 -27.24 32.33 -56.41
CA PHE C 212 -27.48 33.35 -57.43
C PHE C 212 -26.91 34.69 -57.00
N ASP C 213 -26.57 35.49 -58.01
CA ASP C 213 -26.07 36.81 -57.84
C ASP C 213 -27.23 37.67 -57.37
N ILE C 214 -26.98 38.48 -56.36
CA ILE C 214 -27.96 39.39 -55.82
C ILE C 214 -28.36 40.42 -56.89
N GLU C 215 -27.47 40.69 -57.84
CA GLU C 215 -27.78 41.62 -58.94
C GLU C 215 -28.79 41.03 -59.94
N ASP C 216 -29.06 39.72 -59.87
CA ASP C 216 -30.04 39.07 -60.75
C ASP C 216 -31.41 39.29 -60.13
N HIS C 217 -31.99 40.47 -60.39
N HIS C 217 -31.97 40.47 -60.39
CA HIS C 217 -33.27 40.84 -59.81
CA HIS C 217 -33.26 40.89 -59.87
C HIS C 217 -34.43 39.93 -60.24
C HIS C 217 -34.43 39.98 -60.27
N GLU C 218 -34.44 39.53 -61.52
CA GLU C 218 -35.50 38.65 -62.02
C GLU C 218 -35.56 37.32 -61.28
N GLN C 219 -34.41 36.72 -61.02
CA GLN C 219 -34.39 35.45 -60.31
C GLN C 219 -34.81 35.67 -58.85
N LEU C 220 -34.46 36.83 -58.30
CA LEU C 220 -34.80 37.13 -56.92
C LEU C 220 -36.30 37.18 -56.69
N ARG C 221 -37.03 37.90 -57.54
N ARG C 221 -37.03 37.91 -57.53
CA ARG C 221 -38.48 37.99 -57.38
CA ARG C 221 -38.49 37.99 -57.39
C ARG C 221 -39.10 36.60 -57.57
C ARG C 221 -39.12 36.62 -57.59
N LYS C 222 -38.52 35.81 -58.46
CA LYS C 222 -39.00 34.44 -58.72
C LYS C 222 -38.77 33.54 -57.52
N GLU C 223 -37.62 33.66 -56.88
CA GLU C 223 -37.33 32.83 -55.71
C GLU C 223 -38.18 33.23 -54.52
N ILE C 224 -38.24 34.54 -54.25
CA ILE C 224 -39.06 35.07 -53.16
C ILE C 224 -40.50 34.66 -53.35
N ALA C 225 -41.00 34.77 -54.58
CA ALA C 225 -42.39 34.41 -54.86
C ALA C 225 -42.68 32.97 -54.49
N GLU C 226 -41.69 32.10 -54.65
CA GLU C 226 -41.80 30.65 -54.37
C GLU C 226 -41.41 30.26 -52.94
N SER C 227 -41.01 31.23 -52.12
CA SER C 227 -40.55 30.98 -50.74
C SER C 227 -41.54 31.44 -49.67
N VAL C 228 -41.50 30.79 -48.52
CA VAL C 228 -42.37 31.15 -47.40
C VAL C 228 -41.68 32.25 -46.59
N ILE C 229 -40.38 32.36 -46.74
CA ILE C 229 -39.61 33.34 -45.99
C ILE C 229 -38.48 33.91 -46.83
N PHE C 230 -38.21 35.19 -46.61
CA PHE C 230 -37.12 35.88 -47.27
C PHE C 230 -36.26 36.39 -46.14
N THR C 231 -34.98 36.03 -46.15
CA THR C 231 -34.11 36.42 -45.06
C THR C 231 -32.88 37.16 -45.45
N ASN C 232 -32.59 38.20 -44.68
CA ASN C 232 -31.36 38.91 -44.87
C ASN C 232 -30.40 38.40 -43.80
N ALA C 233 -29.27 37.88 -44.24
CA ALA C 233 -28.22 37.39 -43.36
C ALA C 233 -26.89 38.11 -43.68
N THR C 234 -26.96 39.33 -44.23
CA THR C 234 -25.78 40.14 -44.49
C THR C 234 -25.82 41.28 -43.46
N GLY C 235 -24.79 42.12 -43.46
CA GLY C 235 -24.76 43.24 -42.54
C GLY C 235 -25.48 44.48 -43.04
N VAL C 236 -26.05 44.40 -44.25
CA VAL C 236 -26.79 45.53 -44.84
C VAL C 236 -28.01 45.79 -43.97
N GLY C 237 -28.20 47.04 -43.59
CA GLY C 237 -29.29 47.43 -42.68
C GLY C 237 -28.74 47.81 -41.31
N MET C 238 -27.51 47.38 -41.04
CA MET C 238 -26.83 47.67 -39.78
C MET C 238 -25.57 48.45 -40.09
N LYS C 239 -25.20 49.33 -39.16
CA LYS C 239 -24.00 50.12 -39.32
C LYS C 239 -22.93 49.18 -39.84
N PRO C 240 -22.14 49.61 -40.83
CA PRO C 240 -22.11 50.88 -41.55
C PRO C 240 -23.07 50.99 -42.74
N PHE C 241 -24.06 50.09 -42.82
CA PHE C 241 -25.03 50.09 -43.91
C PHE C 241 -26.40 50.36 -43.38
N GLU C 242 -26.49 51.21 -42.36
CA GLU C 242 -27.79 51.49 -41.78
C GLU C 242 -28.57 52.40 -42.71
N GLY C 243 -29.83 52.04 -42.94
CA GLY C 243 -30.69 52.80 -43.81
C GLY C 243 -30.62 52.26 -45.23
N GLU C 244 -29.83 51.21 -45.44
CA GLU C 244 -29.75 50.60 -46.75
C GLU C 244 -30.43 49.25 -46.73
N THR C 245 -30.89 48.82 -47.89
CA THR C 245 -31.52 47.52 -48.02
C THR C 245 -31.08 46.90 -49.31
N LEU C 246 -30.99 45.57 -49.34
CA LEU C 246 -30.61 44.86 -50.58
C LEU C 246 -31.82 44.53 -51.43
N LEU C 247 -33.01 44.74 -50.87
CA LEU C 247 -34.26 44.50 -51.56
C LEU C 247 -34.44 45.55 -52.66
N PRO C 248 -34.54 45.11 -53.94
CA PRO C 248 -34.70 46.00 -55.08
C PRO C 248 -36.03 46.75 -55.11
N SER C 249 -37.13 46.06 -54.87
CA SER C 249 -38.42 46.72 -54.84
C SER C 249 -39.42 46.09 -53.89
N ALA C 250 -40.21 46.96 -53.28
CA ALA C 250 -41.23 46.55 -52.34
C ALA C 250 -42.22 45.54 -52.94
N ASP C 251 -42.44 45.61 -54.26
CA ASP C 251 -43.39 44.69 -54.92
C ASP C 251 -42.87 43.26 -55.09
N MET C 252 -41.70 42.94 -54.57
CA MET C 252 -41.21 41.56 -54.61
C MET C 252 -41.77 40.79 -53.40
N LEU C 253 -42.23 41.55 -52.41
CA LEU C 253 -42.81 40.98 -51.21
C LEU C 253 -44.30 40.81 -51.41
N ARG C 254 -44.94 40.13 -50.47
CA ARG C 254 -46.37 39.93 -50.49
C ARG C 254 -46.80 39.75 -49.03
N PRO C 255 -48.08 40.01 -48.73
CA PRO C 255 -48.58 39.89 -47.37
C PRO C 255 -48.19 38.59 -46.67
N GLU C 256 -48.42 37.44 -47.30
CA GLU C 256 -48.11 36.13 -46.72
C GLU C 256 -46.67 35.92 -46.33
N LEU C 257 -45.75 36.39 -47.16
CA LEU C 257 -44.33 36.20 -46.94
C LEU C 257 -43.90 36.58 -45.53
N ILE C 258 -42.98 35.79 -44.99
CA ILE C 258 -42.37 36.09 -43.71
C ILE C 258 -41.06 36.77 -44.07
N VAL C 259 -40.81 37.95 -43.50
CA VAL C 259 -39.55 38.65 -43.80
C VAL C 259 -38.69 38.70 -42.55
N SER C 260 -37.53 38.06 -42.63
CA SER C 260 -36.59 37.93 -41.51
C SER C 260 -35.29 38.70 -41.71
N ASP C 261 -34.76 39.23 -40.63
CA ASP C 261 -33.49 39.93 -40.70
C ASP C 261 -32.66 39.51 -39.50
N VAL C 262 -31.37 39.25 -39.70
CA VAL C 262 -30.46 38.85 -38.62
C VAL C 262 -30.07 40.07 -37.82
N VAL C 263 -30.26 41.24 -38.40
CA VAL C 263 -29.94 42.49 -37.72
C VAL C 263 -31.03 42.81 -36.67
N TYR C 264 -30.63 43.36 -35.53
CA TYR C 264 -31.59 43.76 -34.48
C TYR C 264 -31.23 45.10 -33.86
N LYS C 265 -30.12 45.69 -34.29
CA LYS C 265 -29.72 47.03 -33.89
C LYS C 265 -29.35 47.68 -35.23
N PRO C 266 -30.26 48.49 -35.79
CA PRO C 266 -31.59 48.92 -35.31
C PRO C 266 -32.60 47.80 -35.20
N THR C 267 -33.66 48.04 -34.44
N THR C 267 -33.66 48.01 -34.43
CA THR C 267 -34.72 47.07 -34.24
CA THR C 267 -34.69 46.97 -34.27
C THR C 267 -35.44 46.76 -35.56
C THR C 267 -35.43 46.73 -35.60
N LYS C 268 -35.53 47.76 -36.43
CA LYS C 268 -36.19 47.63 -37.72
C LYS C 268 -35.30 48.15 -38.83
N THR C 269 -34.68 47.25 -39.58
CA THR C 269 -33.85 47.67 -40.71
C THR C 269 -34.81 48.20 -41.75
N ARG C 270 -34.27 48.82 -42.80
CA ARG C 270 -35.10 49.35 -43.89
C ARG C 270 -35.89 48.20 -44.51
N LEU C 271 -35.26 47.02 -44.57
CA LEU C 271 -35.91 45.83 -45.11
C LEU C 271 -37.18 45.55 -44.35
N LEU C 272 -37.07 45.51 -43.02
CA LEU C 272 -38.23 45.23 -42.19
C LEU C 272 -39.26 46.36 -42.21
N GLU C 273 -38.82 47.61 -42.39
CA GLU C 273 -39.78 48.74 -42.48
C GLU C 273 -40.62 48.58 -43.74
N ILE C 274 -39.95 48.25 -44.83
CA ILE C 274 -40.60 48.03 -46.11
C ILE C 274 -41.56 46.84 -46.02
N ALA C 275 -41.08 45.72 -45.48
CA ALA C 275 -41.90 44.51 -45.33
C ALA C 275 -43.19 44.81 -44.60
N GLU C 276 -43.04 45.54 -43.51
CA GLU C 276 -44.13 45.92 -42.64
C GLU C 276 -45.13 46.78 -43.44
N GLU C 277 -44.62 47.76 -44.18
CA GLU C 277 -45.48 48.63 -45.00
C GLU C 277 -46.22 47.78 -46.02
N GLN C 278 -45.59 46.69 -46.47
CA GLN C 278 -46.21 45.80 -47.45
C GLN C 278 -47.15 44.74 -46.86
N GLY C 279 -47.44 44.86 -45.57
CA GLY C 279 -48.34 43.94 -44.87
C GLY C 279 -47.74 42.60 -44.42
N CYS C 280 -46.41 42.46 -44.53
CA CYS C 280 -45.76 41.21 -44.16
C CYS C 280 -45.57 41.03 -42.67
N GLN C 281 -45.37 39.78 -42.28
CA GLN C 281 -45.01 39.45 -40.90
C GLN C 281 -43.50 39.60 -40.89
N THR C 282 -42.97 40.19 -39.82
CA THR C 282 -41.54 40.45 -39.74
C THR C 282 -40.92 39.97 -38.45
N LEU C 283 -39.62 39.70 -38.51
CA LEU C 283 -38.90 39.25 -37.37
C LEU C 283 -37.45 39.73 -37.45
N ASN C 284 -37.03 40.57 -36.50
CA ASN C 284 -35.66 41.04 -36.52
C ASN C 284 -34.78 39.94 -35.90
N GLY C 285 -33.49 40.20 -35.73
CA GLY C 285 -32.60 39.18 -35.19
C GLY C 285 -32.48 39.06 -33.67
N LEU C 286 -33.40 39.65 -32.92
CA LEU C 286 -33.35 39.60 -31.47
C LEU C 286 -33.52 38.16 -30.96
N GLY C 287 -34.58 37.50 -31.41
CA GLY C 287 -34.83 36.13 -31.01
C GLY C 287 -33.61 35.29 -31.33
N MET C 288 -33.04 35.52 -32.51
CA MET C 288 -31.85 34.77 -32.89
C MET C 288 -30.80 34.85 -31.81
N MET C 289 -30.42 36.06 -31.36
CA MET C 289 -29.33 36.13 -30.37
C MET C 289 -29.73 35.52 -29.04
N LEU C 290 -30.97 35.70 -28.62
CA LEU C 290 -31.41 35.10 -27.37
C LEU C 290 -31.32 33.58 -27.42
N TRP C 291 -31.97 33.01 -28.44
CA TRP C 291 -31.99 31.58 -28.60
C TRP C 291 -30.63 30.96 -28.92
N GLN C 292 -29.69 31.71 -29.47
CA GLN C 292 -28.38 31.09 -29.75
C GLN C 292 -27.66 31.00 -28.43
N GLY C 293 -27.91 32.00 -27.57
CA GLY C 293 -27.35 31.98 -26.24
C GLY C 293 -27.95 30.81 -25.48
N ALA C 294 -29.28 30.70 -25.52
CA ALA C 294 -30.00 29.63 -24.86
C ALA C 294 -29.50 28.24 -25.30
N LYS C 295 -29.12 28.11 -26.56
CA LYS C 295 -28.61 26.87 -27.02
C LYS C 295 -27.31 26.64 -26.26
N ALA C 296 -26.45 27.67 -26.23
CA ALA C 296 -25.19 27.62 -25.48
C ALA C 296 -25.48 27.21 -24.01
N PHE C 297 -26.38 27.93 -23.37
CA PHE C 297 -26.76 27.68 -21.98
C PHE C 297 -27.21 26.23 -21.73
N GLU C 298 -28.01 25.69 -22.64
CA GLU C 298 -28.50 24.33 -22.52
C GLU C 298 -27.39 23.31 -22.77
N ILE C 299 -26.48 23.60 -23.69
CA ILE C 299 -25.36 22.70 -23.96
C ILE C 299 -24.48 22.50 -22.73
N TRP C 300 -24.22 23.58 -22.00
CA TRP C 300 -23.37 23.50 -20.84
C TRP C 300 -24.09 22.94 -19.62
N THR C 301 -25.37 23.30 -19.44
CA THR C 301 -26.12 22.90 -18.25
C THR C 301 -27.20 21.81 -18.35
N HIS C 302 -27.77 21.62 -19.52
CA HIS C 302 -28.86 20.67 -19.69
C HIS C 302 -30.09 21.21 -18.96
N LYS C 303 -30.14 22.55 -18.92
CA LYS C 303 -31.25 23.26 -18.35
C LYS C 303 -31.65 24.24 -19.44
N GLU C 304 -32.92 24.56 -19.52
CA GLU C 304 -33.37 25.50 -20.52
C GLU C 304 -33.28 26.89 -19.98
N MET C 305 -32.69 27.79 -20.75
CA MET C 305 -32.59 29.19 -20.34
C MET C 305 -33.98 29.81 -20.29
N PRO C 306 -34.26 30.66 -19.30
CA PRO C 306 -35.57 31.30 -19.27
C PRO C 306 -35.58 32.55 -20.18
N VAL C 307 -35.68 32.32 -21.49
CA VAL C 307 -35.62 33.38 -22.50
C VAL C 307 -36.61 34.51 -22.24
N ASP C 308 -37.86 34.18 -21.99
CA ASP C 308 -38.82 35.23 -21.69
C ASP C 308 -38.21 36.13 -20.60
N TYR C 309 -37.84 35.54 -19.46
CA TYR C 309 -37.27 36.30 -18.34
C TYR C 309 -36.09 37.19 -18.72
N ILE C 310 -35.12 36.59 -19.40
CA ILE C 310 -33.94 37.34 -19.80
C ILE C 310 -34.26 38.45 -20.79
N LYS C 311 -35.28 38.24 -21.62
CA LYS C 311 -35.67 39.25 -22.59
C LYS C 311 -36.23 40.44 -21.81
N GLU C 312 -37.03 40.17 -20.79
CA GLU C 312 -37.57 41.25 -19.97
C GLU C 312 -36.45 42.04 -19.30
N ILE C 313 -35.22 41.49 -19.23
CA ILE C 313 -34.16 42.26 -18.57
C ILE C 313 -33.29 43.01 -19.57
N LEU C 314 -32.96 42.35 -20.68
CA LEU C 314 -32.21 42.99 -21.73
C LEU C 314 -33.26 43.73 -22.58
N PHE C 315 -32.94 44.93 -23.06
CA PHE C 315 -33.85 45.70 -23.93
C PHE C 315 -35.14 46.07 -23.19
N ASN D 27 -38.56 43.77 -13.53
CA ASN D 27 -37.20 43.20 -13.40
C ASN D 27 -36.17 44.00 -14.22
N LYS D 28 -34.94 44.07 -13.72
CA LYS D 28 -33.83 44.78 -14.39
C LYS D 28 -32.53 44.04 -14.06
N ILE D 29 -31.40 44.56 -14.54
CA ILE D 29 -30.10 43.96 -14.28
C ILE D 29 -29.63 44.04 -12.82
N THR D 30 -29.54 42.89 -12.15
CA THR D 30 -29.05 42.81 -10.76
C THR D 30 -27.68 42.08 -10.69
N GLU D 31 -27.24 41.52 -11.80
CA GLU D 31 -25.94 40.83 -11.80
C GLU D 31 -24.88 41.86 -12.13
N ARG D 32 -23.95 42.05 -11.21
CA ARG D 32 -22.88 43.00 -11.40
C ARG D 32 -21.78 42.47 -12.35
N ILE D 33 -21.84 41.22 -12.74
CA ILE D 33 -20.77 40.63 -13.62
C ILE D 33 -21.12 40.77 -15.09
N THR D 34 -20.30 41.55 -15.79
CA THR D 34 -20.46 41.85 -17.22
C THR D 34 -19.17 41.44 -17.95
N GLY D 35 -19.07 41.85 -19.22
CA GLY D 35 -17.90 41.61 -20.01
C GLY D 35 -16.71 42.42 -19.51
N HIS D 36 -16.92 43.48 -18.73
CA HIS D 36 -15.80 44.27 -18.23
C HIS D 36 -15.18 43.64 -16.97
N THR D 37 -15.93 42.77 -16.31
CA THR D 37 -15.49 42.14 -15.07
C THR D 37 -14.22 41.25 -15.24
N GLU D 38 -13.22 41.49 -14.39
CA GLU D 38 -11.97 40.73 -14.44
C GLU D 38 -11.85 39.65 -13.38
N LEU D 39 -11.01 38.67 -13.64
CA LEU D 39 -10.85 37.52 -12.78
C LEU D 39 -9.61 37.43 -11.93
N ILE D 40 -9.81 37.07 -10.67
CA ILE D 40 -8.70 36.80 -9.76
C ILE D 40 -8.96 35.34 -9.44
N GLY D 41 -7.91 34.51 -9.48
CA GLY D 41 -8.10 33.11 -9.22
C GLY D 41 -7.55 32.60 -7.89
N LEU D 42 -7.81 31.32 -7.64
CA LEU D 42 -7.31 30.57 -6.48
C LEU D 42 -7.06 29.19 -7.01
N ILE D 43 -5.79 28.80 -7.10
CA ILE D 43 -5.41 27.51 -7.62
C ILE D 43 -4.84 26.61 -6.52
N ALA D 44 -5.50 25.48 -6.33
CA ALA D 44 -5.13 24.51 -5.32
C ALA D 44 -6.06 23.31 -5.47
N THR D 45 -5.83 22.28 -4.67
CA THR D 45 -6.71 21.12 -4.65
C THR D 45 -6.38 20.27 -3.43
N PRO D 46 -7.37 19.97 -2.58
CA PRO D 46 -8.76 20.39 -2.68
C PRO D 46 -8.86 21.89 -2.44
N ILE D 47 -9.97 22.51 -2.83
CA ILE D 47 -10.10 23.95 -2.64
C ILE D 47 -11.51 24.53 -2.66
N ARG D 48 -12.48 23.79 -3.20
CA ARG D 48 -13.84 24.35 -3.32
C ARG D 48 -14.58 24.73 -2.02
N HIS D 49 -14.08 24.29 -0.86
N HIS D 49 -14.03 24.29 -0.89
CA HIS D 49 -14.69 24.67 0.40
CA HIS D 49 -14.56 24.59 0.42
C HIS D 49 -14.11 25.97 0.95
C HIS D 49 -14.12 25.96 0.92
N SER D 50 -13.05 26.47 0.32
CA SER D 50 -12.46 27.75 0.72
C SER D 50 -13.48 28.87 0.90
N LEU D 51 -13.21 29.73 1.88
CA LEU D 51 -14.07 30.88 2.13
C LEU D 51 -13.46 32.13 1.54
N SER D 52 -12.27 32.01 0.96
CA SER D 52 -11.62 33.17 0.38
C SER D 52 -12.42 33.80 -0.75
N PRO D 53 -12.99 32.99 -1.66
CA PRO D 53 -13.76 33.62 -2.72
C PRO D 53 -14.84 34.55 -2.19
N THR D 54 -15.48 34.16 -1.08
CA THR D 54 -16.53 34.96 -0.44
C THR D 54 -15.95 36.21 0.20
N MET D 55 -14.71 36.10 0.72
CA MET D 55 -14.05 37.26 1.27
C MET D 55 -13.75 38.29 0.16
N HIS D 56 -13.09 37.87 -0.90
CA HIS D 56 -12.74 38.79 -1.97
C HIS D 56 -13.92 39.32 -2.77
N ASN D 57 -14.90 38.47 -3.01
CA ASN D 57 -16.07 38.92 -3.74
C ASN D 57 -16.90 39.93 -2.97
N GLU D 58 -17.02 39.76 -1.67
CA GLU D 58 -17.76 40.70 -0.85
C GLU D 58 -17.01 42.05 -0.81
N ALA D 59 -15.69 41.99 -0.70
CA ALA D 59 -14.86 43.19 -0.69
C ALA D 59 -14.93 43.90 -2.05
N PHE D 60 -14.87 43.13 -3.15
CA PHE D 60 -14.98 43.78 -4.46
C PHE D 60 -16.34 44.47 -4.57
N ALA D 61 -17.41 43.72 -4.32
CA ALA D 61 -18.78 44.26 -4.37
C ALA D 61 -18.91 45.53 -3.54
N LYS D 62 -18.46 45.45 -2.29
CA LYS D 62 -18.52 46.56 -1.35
C LYS D 62 -17.86 47.84 -1.87
N LEU D 63 -16.67 47.72 -2.45
CA LEU D 63 -15.93 48.88 -2.95
C LEU D 63 -16.24 49.26 -4.39
N GLY D 64 -17.03 48.44 -5.07
CA GLY D 64 -17.41 48.71 -6.44
C GLY D 64 -16.29 48.40 -7.41
N LEU D 65 -15.43 47.45 -7.07
CA LEU D 65 -14.33 47.05 -7.95
C LEU D 65 -14.87 45.93 -8.85
N ASP D 66 -14.66 46.06 -10.16
CA ASP D 66 -15.20 45.13 -11.12
C ASP D 66 -14.32 43.88 -11.30
N TYR D 67 -14.29 43.07 -10.25
CA TYR D 67 -13.55 41.81 -10.23
C TYR D 67 -14.43 40.75 -9.58
N VAL D 68 -14.07 39.51 -9.84
CA VAL D 68 -14.67 38.35 -9.22
C VAL D 68 -13.51 37.41 -8.97
N TYR D 69 -13.59 36.71 -7.87
CA TYR D 69 -12.59 35.74 -7.41
C TYR D 69 -13.20 34.36 -7.52
N LEU D 70 -12.50 33.45 -8.22
CA LEU D 70 -12.99 32.08 -8.35
C LEU D 70 -11.89 31.13 -8.01
N ALA D 71 -12.29 29.92 -7.60
CA ALA D 71 -11.36 28.88 -7.25
C ALA D 71 -11.36 27.85 -8.35
N PHE D 72 -10.20 27.25 -8.57
CA PHE D 72 -10.02 26.18 -9.53
C PHE D 72 -9.19 25.06 -8.91
N GLU D 73 -9.56 23.82 -9.19
CA GLU D 73 -8.90 22.66 -8.67
C GLU D 73 -7.65 22.37 -9.48
N VAL D 74 -6.52 22.85 -9.01
CA VAL D 74 -5.25 22.71 -9.72
C VAL D 74 -4.20 22.04 -8.86
N GLY D 75 -3.60 20.98 -9.38
CA GLY D 75 -2.56 20.23 -8.68
C GLY D 75 -1.26 20.14 -9.47
N ASP D 76 -0.37 19.25 -9.04
CA ASP D 76 0.90 19.10 -9.73
C ASP D 76 0.66 19.00 -11.22
N LYS D 77 -0.22 18.08 -11.57
CA LYS D 77 -0.53 17.76 -12.94
C LYS D 77 -0.92 18.93 -13.82
N GLU D 78 -1.77 19.84 -13.32
CA GLU D 78 -2.26 20.95 -14.12
C GLU D 78 -1.56 22.30 -13.92
N LEU D 79 -0.80 22.44 -12.83
CA LEU D 79 -0.23 23.74 -12.47
C LEU D 79 0.45 24.50 -13.58
N LYS D 80 1.27 23.84 -14.40
CA LYS D 80 1.98 24.53 -15.48
C LYS D 80 1.03 25.14 -16.51
N ASP D 81 0.14 24.33 -17.07
CA ASP D 81 -0.81 24.84 -18.06
C ASP D 81 -1.71 25.96 -17.49
N VAL D 82 -2.09 25.84 -16.22
CA VAL D 82 -2.97 26.86 -15.61
C VAL D 82 -2.20 28.17 -15.52
N VAL D 83 -0.92 28.13 -15.18
CA VAL D 83 -0.19 29.37 -15.09
C VAL D 83 0.03 29.95 -16.48
N GLN D 84 0.41 29.11 -17.43
CA GLN D 84 0.60 29.61 -18.79
C GLN D 84 -0.76 30.19 -19.24
N GLY D 85 -1.84 29.47 -18.97
CA GLY D 85 -3.19 29.93 -19.36
C GLY D 85 -3.51 31.30 -18.82
N PHE D 86 -3.26 31.47 -17.53
CA PHE D 86 -3.48 32.73 -16.81
C PHE D 86 -2.69 33.88 -17.44
N ARG D 87 -1.51 33.59 -17.96
CA ARG D 87 -0.74 34.63 -18.61
C ARG D 87 -1.49 35.01 -19.87
N ALA D 88 -1.86 33.98 -20.64
CA ALA D 88 -2.58 34.14 -21.90
C ALA D 88 -3.87 34.93 -21.72
N MET D 89 -4.54 34.71 -20.59
CA MET D 89 -5.81 35.38 -20.22
C MET D 89 -5.56 36.77 -19.60
N ASN D 90 -4.31 37.07 -19.33
CA ASN D 90 -3.90 38.32 -18.72
C ASN D 90 -4.59 38.59 -17.37
N LEU D 91 -4.64 37.59 -16.49
CA LEU D 91 -5.27 37.78 -15.16
C LEU D 91 -4.40 38.70 -14.33
N ARG D 92 -5.04 39.52 -13.53
CA ARG D 92 -4.35 40.46 -12.68
C ARG D 92 -3.51 39.69 -11.68
N GLY D 93 -4.09 38.63 -11.12
CA GLY D 93 -3.36 37.80 -10.18
C GLY D 93 -4.23 36.68 -9.63
N TRP D 94 -3.71 36.00 -8.61
CA TRP D 94 -4.44 34.92 -7.98
C TRP D 94 -3.74 34.41 -6.73
N ASN D 95 -4.50 33.70 -5.89
CA ASN D 95 -3.92 33.07 -4.71
C ASN D 95 -3.52 31.66 -5.07
N VAL D 96 -2.62 31.11 -4.30
CA VAL D 96 -2.19 29.74 -4.50
C VAL D 96 -2.29 29.05 -3.16
N SER D 97 -2.59 27.75 -3.16
CA SER D 97 -2.64 26.98 -1.92
C SER D 97 -2.15 25.58 -2.23
N MET D 98 -2.05 24.74 -1.22
CA MET D 98 -1.56 23.38 -1.43
C MET D 98 -2.28 22.68 -2.58
N PRO D 99 -1.52 21.89 -3.36
CA PRO D 99 -0.10 21.57 -3.22
C PRO D 99 0.86 22.31 -4.17
N ASN D 100 0.52 23.55 -4.51
CA ASN D 100 1.28 24.34 -5.49
C ASN D 100 2.24 25.42 -4.96
N LYS D 101 2.12 25.78 -3.69
CA LYS D 101 2.92 26.87 -3.09
C LYS D 101 4.44 26.78 -3.23
N THR D 102 5.02 25.58 -3.14
CA THR D 102 6.49 25.41 -3.23
C THR D 102 7.02 25.27 -4.68
N ASN D 103 6.16 24.84 -5.61
CA ASN D 103 6.56 24.63 -7.01
C ASN D 103 6.17 25.74 -8.00
N ILE D 104 5.28 26.65 -7.62
CA ILE D 104 4.83 27.65 -8.59
C ILE D 104 5.92 28.64 -9.00
N HIS D 105 6.93 28.81 -8.14
CA HIS D 105 8.03 29.72 -8.43
C HIS D 105 8.68 29.42 -9.79
N LYS D 106 8.72 28.15 -10.20
CA LYS D 106 9.35 27.86 -11.48
C LYS D 106 8.54 28.35 -12.70
N TYR D 107 7.29 28.73 -12.50
CA TYR D 107 6.49 29.24 -13.60
C TYR D 107 6.26 30.74 -13.47
N LEU D 108 6.96 31.35 -12.53
CA LEU D 108 6.86 32.77 -12.30
C LEU D 108 8.12 33.48 -12.79
N ASP D 109 8.06 34.80 -12.77
CA ASP D 109 9.13 35.64 -13.28
C ASP D 109 10.01 36.22 -12.20
N LYS D 110 9.39 36.64 -11.09
CA LYS D 110 10.13 37.20 -9.97
C LYS D 110 9.47 36.81 -8.66
N LEU D 111 10.23 36.94 -7.57
CA LEU D 111 9.75 36.57 -6.25
C LEU D 111 10.09 37.65 -5.26
N SER D 112 9.18 37.90 -4.32
CA SER D 112 9.43 38.88 -3.28
C SER D 112 10.50 38.28 -2.38
N PRO D 113 11.17 39.13 -1.59
CA PRO D 113 12.21 38.58 -0.70
C PRO D 113 11.66 37.52 0.26
N ALA D 114 10.49 37.76 0.84
CA ALA D 114 9.87 36.81 1.77
C ALA D 114 9.50 35.50 1.08
N ALA D 115 9.03 35.58 -0.16
CA ALA D 115 8.66 34.39 -0.90
C ALA D 115 9.90 33.55 -1.26
N GLU D 116 10.99 34.22 -1.65
CA GLU D 116 12.22 33.49 -2.02
C GLU D 116 12.83 32.89 -0.76
N LEU D 117 12.86 33.68 0.29
CA LEU D 117 13.44 33.27 1.55
C LEU D 117 12.62 32.14 2.19
N VAL D 118 11.30 32.23 2.13
CA VAL D 118 10.42 31.21 2.69
C VAL D 118 10.31 29.96 1.82
N GLY D 119 10.47 30.12 0.52
CA GLY D 119 10.38 29.00 -0.40
C GLY D 119 8.95 28.62 -0.75
N ALA D 120 8.04 29.59 -0.58
CA ALA D 120 6.62 29.37 -0.88
C ALA D 120 5.95 30.68 -1.31
N VAL D 121 5.01 30.56 -2.24
CA VAL D 121 4.27 31.68 -2.79
C VAL D 121 2.79 31.38 -2.68
N ASN D 122 2.03 32.23 -1.98
CA ASN D 122 0.58 31.99 -1.89
C ASN D 122 -0.21 33.04 -2.68
N THR D 123 0.49 34.05 -3.20
CA THR D 123 -0.16 35.11 -3.98
C THR D 123 0.67 35.54 -5.18
N VAL D 124 0.02 35.65 -6.32
CA VAL D 124 0.70 36.06 -7.54
C VAL D 124 0.00 37.29 -8.10
N VAL D 125 0.80 38.24 -8.58
CA VAL D 125 0.29 39.43 -9.23
C VAL D 125 0.99 39.59 -10.58
N ASN D 126 0.21 40.02 -11.56
CA ASN D 126 0.66 40.23 -12.93
C ASN D 126 0.76 41.73 -13.20
N ASP D 127 1.96 42.17 -13.54
CA ASP D 127 2.21 43.56 -13.83
C ASP D 127 2.82 43.63 -15.19
N ASP D 128 2.02 43.97 -16.19
CA ASP D 128 2.52 44.15 -17.52
C ASP D 128 3.11 42.81 -18.06
N GLY D 129 2.50 41.69 -17.67
CA GLY D 129 2.96 40.36 -18.09
C GLY D 129 4.05 39.71 -17.22
N VAL D 130 4.61 40.46 -16.30
CA VAL D 130 5.62 39.93 -15.41
C VAL D 130 4.92 39.39 -14.17
N LEU D 131 5.20 38.13 -13.82
CA LEU D 131 4.53 37.52 -12.66
C LEU D 131 5.43 37.51 -11.45
N THR D 132 4.98 38.18 -10.40
CA THR D 132 5.71 38.28 -9.15
C THR D 132 5.02 37.49 -8.07
N GLY D 133 5.75 36.59 -7.45
CA GLY D 133 5.22 35.78 -6.38
C GLY D 133 5.39 36.41 -5.01
N HIS D 134 4.34 36.38 -4.21
CA HIS D 134 4.37 36.91 -2.86
C HIS D 134 3.86 35.87 -1.88
N ILE D 135 4.19 36.06 -0.61
CA ILE D 135 3.72 35.18 0.44
C ILE D 135 3.11 36.16 1.45
N THR D 136 1.80 36.04 1.68
CA THR D 136 1.07 36.96 2.54
C THR D 136 0.69 36.52 3.95
N ASP D 137 0.82 35.24 4.28
CA ASP D 137 0.44 34.80 5.65
C ASP D 137 1.22 35.53 6.78
N GLY D 138 2.51 35.77 6.57
CA GLY D 138 3.30 36.48 7.58
C GLY D 138 2.80 37.91 7.75
N THR D 139 2.59 38.59 6.63
CA THR D 139 2.12 39.95 6.65
C THR D 139 0.80 40.03 7.38
N GLY D 140 -0.10 39.10 7.09
CA GLY D 140 -1.40 39.05 7.74
C GLY D 140 -1.28 38.88 9.25
N TYR D 141 -0.42 37.96 9.68
CA TYR D 141 -0.23 37.73 11.10
C TYR D 141 0.26 38.96 11.86
N MET D 142 1.29 39.61 11.31
CA MET D 142 1.88 40.79 11.91
C MET D 142 0.92 41.98 11.90
N ARG D 143 0.20 42.14 10.79
CA ARG D 143 -0.74 43.23 10.65
C ARG D 143 -1.89 43.09 11.65
N ALA D 144 -2.33 41.86 11.88
CA ALA D 144 -3.39 41.57 12.83
C ALA D 144 -2.96 41.94 14.26
N LEU D 145 -1.68 41.81 14.54
CA LEU D 145 -1.19 42.17 15.85
C LEU D 145 -1.22 43.68 16.05
N LYS D 146 -0.79 44.41 15.02
CA LYS D 146 -0.74 45.87 15.05
C LYS D 146 -2.14 46.42 15.27
N GLU D 147 -3.12 45.90 14.53
CA GLU D 147 -4.51 46.34 14.65
C GLU D 147 -5.12 46.06 16.02
N ALA D 148 -4.67 44.98 16.66
CA ALA D 148 -5.14 44.60 17.99
C ALA D 148 -4.37 45.38 19.07
N GLY D 149 -3.52 46.30 18.63
CA GLY D 149 -2.72 47.15 19.51
C GLY D 149 -1.55 46.44 20.16
N HIS D 150 -1.13 45.31 19.60
CA HIS D 150 -0.01 44.55 20.15
C HIS D 150 1.22 44.87 19.33
N ASP D 151 2.12 45.65 19.93
CA ASP D 151 3.36 46.06 19.31
C ASP D 151 4.47 45.11 19.73
N ILE D 152 5.03 44.35 18.79
CA ILE D 152 6.08 43.38 19.11
C ILE D 152 7.38 43.60 18.34
N ILE D 153 7.48 44.71 17.59
CA ILE D 153 8.71 45.05 16.83
C ILE D 153 9.81 45.49 17.81
N GLY D 154 11.01 44.96 17.61
CA GLY D 154 12.12 45.26 18.49
C GLY D 154 11.97 44.52 19.81
N LYS D 155 11.23 43.42 19.77
CA LYS D 155 11.00 42.62 20.99
C LYS D 155 11.18 41.12 20.72
N LYS D 156 11.02 40.32 21.76
CA LYS D 156 11.22 38.88 21.70
C LYS D 156 9.90 38.08 21.57
N MET D 157 9.92 37.09 20.68
CA MET D 157 8.78 36.22 20.43
C MET D 157 9.16 34.74 20.58
N THR D 158 8.34 34.00 21.31
CA THR D 158 8.49 32.56 21.43
C THR D 158 7.39 32.03 20.50
N ILE D 159 7.74 31.17 19.56
CA ILE D 159 6.75 30.64 18.64
C ILE D 159 6.89 29.14 18.43
N CYS D 160 5.75 28.45 18.45
CA CYS D 160 5.69 27.02 18.24
C CYS D 160 5.33 26.75 16.78
N GLY D 161 6.10 25.87 16.13
CA GLY D 161 5.83 25.50 14.74
C GLY D 161 6.96 25.77 13.76
N ALA D 162 6.95 25.02 12.67
CA ALA D 162 7.95 25.18 11.61
C ALA D 162 7.38 24.71 10.26
N GLY D 163 6.05 24.76 10.13
CA GLY D 163 5.37 24.39 8.88
C GLY D 163 5.07 25.64 8.06
N GLY D 164 4.17 25.50 7.09
CA GLY D 164 3.81 26.61 6.22
C GLY D 164 3.67 27.96 6.93
N ALA D 165 2.78 28.02 7.91
CA ALA D 165 2.51 29.26 8.66
C ALA D 165 3.66 29.76 9.56
N ALA D 166 4.23 28.87 10.35
CA ALA D 166 5.32 29.23 11.27
C ALA D 166 6.52 29.79 10.54
N THR D 167 6.84 29.20 9.39
CA THR D 167 7.96 29.64 8.56
C THR D 167 7.70 31.04 8.02
N ALA D 168 6.52 31.24 7.46
CA ALA D 168 6.15 32.52 6.89
C ALA D 168 6.12 33.57 7.99
N ILE D 169 5.56 33.21 9.15
CA ILE D 169 5.46 34.13 10.28
C ILE D 169 6.82 34.51 10.84
N CYS D 170 7.70 33.54 11.01
CA CYS D 170 9.03 33.80 11.55
C CYS D 170 9.83 34.69 10.62
N ILE D 171 9.72 34.46 9.33
CA ILE D 171 10.44 35.25 8.34
C ILE D 171 9.94 36.68 8.29
N GLN D 172 8.62 36.85 8.17
CA GLN D 172 8.06 38.19 8.11
C GLN D 172 8.38 38.92 9.41
N ALA D 173 8.33 38.19 10.53
CA ALA D 173 8.62 38.77 11.83
C ALA D 173 10.03 39.37 11.80
N ALA D 174 10.98 38.57 11.31
CA ALA D 174 12.36 38.99 11.19
C ALA D 174 12.46 40.22 10.30
N LEU D 175 11.86 40.12 9.11
CA LEU D 175 11.88 41.22 8.15
C LEU D 175 11.27 42.51 8.69
N ASP D 176 10.24 42.39 9.53
CA ASP D 176 9.55 43.57 10.07
C ASP D 176 10.26 44.25 11.24
N GLY D 177 11.26 43.59 11.80
CA GLY D 177 12.03 44.17 12.89
C GLY D 177 11.77 43.63 14.28
N VAL D 178 11.41 42.35 14.41
CA VAL D 178 11.24 41.75 15.73
C VAL D 178 12.69 41.44 16.14
N LYS D 179 13.07 41.81 17.37
CA LYS D 179 14.44 41.67 17.87
C LYS D 179 14.92 40.20 17.91
N GLU D 180 14.17 39.32 18.55
CA GLU D 180 14.59 37.94 18.64
C GLU D 180 13.41 36.96 18.60
N ILE D 181 13.68 35.77 18.04
CA ILE D 181 12.68 34.72 17.92
C ILE D 181 13.27 33.37 18.34
N SER D 182 12.63 32.74 19.32
CA SER D 182 13.06 31.41 19.75
C SER D 182 11.94 30.49 19.25
N ILE D 183 12.32 29.52 18.43
CA ILE D 183 11.37 28.59 17.81
C ILE D 183 11.39 27.21 18.44
N PHE D 184 10.21 26.73 18.86
CA PHE D 184 10.12 25.36 19.37
C PHE D 184 9.23 24.57 18.43
N ASN D 185 9.56 23.29 18.28
CA ASN D 185 8.82 22.36 17.46
C ASN D 185 9.18 20.95 17.93
N ARG D 186 8.26 20.01 17.77
CA ARG D 186 8.54 18.65 18.18
C ARG D 186 9.53 18.04 17.19
N LYS D 187 10.11 16.90 17.56
CA LYS D 187 11.08 16.22 16.69
C LYS D 187 10.42 15.45 15.56
N ASP D 188 9.75 16.17 14.66
CA ASP D 188 9.10 15.56 13.51
C ASP D 188 9.93 15.95 12.29
N ASP D 189 9.42 15.71 11.08
CA ASP D 189 10.19 16.05 9.88
C ASP D 189 10.01 17.51 9.40
N PHE D 190 9.43 18.36 10.25
CA PHE D 190 9.34 19.80 10.00
C PHE D 190 10.48 20.49 10.74
N TYR D 191 11.06 19.76 11.71
CA TYR D 191 12.16 20.27 12.54
C TYR D 191 13.33 20.70 11.68
N ALA D 192 13.66 19.88 10.68
CA ALA D 192 14.76 20.20 9.76
C ALA D 192 14.53 21.59 9.16
N ASN D 193 13.33 21.80 8.63
CA ASN D 193 12.98 23.08 8.02
C ASN D 193 13.21 24.23 9.00
N ALA D 194 12.81 24.01 10.25
CA ALA D 194 12.96 25.00 11.31
C ALA D 194 14.41 25.42 11.46
N GLU D 195 15.31 24.45 11.44
CA GLU D 195 16.74 24.76 11.56
C GLU D 195 17.16 25.69 10.43
N LYS D 196 16.76 25.33 9.20
CA LYS D 196 17.08 26.13 8.03
C LYS D 196 16.50 27.55 8.18
N THR D 197 15.27 27.63 8.69
CA THR D 197 14.64 28.92 8.91
C THR D 197 15.50 29.76 9.88
N VAL D 198 16.09 29.13 10.89
CA VAL D 198 16.96 29.81 11.84
C VAL D 198 18.23 30.29 11.16
N GLU D 199 18.72 29.50 10.21
CA GLU D 199 19.93 29.85 9.46
C GLU D 199 19.68 31.06 8.56
N LYS D 200 18.53 31.06 7.91
CA LYS D 200 18.12 32.15 7.03
C LYS D 200 17.91 33.46 7.80
N ILE D 201 17.24 33.39 8.93
CA ILE D 201 16.97 34.59 9.72
C ILE D 201 18.26 35.27 10.21
N ASN D 202 19.14 34.48 10.82
CA ASN D 202 20.42 35.01 11.33
C ASN D 202 21.38 35.45 10.23
N SER D 203 21.35 34.76 9.09
CA SER D 203 22.22 35.06 7.96
C SER D 203 21.80 36.29 7.17
N LYS D 204 20.49 36.52 7.07
CA LYS D 204 19.98 37.62 6.25
C LYS D 204 19.11 38.66 6.98
N THR D 205 19.24 38.74 8.30
CA THR D 205 18.44 39.71 9.06
C THR D 205 19.09 40.09 10.37
N ASP D 206 18.65 41.23 10.90
CA ASP D 206 19.14 41.76 12.16
C ASP D 206 18.67 40.86 13.29
N CYS D 207 17.44 40.37 13.14
CA CYS D 207 16.82 39.48 14.11
C CYS D 207 17.65 38.24 14.48
N LYS D 208 17.63 37.89 15.76
CA LYS D 208 18.36 36.72 16.27
C LYS D 208 17.40 35.53 16.39
N ALA D 209 17.69 34.43 15.68
CA ALA D 209 16.82 33.24 15.71
C ALA D 209 17.47 32.03 16.37
N GLN D 210 16.64 31.14 16.91
CA GLN D 210 17.11 29.92 17.57
C GLN D 210 16.01 28.86 17.68
N LEU D 211 16.40 27.58 17.59
CA LEU D 211 15.49 26.43 17.64
C LEU D 211 15.72 25.48 18.82
N PHE D 212 14.64 24.96 19.39
CA PHE D 212 14.70 24.01 20.51
C PHE D 212 13.55 23.00 20.47
N ASP D 213 13.66 21.97 21.29
CA ASP D 213 12.63 20.93 21.36
C ASP D 213 11.43 21.45 22.15
N ILE D 214 10.24 21.13 21.65
CA ILE D 214 9.00 21.55 22.30
C ILE D 214 8.86 20.85 23.67
N GLU D 215 9.38 19.63 23.78
CA GLU D 215 9.31 18.85 25.02
C GLU D 215 10.19 19.49 26.12
N ASP D 216 11.30 20.13 25.73
CA ASP D 216 12.21 20.80 26.68
C ASP D 216 11.41 21.87 27.41
N HIS D 217 10.69 21.46 28.46
CA HIS D 217 9.80 22.36 29.22
C HIS D 217 10.44 23.55 29.95
N GLU D 218 11.49 23.35 30.72
CA GLU D 218 12.08 24.48 31.45
C GLU D 218 12.53 25.57 30.48
N GLN D 219 13.12 25.16 29.35
CA GLN D 219 13.58 26.13 28.36
C GLN D 219 12.40 27.02 27.98
N LEU D 220 11.27 26.39 27.64
CA LEU D 220 10.06 27.10 27.23
C LEU D 220 9.67 28.17 28.23
N ARG D 221 9.62 27.80 29.50
CA ARG D 221 9.24 28.77 30.54
C ARG D 221 10.14 29.99 30.61
N LYS D 222 11.44 29.81 30.39
CA LYS D 222 12.38 30.93 30.45
C LYS D 222 12.20 31.79 29.21
N GLU D 223 11.97 31.14 28.07
CA GLU D 223 11.76 31.85 26.81
C GLU D 223 10.47 32.68 26.83
N ILE D 224 9.41 32.14 27.41
CA ILE D 224 8.13 32.84 27.52
C ILE D 224 8.20 34.03 28.49
N ALA D 225 8.72 33.80 29.69
CA ALA D 225 8.82 34.88 30.68
C ALA D 225 9.68 36.03 30.13
N GLU D 226 10.48 35.74 29.11
CA GLU D 226 11.40 36.69 28.50
C GLU D 226 10.83 37.35 27.22
N SER D 227 9.84 36.69 26.61
CA SER D 227 9.18 37.16 25.39
C SER D 227 7.96 38.02 25.72
N VAL D 228 7.60 38.92 24.81
CA VAL D 228 6.42 39.77 24.99
C VAL D 228 5.20 39.05 24.44
N ILE D 229 5.45 38.03 23.63
CA ILE D 229 4.37 37.29 23.01
C ILE D 229 4.74 35.81 22.86
N PHE D 230 3.73 34.95 22.96
CA PHE D 230 3.88 33.52 22.79
C PHE D 230 2.82 33.12 21.78
N THR D 231 3.27 32.49 20.69
CA THR D 231 2.37 32.15 19.60
C THR D 231 2.36 30.70 19.17
N ASN D 232 1.16 30.19 18.93
CA ASN D 232 0.99 28.86 18.39
C ASN D 232 0.82 28.96 16.90
N ALA D 233 1.73 28.39 16.14
CA ALA D 233 1.62 28.39 14.68
C ALA D 233 1.64 26.96 14.19
N THR D 234 1.05 26.05 14.98
CA THR D 234 0.96 24.63 14.62
C THR D 234 -0.52 24.29 14.53
N GLY D 235 -0.83 23.05 14.10
CA GLY D 235 -2.21 22.59 13.98
C GLY D 235 -2.86 22.18 15.30
N VAL D 236 -2.09 22.20 16.38
CA VAL D 236 -2.56 21.83 17.71
C VAL D 236 -3.54 22.91 18.21
N GLY D 237 -4.70 22.48 18.68
CA GLY D 237 -5.76 23.38 19.11
C GLY D 237 -6.87 23.34 18.07
N MET D 238 -6.53 22.89 16.86
CA MET D 238 -7.51 22.77 15.77
C MET D 238 -7.68 21.27 15.48
N LYS D 239 -8.86 20.86 15.03
CA LYS D 239 -9.08 19.44 14.77
C LYS D 239 -8.04 19.03 13.74
N PRO D 240 -7.55 17.78 13.83
CA PRO D 240 -7.88 16.71 14.76
C PRO D 240 -7.25 16.79 16.16
N PHE D 241 -6.76 17.96 16.55
CA PHE D 241 -6.14 18.16 17.86
C PHE D 241 -6.87 19.27 18.64
N GLU D 242 -8.20 19.31 18.55
CA GLU D 242 -8.97 20.33 19.25
C GLU D 242 -9.06 19.89 20.70
N GLY D 243 -8.75 20.80 21.61
CA GLY D 243 -8.80 20.49 23.02
C GLY D 243 -7.44 20.17 23.62
N GLU D 244 -6.41 20.24 22.80
CA GLU D 244 -5.05 20.00 23.25
C GLU D 244 -4.15 21.19 22.94
N THR D 245 -3.16 21.39 23.81
CA THR D 245 -2.23 22.49 23.68
C THR D 245 -0.81 22.02 23.93
N LEU D 246 0.12 22.66 23.23
CA LEU D 246 1.54 22.37 23.35
C LEU D 246 2.15 23.02 24.58
N LEU D 247 1.37 23.88 25.24
CA LEU D 247 1.80 24.54 26.47
C LEU D 247 1.56 23.50 27.56
N PRO D 248 2.62 23.07 28.26
CA PRO D 248 2.46 22.03 29.29
C PRO D 248 2.00 22.55 30.65
N SER D 249 2.37 23.78 31.01
CA SER D 249 1.97 24.35 32.30
C SER D 249 1.38 25.75 32.11
N ALA D 250 0.24 26.00 32.76
CA ALA D 250 -0.42 27.29 32.68
C ALA D 250 0.34 28.39 33.45
N ASP D 251 1.13 27.98 34.44
CA ASP D 251 1.92 28.90 35.27
C ASP D 251 3.01 29.60 34.47
N MET D 252 3.32 29.07 33.27
CA MET D 252 4.32 29.67 32.37
C MET D 252 3.85 31.01 31.79
N LEU D 253 2.57 31.30 31.95
CA LEU D 253 1.99 32.52 31.44
C LEU D 253 1.89 33.52 32.59
N ARG D 254 1.76 34.79 32.24
CA ARG D 254 1.61 35.84 33.22
C ARG D 254 0.71 36.90 32.58
N PRO D 255 0.09 37.77 33.40
CA PRO D 255 -0.83 38.84 33.00
C PRO D 255 -0.44 39.75 31.82
N GLU D 256 0.79 40.27 31.82
CA GLU D 256 1.24 41.19 30.77
C GLU D 256 1.57 40.52 29.42
N LEU D 257 1.81 39.21 29.45
CA LEU D 257 2.14 38.46 28.25
C LEU D 257 0.99 38.44 27.25
N ILE D 258 1.35 38.45 25.96
CA ILE D 258 0.39 38.39 24.87
C ILE D 258 0.47 36.96 24.35
N VAL D 259 -0.67 36.29 24.21
CA VAL D 259 -0.70 34.91 23.73
C VAL D 259 -1.51 34.83 22.45
N SER D 260 -0.88 34.46 21.32
CA SER D 260 -1.64 34.41 20.05
C SER D 260 -1.67 33.01 19.45
N ASP D 261 -2.77 32.73 18.76
CA ASP D 261 -2.93 31.45 18.11
C ASP D 261 -3.31 31.75 16.67
N VAL D 262 -2.78 30.97 15.74
CA VAL D 262 -3.10 31.13 14.34
C VAL D 262 -4.41 30.38 14.04
N VAL D 263 -4.85 29.56 14.98
CA VAL D 263 -6.10 28.81 14.82
C VAL D 263 -7.27 29.73 15.14
N TYR D 264 -8.29 29.73 14.30
CA TYR D 264 -9.48 30.56 14.56
C TYR D 264 -10.76 29.72 14.66
N LYS D 265 -10.68 28.44 14.32
CA LYS D 265 -11.80 27.53 14.48
C LYS D 265 -11.22 26.33 15.25
N PRO D 266 -11.55 26.19 16.55
CA PRO D 266 -12.45 27.01 17.34
C PRO D 266 -11.95 28.42 17.59
N THR D 267 -12.88 29.33 17.90
CA THR D 267 -12.55 30.72 18.17
C THR D 267 -11.68 30.86 19.44
N LYS D 268 -11.63 29.81 20.25
CA LYS D 268 -10.85 29.87 21.46
C LYS D 268 -10.27 28.50 21.75
N THR D 269 -9.02 28.31 21.33
CA THR D 269 -8.35 27.04 21.52
C THR D 269 -8.05 26.85 22.98
N ARG D 270 -7.68 25.63 23.34
CA ARG D 270 -7.35 25.32 24.71
C ARG D 270 -6.28 26.31 25.21
N LEU D 271 -5.30 26.57 24.36
CA LEU D 271 -4.24 27.54 24.64
C LEU D 271 -4.80 28.93 24.99
N LEU D 272 -5.74 29.43 24.21
CA LEU D 272 -6.29 30.75 24.49
C LEU D 272 -7.17 30.73 25.71
N GLU D 273 -7.68 29.54 26.06
CA GLU D 273 -8.53 29.41 27.23
C GLU D 273 -7.67 29.54 28.44
N ILE D 274 -6.55 28.84 28.42
CA ILE D 274 -5.63 28.87 29.53
C ILE D 274 -5.06 30.29 29.64
N ALA D 275 -4.84 30.91 28.49
CA ALA D 275 -4.29 32.27 28.46
C ALA D 275 -5.24 33.26 29.14
N GLU D 276 -6.51 33.26 28.75
CA GLU D 276 -7.46 34.17 29.36
C GLU D 276 -7.47 33.99 30.87
N GLU D 277 -7.82 32.79 31.32
CA GLU D 277 -7.95 32.52 32.76
C GLU D 277 -6.72 32.91 33.60
N GLN D 278 -5.54 32.99 32.99
CA GLN D 278 -4.33 33.41 33.71
C GLN D 278 -4.23 34.94 33.81
N GLY D 279 -4.97 35.64 32.95
CA GLY D 279 -4.98 37.10 32.90
C GLY D 279 -4.30 37.67 31.66
N CYS D 280 -4.03 36.83 30.67
CA CYS D 280 -3.36 37.27 29.45
C CYS D 280 -4.30 37.84 28.42
N GLN D 281 -3.76 38.77 27.65
CA GLN D 281 -4.49 39.39 26.57
C GLN D 281 -4.30 38.33 25.49
N THR D 282 -5.35 38.04 24.73
CA THR D 282 -5.27 37.00 23.71
C THR D 282 -5.67 37.47 22.31
N LEU D 283 -5.34 36.64 21.32
CA LEU D 283 -5.66 36.92 19.92
C LEU D 283 -5.60 35.61 19.09
N ASN D 284 -6.74 35.23 18.52
CA ASN D 284 -6.79 34.01 17.70
C ASN D 284 -6.34 34.34 16.26
N GLY D 285 -6.58 33.44 15.31
CA GLY D 285 -6.11 33.64 13.95
C GLY D 285 -7.02 34.34 12.97
N LEU D 286 -8.17 34.80 13.43
CA LEU D 286 -9.10 35.45 12.54
C LEU D 286 -8.45 36.68 11.89
N GLY D 287 -7.91 37.57 12.71
CA GLY D 287 -7.26 38.75 12.19
C GLY D 287 -6.26 38.36 11.10
N MET D 288 -5.49 37.31 11.35
CA MET D 288 -4.47 36.86 10.40
C MET D 288 -5.05 36.57 9.04
N MET D 289 -6.06 35.70 8.95
CA MET D 289 -6.59 35.36 7.64
C MET D 289 -7.22 36.57 6.95
N LEU D 290 -7.89 37.41 7.72
CA LEU D 290 -8.50 38.61 7.18
C LEU D 290 -7.43 39.49 6.55
N TRP D 291 -6.37 39.75 7.32
CA TRP D 291 -5.31 40.61 6.86
C TRP D 291 -4.41 39.98 5.80
N GLN D 292 -4.32 38.65 5.76
CA GLN D 292 -3.48 38.05 4.74
C GLN D 292 -4.30 38.20 3.46
N GLY D 293 -5.61 38.10 3.58
CA GLY D 293 -6.51 38.32 2.45
C GLY D 293 -6.42 39.79 2.04
N ALA D 294 -6.41 40.70 3.03
CA ALA D 294 -6.30 42.13 2.76
C ALA D 294 -5.03 42.49 1.97
N LYS D 295 -3.92 41.84 2.31
CA LYS D 295 -2.67 42.13 1.64
C LYS D 295 -2.76 41.74 0.18
N ALA D 296 -3.26 40.54 -0.09
CA ALA D 296 -3.41 40.12 -1.47
C ALA D 296 -4.26 41.11 -2.22
N PHE D 297 -5.38 41.48 -1.60
CA PHE D 297 -6.35 42.41 -2.14
C PHE D 297 -5.68 43.72 -2.52
N GLU D 298 -4.90 44.26 -1.60
CA GLU D 298 -4.17 45.52 -1.81
C GLU D 298 -3.22 45.36 -2.98
N ILE D 299 -2.49 44.25 -3.00
CA ILE D 299 -1.53 44.00 -4.07
C ILE D 299 -2.20 44.07 -5.43
N TRP D 300 -3.32 43.36 -5.57
CA TRP D 300 -4.01 43.32 -6.85
C TRP D 300 -4.72 44.62 -7.22
N THR D 301 -5.44 45.20 -6.27
CA THR D 301 -6.26 46.37 -6.57
C THR D 301 -5.73 47.75 -6.13
N HIS D 302 -4.78 47.77 -5.20
CA HIS D 302 -4.19 49.00 -4.63
C HIS D 302 -5.19 49.69 -3.70
N LYS D 303 -6.27 48.99 -3.35
CA LYS D 303 -7.28 49.50 -2.45
C LYS D 303 -7.17 48.72 -1.15
N GLU D 304 -7.66 49.32 -0.07
CA GLU D 304 -7.65 48.69 1.24
C GLU D 304 -8.94 47.89 1.41
N MET D 305 -8.80 46.59 1.66
CA MET D 305 -9.97 45.74 1.88
C MET D 305 -10.69 46.22 3.14
N PRO D 306 -12.05 46.22 3.12
CA PRO D 306 -12.84 46.67 4.25
C PRO D 306 -13.02 45.56 5.29
N VAL D 307 -11.94 45.29 6.01
CA VAL D 307 -11.88 44.24 7.02
C VAL D 307 -13.05 44.22 8.01
N ASP D 308 -13.28 45.31 8.74
CA ASP D 308 -14.40 45.34 9.70
C ASP D 308 -15.68 44.84 9.07
N TYR D 309 -16.01 45.39 7.92
CA TYR D 309 -17.17 44.97 7.17
C TYR D 309 -17.12 43.48 6.81
N ILE D 310 -15.96 43.02 6.36
CA ILE D 310 -15.79 41.62 5.97
C ILE D 310 -15.89 40.69 7.17
N LYS D 311 -15.42 41.15 8.34
CA LYS D 311 -15.49 40.38 9.55
C LYS D 311 -16.95 40.19 9.91
N GLU D 312 -17.71 41.29 9.95
CA GLU D 312 -19.15 41.24 10.23
C GLU D 312 -19.89 40.30 9.28
N ILE D 313 -19.55 40.36 8.00
CA ILE D 313 -20.22 39.55 7.01
C ILE D 313 -19.98 38.05 7.18
N LEU D 314 -18.74 37.67 7.52
CA LEU D 314 -18.36 36.24 7.66
C LEU D 314 -18.49 35.63 9.04
N PHE D 315 -18.16 36.39 10.09
CA PHE D 315 -18.19 35.84 11.46
C PHE D 315 -19.01 36.65 12.45
N ASN E 27 5.04 -23.25 37.93
CA ASN E 27 4.61 -23.55 36.54
C ASN E 27 4.53 -25.05 36.24
N LYS E 28 4.07 -25.39 35.03
CA LYS E 28 3.93 -26.78 34.57
C LYS E 28 4.56 -26.87 33.19
N ILE E 29 4.69 -28.09 32.66
CA ILE E 29 5.26 -28.30 31.33
C ILE E 29 4.23 -27.85 30.27
N THR E 30 4.70 -27.05 29.30
CA THR E 30 3.88 -26.50 28.21
C THR E 30 4.32 -27.07 26.84
N GLU E 31 5.60 -27.41 26.74
CA GLU E 31 6.15 -27.94 25.50
C GLU E 31 5.78 -29.39 25.34
N ARG E 32 5.29 -29.76 24.15
CA ARG E 32 4.90 -31.14 23.86
C ARG E 32 6.07 -31.93 23.27
N ILE E 33 7.15 -31.23 22.93
CA ILE E 33 8.32 -31.89 22.35
C ILE E 33 9.20 -32.50 23.47
N THR E 34 9.30 -33.82 23.49
CA THR E 34 10.06 -34.53 24.49
C THR E 34 11.06 -35.41 23.76
N GLY E 35 11.71 -36.30 24.52
CA GLY E 35 12.64 -37.26 23.94
C GLY E 35 11.90 -38.32 23.14
N HIS E 36 10.56 -38.38 23.21
CA HIS E 36 9.79 -39.36 22.44
C HIS E 36 9.35 -38.80 21.11
N THR E 37 9.38 -37.47 20.98
CA THR E 37 8.95 -36.82 19.75
C THR E 37 9.87 -37.14 18.59
N GLU E 38 9.25 -37.57 17.50
CA GLU E 38 9.96 -37.92 16.28
C GLU E 38 9.90 -36.78 15.26
N LEU E 39 10.88 -36.79 14.37
CA LEU E 39 11.07 -35.75 13.36
C LEU E 39 10.66 -36.15 11.97
N ILE E 40 10.03 -35.19 11.28
CA ILE E 40 9.68 -35.32 9.87
C ILE E 40 10.39 -34.14 9.25
N GLY E 41 11.21 -34.39 8.23
CA GLY E 41 11.98 -33.34 7.58
C GLY E 41 11.41 -32.74 6.28
N LEU E 42 12.11 -31.74 5.80
CA LEU E 42 11.82 -31.03 4.56
C LEU E 42 13.18 -30.55 4.15
N ILE E 43 13.65 -31.02 3.03
CA ILE E 43 14.98 -30.66 2.60
C ILE E 43 14.99 -30.02 1.25
N ALA E 44 15.48 -28.79 1.23
CA ALA E 44 15.56 -27.99 0.02
C ALA E 44 16.22 -26.66 0.34
N THR E 45 16.54 -25.90 -0.70
CA THR E 45 17.12 -24.56 -0.52
C THR E 45 16.81 -23.67 -1.72
N PRO E 46 16.26 -22.47 -1.48
CA PRO E 46 15.93 -21.92 -0.16
C PRO E 46 14.69 -22.62 0.41
N ILE E 47 14.45 -22.51 1.71
CA ILE E 47 13.29 -23.17 2.27
C ILE E 47 12.71 -22.63 3.57
N ARG E 48 13.41 -21.77 4.30
CA ARG E 48 12.86 -21.31 5.61
C ARG E 48 11.55 -20.48 5.61
N HIS E 49 11.06 -20.08 4.45
N HIS E 49 11.09 -20.15 4.42
CA HIS E 49 9.76 -19.38 4.43
CA HIS E 49 9.87 -19.40 4.18
C HIS E 49 8.62 -20.36 4.16
C HIS E 49 8.67 -20.35 4.11
N SER E 50 8.94 -21.65 4.01
CA SER E 50 7.88 -22.66 3.82
C SER E 50 6.75 -22.63 4.86
N LEU E 51 5.54 -22.89 4.40
CA LEU E 51 4.41 -22.94 5.29
C LEU E 51 4.08 -24.39 5.64
N SER E 52 4.86 -25.33 5.10
CA SER E 52 4.67 -26.76 5.35
C SER E 52 4.83 -27.16 6.82
N PRO E 53 5.85 -26.63 7.51
CA PRO E 53 6.01 -26.97 8.94
C PRO E 53 4.81 -26.60 9.80
N THR E 54 4.24 -25.44 9.53
CA THR E 54 3.10 -24.99 10.29
C THR E 54 1.94 -25.93 10.09
N MET E 55 1.66 -26.24 8.81
CA MET E 55 0.60 -27.15 8.41
C MET E 55 0.67 -28.49 9.17
N HIS E 56 1.81 -29.16 9.06
CA HIS E 56 1.97 -30.45 9.69
C HIS E 56 2.04 -30.42 11.19
N ASN E 57 2.76 -29.47 11.76
CA ASN E 57 2.89 -29.39 13.21
C ASN E 57 1.52 -29.08 13.82
N GLU E 58 0.73 -28.28 13.12
CA GLU E 58 -0.62 -28.00 13.61
C GLU E 58 -1.46 -29.27 13.43
N ALA E 59 -1.17 -30.05 12.38
CA ALA E 59 -1.92 -31.29 12.15
C ALA E 59 -1.62 -32.29 13.27
N PHE E 60 -0.32 -32.43 13.57
CA PHE E 60 0.13 -33.34 14.61
C PHE E 60 -0.42 -32.95 15.97
N ALA E 61 -0.29 -31.67 16.29
CA ALA E 61 -0.80 -31.19 17.56
C ALA E 61 -2.26 -31.59 17.66
N LYS E 62 -3.01 -31.32 16.60
CA LYS E 62 -4.44 -31.57 16.56
C LYS E 62 -4.79 -33.04 16.77
N LEU E 63 -4.09 -33.94 16.09
CA LEU E 63 -4.37 -35.37 16.23
C LEU E 63 -3.65 -36.01 17.41
N GLY E 64 -2.80 -35.25 18.11
CA GLY E 64 -2.07 -35.79 19.24
C GLY E 64 -0.96 -36.72 18.78
N LEU E 65 -0.44 -36.48 17.59
CA LEU E 65 0.66 -37.28 17.06
C LEU E 65 1.95 -36.65 17.54
N ASP E 66 2.83 -37.46 18.14
CA ASP E 66 4.08 -36.98 18.68
C ASP E 66 5.16 -36.83 17.60
N TYR E 67 4.86 -36.01 16.59
CA TYR E 67 5.81 -35.74 15.53
C TYR E 67 5.99 -34.22 15.43
N VAL E 68 7.17 -33.82 14.99
CA VAL E 68 7.49 -32.41 14.76
C VAL E 68 8.03 -32.36 13.35
N TYR E 69 7.75 -31.29 12.62
CA TYR E 69 8.21 -31.11 11.24
C TYR E 69 9.16 -29.91 11.16
N LEU E 70 10.35 -30.11 10.61
CA LEU E 70 11.36 -29.06 10.46
C LEU E 70 11.98 -29.05 9.06
N ALA E 71 12.45 -27.87 8.66
CA ALA E 71 13.09 -27.66 7.37
C ALA E 71 14.59 -27.58 7.56
N PHE E 72 15.32 -28.00 6.55
CA PHE E 72 16.77 -27.92 6.59
C PHE E 72 17.22 -27.42 5.22
N GLU E 73 18.12 -26.44 5.20
CA GLU E 73 18.55 -25.91 3.91
C GLU E 73 19.47 -26.93 3.32
N VAL E 74 19.02 -27.59 2.26
CA VAL E 74 19.77 -28.64 1.63
C VAL E 74 19.70 -28.55 0.11
N GLY E 75 20.87 -28.52 -0.52
CA GLY E 75 21.04 -28.47 -1.98
C GLY E 75 21.92 -29.59 -2.52
N ASP E 76 22.30 -29.50 -3.80
CA ASP E 76 23.13 -30.52 -4.47
C ASP E 76 24.22 -31.13 -3.59
N LYS E 77 25.06 -30.24 -3.05
CA LYS E 77 26.20 -30.61 -2.22
C LYS E 77 25.87 -31.34 -0.90
N GLU E 78 24.75 -31.00 -0.25
CA GLU E 78 24.39 -31.63 1.02
C GLU E 78 23.42 -32.82 0.91
N LEU E 79 22.82 -33.00 -0.25
CA LEU E 79 21.79 -34.04 -0.42
C LEU E 79 22.18 -35.44 0.00
N LYS E 80 23.29 -35.92 -0.54
CA LYS E 80 23.76 -37.26 -0.26
C LYS E 80 23.98 -37.52 1.24
N ASP E 81 24.67 -36.59 1.90
CA ASP E 81 24.95 -36.72 3.33
C ASP E 81 23.68 -36.56 4.16
N VAL E 82 22.74 -35.76 3.69
CA VAL E 82 21.51 -35.59 4.49
C VAL E 82 20.71 -36.88 4.50
N VAL E 83 20.41 -37.44 3.33
CA VAL E 83 19.64 -38.69 3.27
C VAL E 83 20.32 -39.80 4.08
N GLN E 84 21.63 -39.93 3.91
CA GLN E 84 22.38 -40.95 4.65
C GLN E 84 22.26 -40.66 6.15
N GLY E 85 22.31 -39.38 6.49
CA GLY E 85 22.13 -38.99 7.88
C GLY E 85 20.72 -39.33 8.30
N PHE E 86 19.75 -39.15 7.41
CA PHE E 86 18.38 -39.51 7.76
C PHE E 86 18.25 -41.02 7.94
N ARG E 87 18.96 -41.81 7.16
CA ARG E 87 18.91 -43.24 7.38
C ARG E 87 19.41 -43.56 8.79
N ALA E 88 20.59 -43.03 9.14
CA ALA E 88 21.21 -43.33 10.45
C ALA E 88 20.43 -42.77 11.64
N MET E 89 19.66 -41.71 11.43
CA MET E 89 18.85 -41.11 12.48
C MET E 89 17.48 -41.80 12.51
N ASN E 90 17.27 -42.69 11.53
CA ASN E 90 16.02 -43.42 11.39
C ASN E 90 14.75 -42.53 11.37
N LEU E 91 14.75 -41.47 10.56
CA LEU E 91 13.56 -40.61 10.45
C LEU E 91 12.40 -41.33 9.77
N ARG E 92 11.16 -41.03 10.19
CA ARG E 92 10.00 -41.68 9.58
C ARG E 92 9.84 -41.29 8.10
N GLY E 93 10.16 -40.04 7.77
CA GLY E 93 10.02 -39.58 6.41
C GLY E 93 10.37 -38.11 6.32
N TRP E 94 10.07 -37.51 5.17
CA TRP E 94 10.32 -36.09 4.95
C TRP E 94 9.85 -35.68 3.57
N ASN E 95 9.74 -34.38 3.39
CA ASN E 95 9.40 -33.77 2.11
C ASN E 95 10.70 -33.35 1.43
N VAL E 96 10.63 -33.22 0.12
CA VAL E 96 11.77 -32.82 -0.69
C VAL E 96 11.32 -31.70 -1.62
N SER E 97 12.14 -30.69 -1.80
CA SER E 97 11.78 -29.63 -2.72
C SER E 97 12.99 -29.13 -3.45
N MET E 98 12.79 -28.15 -4.34
CA MET E 98 13.88 -27.61 -5.14
C MET E 98 15.13 -27.36 -4.32
N PRO E 99 16.29 -27.73 -4.88
CA PRO E 99 16.55 -28.36 -6.16
C PRO E 99 16.82 -29.86 -6.06
N ASN E 100 16.15 -30.54 -5.12
CA ASN E 100 16.44 -31.95 -4.88
C ASN E 100 15.42 -32.97 -5.44
N LYS E 101 14.27 -32.51 -5.89
CA LYS E 101 13.22 -33.42 -6.40
C LYS E 101 13.62 -34.40 -7.50
N THR E 102 14.57 -34.03 -8.35
CA THR E 102 14.94 -34.91 -9.49
C THR E 102 16.20 -35.74 -9.31
N ASN E 103 16.96 -35.45 -8.27
CA ASN E 103 18.20 -36.17 -8.01
C ASN E 103 18.10 -37.16 -6.87
N ILE E 104 17.21 -36.89 -5.92
CA ILE E 104 17.12 -37.71 -4.72
C ILE E 104 16.92 -39.22 -4.96
N HIS E 105 16.17 -39.61 -5.99
CA HIS E 105 15.96 -41.03 -6.28
C HIS E 105 17.27 -41.82 -6.21
N LYS E 106 18.38 -41.15 -6.50
CA LYS E 106 19.70 -41.79 -6.50
C LYS E 106 20.03 -42.41 -5.14
N TYR E 107 19.55 -41.79 -4.07
CA TYR E 107 19.85 -42.21 -2.71
C TYR E 107 18.69 -42.86 -1.96
N LEU E 108 17.62 -43.17 -2.68
CA LEU E 108 16.47 -43.82 -2.12
C LEU E 108 16.57 -45.28 -2.54
N ASP E 109 15.67 -46.13 -2.06
CA ASP E 109 15.68 -47.58 -2.36
C ASP E 109 14.59 -47.96 -3.36
N LYS E 110 13.40 -47.36 -3.22
CA LYS E 110 12.30 -47.64 -4.14
C LYS E 110 11.55 -46.35 -4.48
N LEU E 111 10.84 -46.38 -5.61
CA LEU E 111 10.02 -45.25 -6.05
C LEU E 111 8.60 -45.74 -6.28
N SER E 112 7.62 -44.89 -5.99
CA SER E 112 6.25 -45.28 -6.24
C SER E 112 6.12 -45.24 -7.75
N PRO E 113 5.12 -45.94 -8.30
CA PRO E 113 4.92 -45.90 -9.76
C PRO E 113 4.85 -44.46 -10.33
N ALA E 114 4.14 -43.56 -9.64
CA ALA E 114 4.03 -42.17 -10.08
C ALA E 114 5.37 -41.45 -10.01
N ALA E 115 6.08 -41.65 -8.89
CA ALA E 115 7.37 -41.01 -8.69
C ALA E 115 8.39 -41.51 -9.70
N GLU E 116 8.19 -42.72 -10.19
CA GLU E 116 9.09 -43.29 -11.19
C GLU E 116 8.77 -42.76 -12.60
N LEU E 117 7.48 -42.64 -12.90
CA LEU E 117 7.03 -42.15 -14.22
C LEU E 117 7.28 -40.67 -14.36
N VAL E 118 7.09 -39.94 -13.28
CA VAL E 118 7.30 -38.50 -13.30
C VAL E 118 8.77 -38.19 -13.34
N GLY E 119 9.55 -38.97 -12.61
CA GLY E 119 10.98 -38.77 -12.49
C GLY E 119 11.31 -37.73 -11.44
N ALA E 120 10.38 -37.46 -10.52
CA ALA E 120 10.57 -36.48 -9.44
C ALA E 120 10.00 -37.00 -8.12
N VAL E 121 10.61 -36.61 -7.01
CA VAL E 121 10.19 -37.02 -5.68
C VAL E 121 10.02 -35.82 -4.76
N ASN E 122 8.92 -35.77 -4.03
CA ASN E 122 8.71 -34.68 -3.07
C ASN E 122 8.38 -35.19 -1.65
N THR E 123 8.33 -36.53 -1.49
CA THR E 123 7.97 -37.15 -0.21
C THR E 123 8.61 -38.50 -0.08
N VAL E 124 9.29 -38.70 1.04
CA VAL E 124 9.96 -39.95 1.32
C VAL E 124 9.41 -40.56 2.58
N VAL E 125 9.30 -41.88 2.59
CA VAL E 125 8.81 -42.59 3.77
C VAL E 125 9.83 -43.66 4.09
N ASN E 126 10.07 -43.90 5.39
CA ASN E 126 11.04 -44.92 5.83
C ASN E 126 10.38 -46.10 6.55
N ASP E 127 10.39 -47.25 5.92
CA ASP E 127 9.80 -48.46 6.50
C ASP E 127 10.91 -49.46 6.77
N ASP E 128 11.26 -49.60 8.05
N ASP E 128 11.26 -49.60 8.05
CA ASP E 128 12.32 -50.53 8.48
CA ASP E 128 12.32 -50.53 8.45
C ASP E 128 13.62 -50.27 7.70
C ASP E 128 13.61 -50.28 7.68
N GLY E 129 13.96 -49.01 7.50
CA GLY E 129 15.18 -48.62 6.77
C GLY E 129 15.11 -48.61 5.25
N VAL E 130 13.95 -48.95 4.67
CA VAL E 130 13.79 -48.95 3.23
C VAL E 130 13.08 -47.65 2.89
N LEU E 131 13.76 -46.79 2.12
CA LEU E 131 13.22 -45.49 1.75
C LEU E 131 12.48 -45.60 0.43
N THR E 132 11.24 -45.12 0.43
CA THR E 132 10.44 -45.11 -0.78
C THR E 132 10.12 -43.68 -1.20
N GLY E 133 10.48 -43.37 -2.45
CA GLY E 133 10.24 -42.05 -3.04
C GLY E 133 8.82 -41.95 -3.56
N HIS E 134 8.14 -40.84 -3.21
CA HIS E 134 6.77 -40.58 -3.61
C HIS E 134 6.61 -39.17 -4.16
N ILE E 135 5.56 -38.97 -4.96
CA ILE E 135 5.24 -37.65 -5.47
C ILE E 135 3.77 -37.47 -5.19
N THR E 136 3.43 -36.45 -4.42
CA THR E 136 2.03 -36.21 -4.02
C THR E 136 1.28 -35.05 -4.69
N ASP E 137 1.90 -34.40 -5.67
CA ASP E 137 1.23 -33.26 -6.32
C ASP E 137 -0.01 -33.74 -7.07
N GLY E 138 0.16 -34.77 -7.87
CA GLY E 138 -0.92 -35.31 -8.68
C GLY E 138 -2.06 -35.85 -7.85
N THR E 139 -1.71 -36.54 -6.76
CA THR E 139 -2.72 -37.09 -5.85
C THR E 139 -3.51 -35.98 -5.20
N GLY E 140 -2.81 -34.93 -4.76
CA GLY E 140 -3.47 -33.79 -4.14
C GLY E 140 -4.48 -33.17 -5.10
N TYR E 141 -4.04 -32.91 -6.32
CA TYR E 141 -4.91 -32.33 -7.35
C TYR E 141 -6.14 -33.16 -7.56
N MET E 142 -5.95 -34.47 -7.73
CA MET E 142 -7.06 -35.42 -7.93
C MET E 142 -7.98 -35.56 -6.70
N ARG E 143 -7.43 -35.42 -5.50
CA ARG E 143 -8.26 -35.52 -4.31
C ARG E 143 -9.07 -34.23 -4.20
N ALA E 144 -8.43 -33.08 -4.40
CA ALA E 144 -9.16 -31.81 -4.35
C ALA E 144 -10.37 -31.84 -5.28
N LEU E 145 -10.24 -32.41 -6.47
CA LEU E 145 -11.40 -32.50 -7.38
C LEU E 145 -12.54 -33.32 -6.78
N LYS E 146 -12.25 -34.55 -6.34
CA LYS E 146 -13.29 -35.40 -5.74
C LYS E 146 -13.96 -34.72 -4.54
N GLU E 147 -13.14 -34.14 -3.66
CA GLU E 147 -13.67 -33.45 -2.51
C GLU E 147 -14.62 -32.32 -2.89
N ALA E 148 -14.34 -31.67 -4.02
CA ALA E 148 -15.18 -30.59 -4.54
C ALA E 148 -16.36 -31.16 -5.34
N GLY E 149 -16.45 -32.49 -5.39
CA GLY E 149 -17.54 -33.18 -6.08
C GLY E 149 -17.36 -33.33 -7.57
N HIS E 150 -16.15 -33.16 -8.08
CA HIS E 150 -15.92 -33.29 -9.51
C HIS E 150 -15.33 -34.65 -9.84
N ASP E 151 -16.14 -35.48 -10.50
CA ASP E 151 -15.70 -36.80 -10.91
C ASP E 151 -15.14 -36.80 -12.33
N ILE E 152 -13.86 -37.05 -12.47
CA ILE E 152 -13.25 -37.10 -13.79
C ILE E 152 -12.70 -38.49 -14.13
N ILE E 153 -12.83 -39.44 -13.20
CA ILE E 153 -12.40 -40.82 -13.48
C ILE E 153 -13.31 -41.37 -14.58
N GLY E 154 -12.71 -42.01 -15.57
CA GLY E 154 -13.44 -42.57 -16.70
C GLY E 154 -13.90 -41.48 -17.68
N LYS E 155 -13.26 -40.31 -17.63
CA LYS E 155 -13.68 -39.22 -18.51
C LYS E 155 -12.51 -38.53 -19.17
N LYS E 156 -12.80 -37.54 -20.00
CA LYS E 156 -11.74 -36.83 -20.71
C LYS E 156 -11.30 -35.50 -20.04
N MET E 157 -9.99 -35.26 -20.02
CA MET E 157 -9.45 -34.03 -19.49
C MET E 157 -8.54 -33.35 -20.52
N THR E 158 -8.69 -32.04 -20.62
CA THR E 158 -7.86 -31.21 -21.47
C THR E 158 -7.02 -30.40 -20.48
N ILE E 159 -5.69 -30.45 -20.62
CA ILE E 159 -4.85 -29.76 -19.68
C ILE E 159 -3.69 -28.99 -20.32
N CYS E 160 -3.42 -27.80 -19.79
CA CYS E 160 -2.33 -26.95 -20.26
C CYS E 160 -1.14 -27.11 -19.32
N GLY E 161 0.03 -27.41 -19.87
CA GLY E 161 1.21 -27.56 -19.06
C GLY E 161 1.94 -28.85 -19.31
N ALA E 162 3.25 -28.78 -19.06
CA ALA E 162 4.15 -29.90 -19.24
C ALA E 162 5.33 -29.81 -18.26
N GLY E 163 5.18 -28.99 -17.21
CA GLY E 163 6.22 -28.83 -16.20
C GLY E 163 6.05 -29.81 -15.05
N GLY E 164 6.50 -29.41 -13.87
CA GLY E 164 6.44 -30.29 -12.69
C GLY E 164 5.03 -30.67 -12.31
N ALA E 165 4.18 -29.67 -12.17
CA ALA E 165 2.80 -29.88 -11.77
C ALA E 165 1.95 -30.61 -12.81
N ALA E 166 2.02 -30.19 -14.07
CA ALA E 166 1.22 -30.82 -15.10
C ALA E 166 1.61 -32.26 -15.32
N THR E 167 2.89 -32.57 -15.20
CA THR E 167 3.36 -33.93 -15.41
C THR E 167 2.92 -34.86 -14.27
N ALA E 168 2.87 -34.32 -13.06
CA ALA E 168 2.46 -35.11 -11.92
C ALA E 168 0.96 -35.33 -11.99
N ILE E 169 0.24 -34.32 -12.43
CA ILE E 169 -1.21 -34.39 -12.55
C ILE E 169 -1.61 -35.35 -13.65
N CYS E 170 -1.02 -35.21 -14.82
CA CYS E 170 -1.35 -36.08 -15.95
C CYS E 170 -1.11 -37.50 -15.58
N ILE E 171 0.12 -37.79 -15.17
CA ILE E 171 0.51 -39.14 -14.77
C ILE E 171 -0.37 -39.74 -13.67
N GLN E 172 -0.67 -38.95 -12.63
CA GLN E 172 -1.51 -39.45 -11.54
C GLN E 172 -2.92 -39.65 -12.05
N ALA E 173 -3.37 -38.76 -12.95
CA ALA E 173 -4.69 -38.86 -13.54
C ALA E 173 -4.78 -40.16 -14.37
N ALA E 174 -3.71 -40.46 -15.12
CA ALA E 174 -3.66 -41.68 -15.91
C ALA E 174 -3.70 -42.90 -15.01
N LEU E 175 -3.01 -42.83 -13.87
CA LEU E 175 -3.00 -43.96 -12.91
C LEU E 175 -4.31 -44.12 -12.13
N ASP E 176 -4.97 -43.01 -11.79
CA ASP E 176 -6.24 -43.08 -11.06
C ASP E 176 -7.42 -43.52 -11.93
N GLY E 177 -7.25 -43.51 -13.25
CA GLY E 177 -8.31 -43.96 -14.16
C GLY E 177 -9.02 -42.94 -15.03
N VAL E 178 -8.40 -41.79 -15.30
CA VAL E 178 -9.01 -40.81 -16.21
C VAL E 178 -8.88 -41.53 -17.54
N LYS E 179 -9.93 -41.51 -18.34
CA LYS E 179 -9.92 -42.23 -19.61
C LYS E 179 -9.03 -41.59 -20.66
N GLU E 180 -9.15 -40.27 -20.80
CA GLU E 180 -8.40 -39.57 -21.84
C GLU E 180 -7.86 -38.19 -21.38
N ILE E 181 -6.66 -37.84 -21.85
CA ILE E 181 -6.04 -36.57 -21.51
C ILE E 181 -5.44 -35.96 -22.76
N SER E 182 -5.83 -34.73 -23.08
CA SER E 182 -5.28 -34.03 -24.22
C SER E 182 -4.38 -32.97 -23.63
N ILE E 183 -3.08 -33.04 -23.90
CA ILE E 183 -2.17 -32.06 -23.35
C ILE E 183 -1.85 -30.96 -24.37
N PHE E 184 -1.92 -29.71 -23.92
CA PHE E 184 -1.57 -28.56 -24.73
C PHE E 184 -0.43 -27.82 -24.08
N ASN E 185 0.63 -27.57 -24.85
CA ASN E 185 1.76 -26.80 -24.33
C ASN E 185 2.40 -25.99 -25.44
N ARG E 186 3.06 -24.89 -25.08
CA ARG E 186 3.77 -24.04 -26.04
C ARG E 186 5.00 -24.84 -26.50
N LYS E 187 5.52 -24.46 -27.66
CA LYS E 187 6.70 -25.09 -28.24
C LYS E 187 7.97 -24.55 -27.58
N ASP E 188 8.15 -24.86 -26.29
CA ASP E 188 9.32 -24.45 -25.53
C ASP E 188 10.03 -25.72 -25.08
N ASP E 189 11.02 -25.55 -24.19
CA ASP E 189 11.83 -26.66 -23.62
C ASP E 189 11.03 -27.77 -22.95
N PHE E 190 9.86 -27.46 -22.40
CA PHE E 190 9.05 -28.47 -21.76
C PHE E 190 8.26 -29.31 -22.77
N TYR E 191 8.16 -28.86 -24.02
CA TYR E 191 7.36 -29.61 -25.00
C TYR E 191 7.86 -31.06 -25.13
N ALA E 192 9.18 -31.24 -25.10
CA ALA E 192 9.77 -32.58 -25.22
C ALA E 192 9.37 -33.45 -24.04
N ASN E 193 9.31 -32.85 -22.85
CA ASN E 193 8.88 -33.57 -21.66
C ASN E 193 7.41 -34.02 -21.84
N ALA E 194 6.61 -33.17 -22.49
CA ALA E 194 5.21 -33.48 -22.75
C ALA E 194 5.10 -34.67 -23.67
N GLU E 195 5.99 -34.75 -24.65
CA GLU E 195 5.99 -35.89 -25.57
C GLU E 195 6.29 -37.15 -24.77
N LYS E 196 7.26 -37.08 -23.86
CA LYS E 196 7.61 -38.25 -23.01
C LYS E 196 6.39 -38.67 -22.22
N THR E 197 5.77 -37.71 -21.55
CA THR E 197 4.60 -37.99 -20.76
C THR E 197 3.53 -38.74 -21.59
N VAL E 198 3.26 -38.27 -22.80
CA VAL E 198 2.29 -38.94 -23.66
C VAL E 198 2.66 -40.40 -23.89
N GLU E 199 3.89 -40.66 -24.31
CA GLU E 199 4.33 -42.02 -24.56
C GLU E 199 4.30 -42.87 -23.29
N LYS E 200 4.67 -42.31 -22.15
CA LYS E 200 4.62 -43.05 -20.89
C LYS E 200 3.17 -43.42 -20.54
N ILE E 201 2.26 -42.45 -20.67
CA ILE E 201 0.85 -42.70 -20.37
C ILE E 201 0.21 -43.76 -21.26
N ASN E 202 0.42 -43.64 -22.57
CA ASN E 202 -0.15 -44.60 -23.50
C ASN E 202 0.40 -46.01 -23.36
N SER E 203 1.66 -46.11 -22.97
CA SER E 203 2.34 -47.41 -22.86
C SER E 203 2.29 -48.08 -21.50
N LYS E 204 2.18 -47.30 -20.44
CA LYS E 204 2.18 -47.84 -19.07
C LYS E 204 0.83 -47.86 -18.36
N THR E 205 -0.17 -47.17 -18.91
CA THR E 205 -1.49 -47.11 -18.27
C THR E 205 -2.57 -47.36 -19.31
N ASP E 206 -3.82 -47.40 -18.85
CA ASP E 206 -5.00 -47.63 -19.70
C ASP E 206 -5.54 -46.33 -20.27
N CYS E 207 -4.97 -45.21 -19.83
CA CYS E 207 -5.40 -43.89 -20.29
C CYS E 207 -4.81 -43.58 -21.66
N LYS E 208 -5.57 -42.91 -22.50
CA LYS E 208 -5.06 -42.47 -23.81
C LYS E 208 -4.75 -40.97 -23.73
N ALA E 209 -3.57 -40.58 -24.21
CA ALA E 209 -3.19 -39.20 -24.17
C ALA E 209 -2.51 -38.76 -25.45
N GLN E 210 -2.66 -37.47 -25.74
CA GLN E 210 -2.06 -36.85 -26.91
C GLN E 210 -1.66 -35.42 -26.56
N LEU E 211 -0.71 -34.91 -27.34
CA LEU E 211 -0.15 -33.59 -27.13
C LEU E 211 -0.43 -32.70 -28.31
N PHE E 212 -0.74 -31.44 -28.02
CA PHE E 212 -1.00 -30.44 -29.03
C PHE E 212 -0.36 -29.11 -28.63
N ASP E 213 -0.05 -28.30 -29.63
CA ASP E 213 0.55 -27.01 -29.40
C ASP E 213 -0.56 -26.12 -28.88
N ILE E 214 -0.28 -25.34 -27.84
CA ILE E 214 -1.26 -24.43 -27.26
C ILE E 214 -1.74 -23.40 -28.29
N GLU E 215 -0.96 -23.25 -29.35
CA GLU E 215 -1.30 -22.26 -30.34
C GLU E 215 -2.35 -22.80 -31.31
N ASP E 216 -2.62 -24.11 -31.27
CA ASP E 216 -3.63 -24.74 -32.15
C ASP E 216 -5.02 -24.50 -31.57
N HIS E 217 -5.51 -23.30 -31.82
CA HIS E 217 -6.82 -22.84 -31.36
C HIS E 217 -7.99 -23.75 -31.70
N GLU E 218 -8.07 -24.18 -32.95
CA GLU E 218 -9.15 -25.06 -33.40
C GLU E 218 -9.18 -26.40 -32.64
N GLN E 219 -8.02 -27.02 -32.45
CA GLN E 219 -7.96 -28.29 -31.74
C GLN E 219 -8.30 -28.04 -30.28
N LEU E 220 -7.83 -26.93 -29.72
CA LEU E 220 -8.12 -26.63 -28.32
C LEU E 220 -9.62 -26.54 -28.12
N ARG E 221 -10.31 -25.90 -29.05
CA ARG E 221 -11.78 -25.82 -29.00
C ARG E 221 -12.42 -27.21 -29.05
N LYS E 222 -11.94 -28.06 -29.96
CA LYS E 222 -12.48 -29.42 -30.12
C LYS E 222 -12.25 -30.28 -28.88
N GLU E 223 -11.08 -30.17 -28.27
CA GLU E 223 -10.73 -30.96 -27.08
C GLU E 223 -11.54 -30.51 -25.85
N ILE E 224 -11.66 -29.20 -25.65
CA ILE E 224 -12.43 -28.70 -24.53
C ILE E 224 -13.86 -29.20 -24.64
N ALA E 225 -14.41 -29.13 -25.85
CA ALA E 225 -15.78 -29.57 -26.14
C ALA E 225 -16.04 -31.03 -25.73
N GLU E 226 -15.03 -31.86 -25.88
CA GLU E 226 -15.14 -33.28 -25.55
C GLU E 226 -14.73 -33.65 -24.13
N SER E 227 -14.25 -32.67 -23.38
CA SER E 227 -13.78 -32.90 -22.03
C SER E 227 -14.79 -32.46 -20.98
N VAL E 228 -14.72 -33.13 -19.83
CA VAL E 228 -15.55 -32.80 -18.67
C VAL E 228 -14.83 -31.71 -17.87
N ILE E 229 -13.51 -31.64 -18.06
CA ILE E 229 -12.69 -30.67 -17.32
C ILE E 229 -11.59 -30.07 -18.19
N PHE E 230 -11.35 -28.77 -17.96
CA PHE E 230 -10.31 -28.00 -18.59
C PHE E 230 -9.42 -27.47 -17.49
N THR E 231 -8.15 -27.81 -17.51
CA THR E 231 -7.25 -27.40 -16.44
C THR E 231 -5.98 -26.71 -16.85
N ASN E 232 -5.68 -25.65 -16.12
CA ASN E 232 -4.43 -24.96 -16.31
C ASN E 232 -3.45 -25.45 -15.26
N ALA E 233 -2.32 -25.96 -15.71
CA ALA E 233 -1.26 -26.39 -14.83
C ALA E 233 0.06 -25.72 -15.28
N THR E 234 -0.05 -24.50 -15.78
CA THR E 234 1.12 -23.70 -16.16
C THR E 234 1.21 -22.61 -15.10
N GLY E 235 2.29 -21.85 -15.11
CA GLY E 235 2.43 -20.74 -14.17
C GLY E 235 1.61 -19.52 -14.61
N VAL E 236 1.01 -19.58 -15.80
CA VAL E 236 0.24 -18.47 -16.34
C VAL E 236 -1.00 -18.22 -15.47
N GLY E 237 -1.25 -16.95 -15.18
CA GLY E 237 -2.36 -16.57 -14.31
C GLY E 237 -1.77 -16.18 -12.96
N MET E 238 -0.53 -16.59 -12.69
CA MET E 238 0.16 -16.29 -11.43
C MET E 238 1.40 -15.48 -11.73
N LYS E 239 1.79 -14.61 -10.79
CA LYS E 239 3.00 -13.82 -10.97
C LYS E 239 4.13 -14.73 -11.50
N PRO E 240 4.88 -14.28 -12.54
CA PRO E 240 4.85 -13.02 -13.27
C PRO E 240 3.87 -12.92 -14.43
N PHE E 241 2.83 -13.74 -14.42
CA PHE E 241 1.84 -13.79 -15.48
C PHE E 241 0.44 -13.56 -14.92
N GLU E 242 0.34 -12.75 -13.85
CA GLU E 242 -0.95 -12.50 -13.24
C GLU E 242 -1.77 -11.58 -14.14
N GLY E 243 -3.01 -11.98 -14.40
CA GLY E 243 -3.89 -11.20 -15.26
C GLY E 243 -3.89 -11.67 -16.71
N GLU E 244 -3.00 -12.61 -17.03
CA GLU E 244 -2.90 -13.19 -18.36
C GLU E 244 -3.59 -14.53 -18.31
N THR E 245 -3.86 -15.10 -19.49
CA THR E 245 -4.51 -16.41 -19.61
C THR E 245 -4.18 -17.02 -20.95
N LEU E 246 -4.14 -18.34 -20.99
CA LEU E 246 -3.88 -19.09 -22.20
C LEU E 246 -5.16 -19.47 -22.96
N LEU E 247 -6.31 -19.15 -22.39
CA LEU E 247 -7.60 -19.43 -23.05
C LEU E 247 -7.86 -18.37 -24.12
N PRO E 248 -7.87 -18.79 -25.40
CA PRO E 248 -8.10 -17.89 -26.54
C PRO E 248 -9.41 -17.11 -26.46
N SER E 249 -10.51 -17.83 -26.25
CA SER E 249 -11.82 -17.22 -26.20
C SER E 249 -12.79 -17.89 -25.24
N ALA E 250 -13.54 -17.05 -24.57
CA ALA E 250 -14.53 -17.45 -23.59
C ALA E 250 -15.56 -18.43 -24.16
N ASP E 251 -15.93 -18.26 -25.45
CA ASP E 251 -16.91 -19.14 -26.08
C ASP E 251 -16.43 -20.59 -26.23
N MET E 252 -15.17 -20.87 -25.87
CA MET E 252 -14.65 -22.25 -25.89
C MET E 252 -15.14 -23.02 -24.66
N LEU E 253 -15.69 -22.30 -23.69
CA LEU E 253 -16.19 -22.88 -22.46
C LEU E 253 -17.71 -22.94 -22.45
N ARG E 254 -18.27 -23.96 -21.81
CA ARG E 254 -19.70 -24.08 -21.75
C ARG E 254 -20.03 -24.25 -20.28
N PRO E 255 -21.26 -23.91 -19.89
CA PRO E 255 -21.72 -24.03 -18.50
C PRO E 255 -21.41 -25.34 -17.78
N GLU E 256 -21.56 -26.47 -18.46
CA GLU E 256 -21.32 -27.74 -17.80
C GLU E 256 -19.84 -28.08 -17.59
N LEU E 257 -18.96 -27.35 -18.26
CA LEU E 257 -17.53 -27.60 -18.16
C LEU E 257 -16.96 -27.18 -16.80
N ILE E 258 -16.12 -28.03 -16.22
CA ILE E 258 -15.45 -27.73 -14.96
C ILE E 258 -14.10 -27.13 -15.35
N VAL E 259 -13.79 -25.96 -14.80
CA VAL E 259 -12.53 -25.32 -15.13
C VAL E 259 -11.70 -25.22 -13.90
N SER E 260 -10.53 -25.84 -13.90
CA SER E 260 -9.65 -25.78 -12.73
C SER E 260 -8.30 -25.16 -13.01
N ASP E 261 -7.70 -24.61 -11.95
CA ASP E 261 -6.40 -23.98 -12.06
C ASP E 261 -5.50 -24.43 -10.90
N VAL E 262 -4.25 -24.80 -11.18
CA VAL E 262 -3.32 -25.15 -10.11
C VAL E 262 -2.97 -23.91 -9.28
N VAL E 263 -3.31 -22.73 -9.80
CA VAL E 263 -3.02 -21.45 -9.15
C VAL E 263 -4.07 -21.10 -8.09
N TYR E 264 -3.62 -20.73 -6.90
CA TYR E 264 -4.52 -20.31 -5.83
C TYR E 264 -4.17 -18.90 -5.39
N LYS E 265 -3.00 -18.42 -5.80
CA LYS E 265 -2.57 -17.06 -5.48
C LYS E 265 -2.31 -16.33 -6.79
N PRO E 266 -3.26 -15.47 -7.24
CA PRO E 266 -4.53 -15.05 -6.69
C PRO E 266 -5.59 -16.16 -6.65
N THR E 267 -6.66 -15.91 -5.89
CA THR E 267 -7.72 -16.91 -5.71
C THR E 267 -8.50 -17.18 -6.99
N LYS E 268 -8.54 -16.20 -7.87
CA LYS E 268 -9.19 -16.35 -9.15
C LYS E 268 -8.27 -15.84 -10.22
N THR E 269 -7.69 -16.74 -11.01
CA THR E 269 -6.87 -16.30 -12.14
C THR E 269 -7.82 -15.74 -13.20
N ARG E 270 -7.25 -15.09 -14.22
N ARG E 270 -7.25 -15.11 -14.22
CA ARG E 270 -8.08 -14.55 -15.30
CA ARG E 270 -8.04 -14.55 -15.32
C ARG E 270 -8.92 -15.68 -15.90
C ARG E 270 -8.91 -15.67 -15.89
N LEU E 271 -8.32 -16.86 -16.01
CA LEU E 271 -9.01 -18.02 -16.53
C LEU E 271 -10.26 -18.36 -15.73
N LEU E 272 -10.10 -18.41 -14.42
CA LEU E 272 -11.20 -18.77 -13.57
C LEU E 272 -12.29 -17.74 -13.63
N GLU E 273 -11.89 -16.46 -13.74
CA GLU E 273 -12.86 -15.34 -13.85
C GLU E 273 -13.72 -15.48 -15.09
N ILE E 274 -13.08 -15.88 -16.18
CA ILE E 274 -13.81 -16.03 -17.44
C ILE E 274 -14.73 -17.22 -17.35
N ALA E 275 -14.28 -18.28 -16.69
CA ALA E 275 -15.07 -19.49 -16.54
C ALA E 275 -16.30 -19.19 -15.71
N GLU E 276 -16.07 -18.42 -14.65
CA GLU E 276 -17.14 -17.99 -13.77
C GLU E 276 -18.15 -17.14 -14.56
N GLU E 277 -17.65 -16.21 -15.38
CA GLU E 277 -18.53 -15.38 -16.20
C GLU E 277 -19.35 -16.25 -17.17
N GLN E 278 -18.76 -17.32 -17.67
CA GLN E 278 -19.46 -18.21 -18.61
C GLN E 278 -20.33 -19.30 -17.96
N GLY E 279 -20.64 -19.14 -16.68
CA GLY E 279 -21.49 -20.07 -15.96
C GLY E 279 -20.87 -21.37 -15.48
N CYS E 280 -19.56 -21.54 -15.69
CA CYS E 280 -18.86 -22.76 -15.28
C CYS E 280 -18.54 -22.81 -13.79
N GLN E 281 -18.44 -24.03 -13.28
CA GLN E 281 -18.00 -24.27 -11.92
C GLN E 281 -16.49 -24.21 -12.00
N THR E 282 -15.87 -23.64 -10.99
CA THR E 282 -14.43 -23.50 -10.96
C THR E 282 -13.83 -24.06 -9.69
N LEU E 283 -12.53 -24.28 -9.75
CA LEU E 283 -11.79 -24.76 -8.60
C LEU E 283 -10.35 -24.28 -8.76
N ASN E 284 -9.88 -23.47 -7.81
CA ASN E 284 -8.49 -23.00 -7.84
C ASN E 284 -7.59 -24.08 -7.22
N GLY E 285 -6.29 -23.82 -7.10
CA GLY E 285 -5.33 -24.82 -6.61
C GLY E 285 -5.14 -24.95 -5.10
N LEU E 286 -6.09 -24.43 -4.34
CA LEU E 286 -5.99 -24.48 -2.88
C LEU E 286 -6.09 -25.91 -2.35
N GLY E 287 -7.04 -26.71 -2.86
CA GLY E 287 -7.23 -28.09 -2.45
C GLY E 287 -6.00 -28.90 -2.85
N MET E 288 -5.51 -28.67 -4.05
CA MET E 288 -4.33 -29.38 -4.46
C MET E 288 -3.24 -29.28 -3.37
N MET E 289 -2.88 -28.07 -2.95
CA MET E 289 -1.76 -27.95 -2.00
C MET E 289 -2.10 -28.59 -0.68
N LEU E 290 -3.34 -28.40 -0.22
CA LEU E 290 -3.80 -28.99 1.02
C LEU E 290 -3.76 -30.52 0.98
N TRP E 291 -4.28 -31.09 -0.09
CA TRP E 291 -4.30 -32.53 -0.22
C TRP E 291 -2.97 -33.13 -0.62
N GLN E 292 -2.04 -32.33 -1.17
CA GLN E 292 -0.74 -32.92 -1.45
C GLN E 292 -0.13 -33.08 -0.06
N GLY E 293 -0.47 -32.16 0.85
CA GLY E 293 0.04 -32.23 2.21
C GLY E 293 -0.56 -33.39 2.98
N ALA E 294 -1.89 -33.49 2.95
CA ALA E 294 -2.61 -34.56 3.63
C ALA E 294 -2.06 -35.93 3.20
N LYS E 295 -1.79 -36.08 1.92
CA LYS E 295 -1.27 -37.32 1.41
C LYS E 295 0.06 -37.64 2.09
N ALA E 296 0.97 -36.66 2.13
CA ALA E 296 2.26 -36.86 2.76
C ALA E 296 2.06 -37.27 4.20
N PHE E 297 1.18 -36.55 4.88
CA PHE E 297 0.84 -36.78 6.28
C PHE E 297 0.35 -38.22 6.47
N GLU E 298 -0.62 -38.63 5.67
CA GLU E 298 -1.17 -39.99 5.76
C GLU E 298 -0.07 -41.03 5.50
N ILE E 299 0.75 -40.78 4.50
CA ILE E 299 1.88 -41.67 4.19
C ILE E 299 2.74 -41.91 5.44
N TRP E 300 3.08 -40.83 6.14
CA TRP E 300 3.93 -40.95 7.33
C TRP E 300 3.24 -41.47 8.57
N THR E 301 2.00 -41.06 8.81
CA THR E 301 1.31 -41.45 10.06
C THR E 301 0.14 -42.45 9.99
N HIS E 302 -0.38 -42.69 8.79
CA HIS E 302 -1.53 -43.58 8.63
C HIS E 302 -2.73 -43.03 9.38
N LYS E 303 -2.81 -41.71 9.39
CA LYS E 303 -3.91 -40.99 9.99
C LYS E 303 -4.28 -39.96 8.94
N GLU E 304 -5.54 -39.57 8.88
CA GLU E 304 -5.94 -38.59 7.89
C GLU E 304 -5.78 -37.18 8.45
N MET E 305 -5.11 -36.32 7.71
CA MET E 305 -4.95 -34.93 8.13
C MET E 305 -6.32 -34.28 8.20
N PRO E 306 -6.58 -33.50 9.25
CA PRO E 306 -7.87 -32.83 9.31
C PRO E 306 -7.79 -31.58 8.44
N VAL E 307 -8.00 -31.77 7.14
CA VAL E 307 -7.89 -30.68 6.15
C VAL E 307 -8.80 -29.48 6.42
N ASP E 308 -10.10 -29.69 6.56
CA ASP E 308 -10.99 -28.57 6.85
C ASP E 308 -10.44 -27.73 7.99
N TYR E 309 -9.94 -28.38 9.04
CA TYR E 309 -9.35 -27.68 10.18
C TYR E 309 -8.11 -26.91 9.79
N ILE E 310 -7.16 -27.61 9.16
CA ILE E 310 -5.93 -26.97 8.75
C ILE E 310 -6.21 -25.78 7.82
N LYS E 311 -7.18 -25.95 6.93
CA LYS E 311 -7.57 -24.88 6.00
C LYS E 311 -8.06 -23.66 6.75
N GLU E 312 -8.83 -23.86 7.81
CA GLU E 312 -9.36 -22.76 8.61
C GLU E 312 -8.31 -22.04 9.42
N ILE E 313 -7.24 -22.74 9.76
CA ILE E 313 -6.16 -22.16 10.54
C ILE E 313 -5.25 -21.29 9.70
N LEU E 314 -4.84 -21.82 8.55
CA LEU E 314 -3.89 -21.11 7.71
C LEU E 314 -4.43 -20.42 6.46
N PHE E 315 -5.68 -20.64 6.11
CA PHE E 315 -6.23 -20.02 4.89
C PHE E 315 -7.66 -19.49 5.06
N ILE F 29 -3.44 -20.60 15.55
CA ILE F 29 -1.98 -20.91 15.49
C ILE F 29 -1.27 -20.71 16.84
N THR F 30 -1.03 -21.83 17.54
CA THR F 30 -0.34 -21.82 18.83
C THR F 30 0.90 -22.70 18.76
N GLU F 31 1.29 -23.06 17.54
CA GLU F 31 2.44 -23.91 17.30
C GLU F 31 3.57 -22.99 16.93
N ARG F 32 4.67 -23.03 17.69
CA ARG F 32 5.82 -22.13 17.48
C ARG F 32 6.89 -22.60 16.47
N ILE F 33 6.70 -23.78 15.90
CA ILE F 33 7.67 -24.36 14.97
C ILE F 33 7.31 -24.06 13.50
N THR F 34 8.14 -23.25 12.84
CA THR F 34 7.96 -22.88 11.44
C THR F 34 9.15 -23.40 10.63
N GLY F 35 9.27 -22.94 9.40
CA GLY F 35 10.43 -23.30 8.60
C GLY F 35 11.68 -22.56 9.08
N HIS F 36 11.52 -21.59 9.99
CA HIS F 36 12.67 -20.81 10.57
C HIS F 36 13.27 -21.47 11.81
N THR F 37 12.53 -22.42 12.38
CA THR F 37 12.97 -23.11 13.56
C THR F 37 14.17 -24.04 13.26
N GLU F 38 15.22 -23.95 14.07
CA GLU F 38 16.41 -24.77 13.87
C GLU F 38 16.48 -25.88 14.93
N LEU F 39 17.28 -26.89 14.66
CA LEU F 39 17.38 -28.07 15.49
C LEU F 39 18.65 -28.27 16.28
N ILE F 40 18.49 -28.64 17.56
CA ILE F 40 19.59 -29.00 18.44
C ILE F 40 19.32 -30.46 18.70
N GLY F 41 20.32 -31.30 18.53
CA GLY F 41 20.09 -32.75 18.72
C GLY F 41 20.54 -33.34 20.06
N LEU F 42 20.23 -34.60 20.22
CA LEU F 42 20.64 -35.39 21.39
C LEU F 42 20.84 -36.76 20.82
N ILE F 43 22.09 -37.22 20.70
CA ILE F 43 22.35 -38.51 20.14
C ILE F 43 22.91 -39.52 21.16
N ALA F 44 22.19 -40.64 21.26
CA ALA F 44 22.51 -41.71 22.19
C ALA F 44 21.40 -42.76 22.11
N THR F 45 21.63 -43.92 22.72
CA THR F 45 20.63 -44.99 22.77
C THR F 45 20.94 -45.91 23.96
N PRO F 46 19.94 -46.16 24.84
CA PRO F 46 18.58 -45.64 24.82
C PRO F 46 18.60 -44.16 25.20
N ILE F 47 17.54 -43.42 24.86
CA ILE F 47 17.53 -41.99 25.14
C ILE F 47 16.17 -41.30 25.15
N ARG F 48 15.12 -41.98 24.65
CA ARG F 48 13.79 -41.35 24.55
C ARG F 48 13.07 -40.92 25.85
N HIS F 49 13.57 -41.30 27.02
CA HIS F 49 12.95 -40.92 28.29
C HIS F 49 13.64 -39.70 28.93
N SER F 50 14.65 -39.17 28.25
CA SER F 50 15.39 -38.00 28.70
C SER F 50 14.51 -36.77 28.99
N LEU F 51 14.92 -35.99 29.97
CA LEU F 51 14.22 -34.76 30.35
C LEU F 51 14.87 -33.54 29.71
N SER F 52 16.01 -33.74 29.09
CA SER F 52 16.75 -32.67 28.44
C SER F 52 15.96 -31.93 27.36
N PRO F 53 15.22 -32.67 26.52
CA PRO F 53 14.45 -31.96 25.52
C PRO F 53 13.43 -31.03 26.15
N THR F 54 12.88 -31.43 27.28
CA THR F 54 11.89 -30.60 27.97
C THR F 54 12.63 -29.43 28.61
N MET F 55 13.86 -29.67 29.04
CA MET F 55 14.60 -28.60 29.64
C MET F 55 14.87 -27.49 28.61
N HIS F 56 15.53 -27.87 27.54
CA HIS F 56 15.93 -26.94 26.50
C HIS F 56 14.77 -26.39 25.69
N ASN F 57 13.79 -27.22 25.38
CA ASN F 57 12.66 -26.69 24.63
C ASN F 57 11.93 -25.63 25.44
N GLU F 58 11.83 -25.86 26.74
CA GLU F 58 11.15 -24.87 27.61
C GLU F 58 12.04 -23.62 27.74
N ALA F 59 13.35 -23.79 27.67
CA ALA F 59 14.30 -22.66 27.76
C ALA F 59 14.19 -21.82 26.49
N PHE F 60 14.14 -22.46 25.35
CA PHE F 60 13.98 -21.75 24.06
C PHE F 60 12.63 -21.03 24.03
N ALA F 61 11.57 -21.77 24.31
CA ALA F 61 10.24 -21.19 24.28
C ALA F 61 10.27 -19.90 25.08
N LYS F 62 10.64 -20.01 26.35
CA LYS F 62 10.74 -18.88 27.25
C LYS F 62 11.50 -17.64 26.74
N LEU F 63 12.74 -17.86 26.31
CA LEU F 63 13.59 -16.76 25.84
C LEU F 63 13.27 -16.28 24.43
N GLY F 64 12.38 -16.98 23.72
CA GLY F 64 12.03 -16.58 22.37
C GLY F 64 13.09 -16.97 21.34
N LEU F 65 13.78 -18.06 21.58
CA LEU F 65 14.81 -18.58 20.67
C LEU F 65 14.12 -19.59 19.77
N ASP F 66 14.41 -19.53 18.47
CA ASP F 66 13.68 -20.37 17.52
C ASP F 66 14.43 -21.65 17.24
N TYR F 67 14.52 -22.44 18.31
CA TYR F 67 15.15 -23.72 18.30
C TYR F 67 14.21 -24.71 18.97
N VAL F 68 14.38 -25.97 18.59
CA VAL F 68 13.66 -27.10 19.10
C VAL F 68 14.75 -28.13 19.39
N TYR F 69 14.63 -28.83 20.52
CA TYR F 69 15.63 -29.86 20.91
C TYR F 69 14.98 -31.23 20.73
N LEU F 70 15.65 -32.14 20.01
CA LEU F 70 15.11 -33.48 19.75
C LEU F 70 16.14 -34.55 19.98
N ALA F 71 15.69 -35.73 20.43
CA ALA F 71 16.59 -36.89 20.66
C ALA F 71 16.57 -37.89 19.50
N PHE F 72 17.70 -38.56 19.27
CA PHE F 72 17.77 -39.58 18.23
C PHE F 72 18.47 -40.82 18.74
N GLU F 73 17.84 -41.96 18.55
CA GLU F 73 18.39 -43.23 18.99
C GLU F 73 19.59 -43.54 18.11
N VAL F 74 20.77 -43.19 18.61
CA VAL F 74 22.02 -43.35 17.86
C VAL F 74 23.13 -44.11 18.60
N GLY F 75 23.59 -45.20 17.99
CA GLY F 75 24.70 -46.02 18.56
C GLY F 75 25.96 -46.05 17.72
N ASP F 76 26.89 -46.93 18.09
CA ASP F 76 28.16 -47.08 17.40
C ASP F 76 27.96 -47.10 15.87
N LYS F 77 27.04 -47.94 15.46
CA LYS F 77 26.70 -48.15 14.07
C LYS F 77 26.25 -46.89 13.31
N GLU F 78 25.49 -46.04 13.98
CA GLU F 78 24.93 -44.84 13.36
C GLU F 78 25.67 -43.53 13.64
N LEU F 79 26.72 -43.57 14.44
CA LEU F 79 27.39 -42.33 14.87
C LEU F 79 28.04 -41.48 13.78
N LYS F 80 28.83 -42.12 12.95
CA LYS F 80 29.58 -41.45 11.89
C LYS F 80 28.64 -40.78 10.88
N ASP F 81 27.67 -41.55 10.38
CA ASP F 81 26.76 -41.04 9.39
C ASP F 81 25.95 -39.89 9.94
N VAL F 82 25.53 -40.02 11.20
CA VAL F 82 24.75 -38.98 11.85
C VAL F 82 25.56 -37.70 12.01
N VAL F 83 26.82 -37.81 12.38
CA VAL F 83 27.63 -36.61 12.53
C VAL F 83 27.89 -35.99 11.15
N GLN F 84 28.21 -36.80 10.16
CA GLN F 84 28.42 -36.27 8.82
C GLN F 84 27.10 -35.63 8.37
N GLY F 85 25.97 -36.18 8.82
CA GLY F 85 24.65 -35.66 8.47
C GLY F 85 24.32 -34.34 9.16
N PHE F 86 24.68 -34.21 10.43
CA PHE F 86 24.40 -32.97 11.15
C PHE F 86 25.20 -31.81 10.56
N ARG F 87 26.40 -32.13 10.05
CA ARG F 87 27.23 -31.12 9.40
C ARG F 87 26.53 -30.62 8.16
N ALA F 88 26.10 -31.58 7.34
CA ALA F 88 25.41 -31.33 6.07
C ALA F 88 24.15 -30.55 6.29
N MET F 89 23.51 -30.79 7.44
CA MET F 89 22.30 -30.10 7.84
C MET F 89 22.65 -28.78 8.52
N ASN F 90 23.94 -28.53 8.67
CA ASN F 90 24.41 -27.34 9.36
C ASN F 90 23.85 -27.18 10.80
N LEU F 91 23.64 -28.27 11.54
CA LEU F 91 23.13 -28.12 12.94
C LEU F 91 24.04 -27.28 13.82
N ARG F 92 23.45 -26.41 14.62
CA ARG F 92 24.23 -25.56 15.53
C ARG F 92 24.99 -26.38 16.61
N GLY F 93 24.34 -27.42 17.12
CA GLY F 93 24.96 -28.24 18.13
C GLY F 93 24.06 -29.35 18.59
N TRP F 94 24.60 -30.20 19.48
CA TRP F 94 23.86 -31.31 20.03
C TRP F 94 24.55 -31.89 21.25
N ASN F 95 23.79 -32.68 22.00
CA ASN F 95 24.27 -33.39 23.14
C ASN F 95 24.52 -34.81 22.71
N VAL F 96 25.44 -35.48 23.38
CA VAL F 96 25.81 -36.83 23.09
C VAL F 96 25.80 -37.53 24.42
N SER F 97 25.30 -38.76 24.45
CA SER F 97 25.31 -39.57 25.67
C SER F 97 25.67 -41.03 25.29
N MET F 98 25.64 -41.94 26.27
N MET F 98 25.62 -41.94 26.28
CA MET F 98 25.98 -43.35 26.04
CA MET F 98 25.92 -43.36 26.07
C MET F 98 25.27 -43.91 24.81
C MET F 98 25.25 -43.92 24.81
N PRO F 99 25.98 -44.70 23.99
CA PRO F 99 27.38 -45.12 24.09
C PRO F 99 28.34 -44.37 23.16
N ASN F 100 28.02 -43.12 22.84
CA ASN F 100 28.81 -42.36 21.87
C ASN F 100 29.87 -41.39 22.41
N LYS F 101 29.78 -41.05 23.70
CA LYS F 101 30.65 -40.04 24.36
C LYS F 101 32.20 -40.17 24.21
N THR F 102 32.75 -41.36 24.21
CA THR F 102 34.21 -41.55 24.07
C THR F 102 34.67 -41.72 22.61
N ASN F 103 33.73 -42.09 21.74
CA ASN F 103 34.00 -42.28 20.32
C ASN F 103 33.81 -41.08 19.42
N ILE F 104 32.89 -40.17 19.76
CA ILE F 104 32.56 -39.07 18.85
C ILE F 104 33.73 -38.14 18.48
N HIS F 105 34.73 -38.01 19.34
CA HIS F 105 35.87 -37.16 19.01
C HIS F 105 36.47 -37.51 17.65
N LYS F 106 36.34 -38.77 17.24
CA LYS F 106 36.87 -39.19 15.94
C LYS F 106 36.18 -38.44 14.77
N TYR F 107 34.97 -37.92 15.00
CA TYR F 107 34.22 -37.25 13.95
C TYR F 107 34.06 -35.74 14.17
N LEU F 108 34.85 -35.21 15.10
CA LEU F 108 34.83 -33.82 15.44
C LEU F 108 36.16 -33.19 15.04
N ASP F 109 36.18 -31.87 14.98
CA ASP F 109 37.36 -31.13 14.55
C ASP F 109 38.22 -30.66 15.70
N LYS F 110 37.60 -30.27 16.79
CA LYS F 110 38.33 -29.80 17.95
C LYS F 110 37.67 -30.24 19.24
N LEU F 111 38.42 -30.16 20.33
CA LEU F 111 37.97 -30.55 21.64
C LEU F 111 38.30 -29.48 22.66
N SER F 112 37.39 -29.25 23.61
CA SER F 112 37.64 -28.32 24.68
C SER F 112 38.70 -28.98 25.56
N PRO F 113 39.52 -28.18 26.26
CA PRO F 113 40.56 -28.80 27.10
C PRO F 113 40.04 -29.94 28.00
N ALA F 114 38.92 -29.71 28.67
CA ALA F 114 38.36 -30.71 29.53
C ALA F 114 37.99 -31.97 28.75
N ALA F 115 37.44 -31.84 27.54
CA ALA F 115 37.06 -33.01 26.73
C ALA F 115 38.25 -33.84 26.26
N GLU F 116 39.36 -33.15 25.99
CA GLU F 116 40.57 -33.79 25.55
C GLU F 116 41.09 -34.59 26.73
N LEU F 117 41.21 -33.94 27.89
CA LEU F 117 41.74 -34.57 29.07
C LEU F 117 40.82 -35.68 29.59
N VAL F 118 39.52 -35.41 29.68
CA VAL F 118 38.59 -36.45 30.11
C VAL F 118 38.54 -37.59 29.08
N GLY F 119 38.49 -37.23 27.80
CA GLY F 119 38.38 -38.22 26.73
C GLY F 119 36.92 -38.61 26.48
N ALA F 120 36.02 -37.69 26.78
CA ALA F 120 34.60 -37.89 26.61
C ALA F 120 33.97 -36.57 26.17
N VAL F 121 32.92 -36.65 25.35
CA VAL F 121 32.21 -35.46 24.88
C VAL F 121 30.74 -35.69 25.03
N ASN F 122 30.04 -34.77 25.68
CA ASN F 122 28.58 -34.87 25.80
C ASN F 122 27.89 -33.69 25.10
N THR F 123 28.66 -32.76 24.56
CA THR F 123 28.11 -31.57 23.91
C THR F 123 28.95 -31.16 22.73
N VAL F 124 28.31 -30.88 21.61
CA VAL F 124 29.04 -30.46 20.42
C VAL F 124 28.47 -29.15 19.92
N VAL F 125 29.36 -28.27 19.48
CA VAL F 125 28.93 -27.00 18.96
C VAL F 125 29.52 -26.84 17.57
N ASN F 126 28.77 -26.25 16.65
CA ASN F 126 29.22 -26.07 15.27
C ASN F 126 29.45 -24.60 14.95
N ASP F 127 30.71 -24.26 14.73
CA ASP F 127 31.10 -22.88 14.42
C ASP F 127 31.63 -22.79 13.03
N ASP F 128 30.80 -22.30 12.11
CA ASP F 128 31.16 -22.12 10.72
C ASP F 128 31.72 -23.42 10.10
N GLY F 129 31.11 -24.54 10.47
CA GLY F 129 31.50 -25.88 9.96
C GLY F 129 32.50 -26.61 10.87
N VAL F 130 33.11 -25.88 11.80
CA VAL F 130 34.08 -26.47 12.72
C VAL F 130 33.37 -26.99 13.96
N LEU F 131 33.43 -28.29 14.15
CA LEU F 131 32.77 -28.92 15.29
C LEU F 131 33.72 -29.02 16.46
N THR F 132 33.33 -28.49 17.61
CA THR F 132 34.16 -28.64 18.79
C THR F 132 33.38 -29.40 19.85
N GLY F 133 34.02 -30.40 20.46
CA GLY F 133 33.38 -31.21 21.51
C GLY F 133 33.69 -30.66 22.90
N HIS F 134 32.65 -30.53 23.70
CA HIS F 134 32.73 -30.03 25.07
C HIS F 134 32.24 -31.11 26.01
N ILE F 135 32.54 -30.95 27.30
CA ILE F 135 32.03 -31.86 28.32
C ILE F 135 31.48 -30.96 29.40
N THR F 136 30.18 -31.04 29.62
CA THR F 136 29.52 -30.13 30.56
C THR F 136 29.09 -30.66 31.91
N ASP F 137 29.21 -31.95 32.14
CA ASP F 137 28.72 -32.51 33.42
C ASP F 137 29.61 -32.08 34.60
N GLY F 138 30.91 -32.14 34.44
CA GLY F 138 31.81 -31.66 35.48
C GLY F 138 31.49 -30.20 35.79
N THR F 139 31.41 -29.38 34.72
CA THR F 139 31.09 -27.95 34.85
C THR F 139 29.77 -27.74 35.57
N GLY F 140 28.78 -28.49 35.17
CA GLY F 140 27.45 -28.40 35.78
C GLY F 140 27.48 -28.69 37.27
N TYR F 141 28.24 -29.72 37.65
CA TYR F 141 28.37 -30.09 39.07
C TYR F 141 29.06 -28.99 39.88
N MET F 142 30.21 -28.54 39.39
CA MET F 142 30.99 -27.49 40.05
C MET F 142 30.23 -26.19 40.19
N ARG F 143 29.46 -25.84 39.17
CA ARG F 143 28.64 -24.64 39.17
C ARG F 143 27.55 -24.76 40.19
N ALA F 144 26.91 -25.94 40.24
CA ALA F 144 25.83 -26.17 41.19
C ALA F 144 26.31 -25.91 42.62
N LEU F 145 27.53 -26.36 42.92
CA LEU F 145 28.14 -26.18 44.24
C LEU F 145 28.33 -24.71 44.56
N LYS F 146 28.80 -23.95 43.59
CA LYS F 146 29.04 -22.52 43.76
C LYS F 146 27.73 -21.80 44.01
N GLU F 147 26.71 -22.10 43.22
CA GLU F 147 25.40 -21.47 43.35
C GLU F 147 24.80 -21.75 44.71
N ALA F 148 25.13 -22.88 45.29
CA ALA F 148 24.63 -23.26 46.62
C ALA F 148 25.45 -22.64 47.76
N GLY F 149 26.49 -21.88 47.41
CA GLY F 149 27.32 -21.19 48.40
C GLY F 149 28.50 -22.02 48.87
N HIS F 150 28.80 -23.12 48.14
CA HIS F 150 29.88 -24.00 48.53
C HIS F 150 31.11 -23.79 47.68
N ASP F 151 32.20 -23.36 48.33
CA ASP F 151 33.47 -23.11 47.66
C ASP F 151 34.41 -24.22 48.03
N ILE F 152 34.71 -25.08 47.08
CA ILE F 152 35.64 -26.18 47.33
C ILE F 152 36.97 -25.97 46.60
N ILE F 153 37.12 -24.80 45.98
CA ILE F 153 38.35 -24.49 45.26
C ILE F 153 39.48 -24.35 46.28
N GLY F 154 40.63 -24.94 45.96
CA GLY F 154 41.78 -24.91 46.85
C GLY F 154 41.60 -25.78 48.09
N LYS F 155 40.59 -26.65 48.10
CA LYS F 155 40.31 -27.51 49.24
C LYS F 155 40.32 -29.01 48.87
N LYS F 156 39.92 -29.87 49.80
CA LYS F 156 39.94 -31.29 49.55
C LYS F 156 38.56 -31.92 49.42
N MET F 157 38.41 -32.72 48.36
CA MET F 157 37.17 -33.45 48.13
C MET F 157 37.41 -34.95 48.18
N THR F 158 36.53 -35.66 48.89
CA THR F 158 36.54 -37.12 48.92
C THR F 158 35.36 -37.47 48.04
N ILE F 159 35.58 -38.29 47.02
CA ILE F 159 34.52 -38.65 46.10
C ILE F 159 34.46 -40.13 45.84
N CYS F 160 33.24 -40.65 45.75
CA CYS F 160 32.99 -42.04 45.47
C CYS F 160 32.55 -42.14 44.02
N GLY F 161 33.25 -42.94 43.24
CA GLY F 161 32.86 -43.12 41.88
C GLY F 161 34.00 -43.13 40.91
N ALA F 162 33.75 -43.72 39.76
CA ALA F 162 34.75 -43.82 38.74
C ALA F 162 34.12 -44.02 37.37
N GLY F 163 32.84 -43.66 37.23
CA GLY F 163 32.13 -43.75 35.97
C GLY F 163 32.24 -42.45 35.21
N GLY F 164 31.44 -42.30 34.18
CA GLY F 164 31.46 -41.06 33.37
C GLY F 164 31.16 -39.78 34.16
N ALA F 165 30.27 -39.85 35.13
CA ALA F 165 29.94 -38.66 35.91
C ALA F 165 31.09 -38.31 36.87
N ALA F 166 31.55 -39.29 37.64
CA ALA F 166 32.66 -39.10 38.58
C ALA F 166 33.95 -38.72 37.83
N THR F 167 34.15 -39.30 36.66
CA THR F 167 35.37 -39.01 35.89
C THR F 167 35.37 -37.53 35.51
N ALA F 168 34.26 -37.06 34.97
CA ALA F 168 34.11 -35.67 34.56
C ALA F 168 34.25 -34.74 35.73
N ILE F 169 33.55 -35.04 36.82
CA ILE F 169 33.58 -34.22 38.02
C ILE F 169 34.99 -34.07 38.60
N CYS F 170 35.68 -35.20 38.76
CA CYS F 170 37.03 -35.18 39.33
C CYS F 170 37.94 -34.30 38.49
N ILE F 171 37.90 -34.51 37.19
CA ILE F 171 38.70 -33.77 36.24
C ILE F 171 38.31 -32.29 36.18
N GLN F 172 37.03 -31.97 36.13
CA GLN F 172 36.69 -30.56 36.09
C GLN F 172 37.05 -29.93 37.44
N ALA F 173 36.99 -30.71 38.51
CA ALA F 173 37.32 -30.20 39.83
C ALA F 173 38.78 -29.85 39.82
N ALA F 174 39.59 -30.80 39.33
CA ALA F 174 41.04 -30.63 39.23
C ALA F 174 41.34 -29.35 38.45
N LEU F 175 40.81 -29.27 37.24
CA LEU F 175 41.03 -28.10 36.37
C LEU F 175 40.56 -26.79 37.01
N ASP F 176 39.50 -26.83 37.80
CA ASP F 176 38.99 -25.61 38.45
C ASP F 176 39.80 -25.14 39.66
N GLY F 177 40.77 -25.93 40.10
CA GLY F 177 41.60 -25.51 41.23
C GLY F 177 41.34 -26.17 42.56
N VAL F 178 40.60 -27.27 42.57
CA VAL F 178 40.37 -28.00 43.81
C VAL F 178 41.78 -28.50 44.15
N LYS F 179 42.16 -28.45 45.42
CA LYS F 179 43.53 -28.79 45.81
C LYS F 179 43.87 -30.27 45.85
N GLU F 180 42.98 -31.07 46.43
CA GLU F 180 43.25 -32.49 46.55
C GLU F 180 41.96 -33.31 46.41
N ILE F 181 42.04 -34.46 45.76
CA ILE F 181 40.87 -35.32 45.63
C ILE F 181 41.19 -36.78 45.98
N SER F 182 40.43 -37.33 46.92
CA SER F 182 40.59 -38.72 47.28
C SER F 182 39.44 -39.43 46.63
N ILE F 183 39.74 -40.38 45.75
CA ILE F 183 38.70 -41.14 45.07
C ILE F 183 38.57 -42.54 45.65
N PHE F 184 37.33 -42.97 45.85
CA PHE F 184 37.05 -44.29 46.36
C PHE F 184 36.15 -45.01 45.38
N ASN F 185 36.41 -46.29 45.17
CA ASN F 185 35.58 -47.07 44.29
C ASN F 185 35.75 -48.56 44.54
N ARG F 186 34.71 -49.33 44.21
CA ARG F 186 34.73 -50.79 44.28
C ARG F 186 35.82 -51.34 43.41
N LYS F 187 36.26 -52.56 43.71
CA LYS F 187 37.23 -53.26 42.86
C LYS F 187 36.41 -53.92 41.75
N ASP F 188 35.80 -53.09 40.91
CA ASP F 188 34.97 -53.59 39.81
C ASP F 188 35.56 -53.09 38.49
N ASP F 189 34.83 -53.25 37.40
CA ASP F 189 35.32 -52.84 36.08
C ASP F 189 35.89 -51.41 36.03
N PHE F 190 35.21 -50.49 36.69
CA PHE F 190 35.58 -49.08 36.72
C PHE F 190 36.82 -48.69 37.53
N TYR F 191 37.45 -49.63 38.23
CA TYR F 191 38.59 -49.27 39.09
C TYR F 191 39.77 -48.82 38.23
N ALA F 192 40.09 -49.59 37.20
CA ALA F 192 41.16 -49.24 36.30
C ALA F 192 40.92 -47.86 35.70
N ASN F 193 39.66 -47.47 35.51
CA ASN F 193 39.36 -46.15 34.96
C ASN F 193 39.79 -45.06 35.93
N ALA F 194 39.55 -45.28 37.22
CA ALA F 194 39.91 -44.33 38.26
C ALA F 194 41.42 -44.15 38.29
N GLU F 195 42.15 -45.24 38.11
CA GLU F 195 43.59 -45.19 38.12
C GLU F 195 44.12 -44.27 37.01
N LYS F 196 43.55 -44.37 35.80
CA LYS F 196 43.92 -43.48 34.70
C LYS F 196 43.55 -42.03 35.08
N THR F 197 42.34 -41.85 35.62
CA THR F 197 41.91 -40.54 36.03
C THR F 197 42.89 -39.92 37.03
N VAL F 198 43.35 -40.72 38.00
CA VAL F 198 44.31 -40.23 38.98
C VAL F 198 45.58 -39.82 38.27
N GLU F 199 46.00 -40.62 37.30
CA GLU F 199 47.20 -40.34 36.51
C GLU F 199 47.04 -39.07 35.67
N LYS F 200 45.82 -38.79 35.21
CA LYS F 200 45.58 -37.57 34.44
C LYS F 200 45.64 -36.33 35.31
N ILE F 201 44.97 -36.39 36.44
CA ILE F 201 44.91 -35.25 37.36
C ILE F 201 46.26 -34.81 37.89
N ASN F 202 47.09 -35.76 38.26
CA ASN F 202 48.40 -35.43 38.84
C ASN F 202 49.37 -34.92 37.79
N SER F 203 49.25 -35.46 36.59
CA SER F 203 50.15 -35.11 35.52
C SER F 203 49.78 -33.83 34.77
N LYS F 204 48.49 -33.61 34.54
CA LYS F 204 48.04 -32.47 33.74
C LYS F 204 47.47 -31.27 34.50
N THR F 205 47.22 -31.42 35.81
CA THR F 205 46.71 -30.31 36.63
C THR F 205 47.60 -30.15 37.85
N ASP F 206 47.31 -29.13 38.66
CA ASP F 206 48.04 -28.87 39.91
C ASP F 206 47.43 -29.62 41.11
N CYS F 207 46.34 -30.33 40.88
CA CYS F 207 45.63 -31.05 41.93
C CYS F 207 46.32 -32.38 42.26
N LYS F 208 46.23 -32.80 43.52
CA LYS F 208 46.78 -34.08 43.98
C LYS F 208 45.61 -35.03 44.08
N ALA F 209 45.74 -36.22 43.53
CA ALA F 209 44.67 -37.20 43.57
C ALA F 209 45.22 -38.60 43.84
N GLN F 210 44.40 -39.41 44.49
CA GLN F 210 44.76 -40.78 44.82
C GLN F 210 43.50 -41.58 44.91
N LEU F 211 43.61 -42.87 44.57
CA LEU F 211 42.49 -43.78 44.58
C LEU F 211 42.59 -44.82 45.69
N PHE F 212 41.43 -45.15 46.27
CA PHE F 212 41.33 -46.17 47.30
C PHE F 212 40.15 -47.08 47.03
N ASP F 213 40.21 -48.27 47.62
CA ASP F 213 39.15 -49.24 47.53
C ASP F 213 38.09 -48.70 48.46
N ILE F 214 36.84 -48.75 48.02
CA ILE F 214 35.70 -48.27 48.80
C ILE F 214 35.49 -49.06 50.11
N GLU F 215 35.99 -50.30 50.16
CA GLU F 215 35.91 -51.13 51.34
C GLU F 215 37.04 -50.85 52.36
N ASP F 216 37.80 -49.78 52.15
CA ASP F 216 38.85 -49.43 53.09
C ASP F 216 38.18 -48.38 53.92
N HIS F 217 37.33 -48.83 54.85
CA HIS F 217 36.56 -47.91 55.66
C HIS F 217 37.42 -47.00 56.54
N GLU F 218 38.53 -47.54 57.04
N GLU F 218 38.53 -47.51 57.05
CA GLU F 218 39.43 -46.77 57.87
CA GLU F 218 39.40 -46.69 57.88
C GLU F 218 40.06 -45.60 57.09
C GLU F 218 40.04 -45.56 57.08
N GLN F 219 40.37 -45.83 55.82
CA GLN F 219 40.97 -44.77 55.00
C GLN F 219 39.85 -43.77 54.69
N LEU F 220 38.68 -44.31 54.34
CA LEU F 220 37.53 -43.48 54.02
C LEU F 220 37.18 -42.50 55.13
N ARG F 221 37.17 -42.95 56.38
CA ARG F 221 36.82 -42.03 57.47
C ARG F 221 37.91 -40.95 57.62
N LYS F 222 39.18 -41.31 57.39
CA LYS F 222 40.27 -40.32 57.49
C LYS F 222 40.13 -39.31 56.37
N GLU F 223 39.97 -39.79 55.13
CA GLU F 223 39.85 -38.90 53.99
C GLU F 223 38.66 -37.96 54.18
N ILE F 224 37.54 -38.51 54.63
CA ILE F 224 36.37 -37.67 54.86
C ILE F 224 36.68 -36.62 55.92
N ALA F 225 37.28 -37.03 57.04
CA ALA F 225 37.60 -36.10 58.13
C ALA F 225 38.44 -34.91 57.64
N GLU F 226 39.31 -35.16 56.65
CA GLU F 226 40.19 -34.14 56.09
C GLU F 226 39.61 -33.33 54.91
N SER F 227 38.44 -33.72 54.43
CA SER F 227 37.79 -33.08 53.27
C SER F 227 36.70 -32.06 53.64
N VAL F 228 36.51 -31.03 52.82
CA VAL F 228 35.45 -30.03 53.04
C VAL F 228 34.14 -30.54 52.43
N ILE F 229 34.24 -31.54 51.56
CA ILE F 229 33.07 -32.11 50.90
C ILE F 229 33.25 -33.61 50.63
N PHE F 230 32.16 -34.36 50.78
CA PHE F 230 32.14 -35.80 50.48
C PHE F 230 31.06 -35.95 49.43
N THR F 231 31.43 -36.57 48.31
CA THR F 231 30.49 -36.69 47.21
C THR F 231 30.25 -38.09 46.69
N ASN F 232 28.96 -38.40 46.50
CA ASN F 232 28.59 -39.63 45.88
C ASN F 232 28.41 -39.39 44.40
N ALA F 233 29.20 -40.08 43.60
CA ALA F 233 29.12 -39.99 42.15
C ALA F 233 28.85 -41.39 41.59
N THR F 234 28.15 -42.21 42.34
CA THR F 234 27.81 -43.55 41.90
C THR F 234 26.29 -43.69 41.76
N GLY F 235 25.83 -44.85 41.29
CA GLY F 235 24.40 -45.10 41.19
C GLY F 235 23.80 -45.55 42.51
N VAL F 236 24.61 -45.72 43.55
CA VAL F 236 24.10 -46.16 44.86
C VAL F 236 23.23 -45.02 45.43
N GLY F 237 22.04 -45.36 45.90
CA GLY F 237 21.08 -44.37 46.44
C GLY F 237 19.94 -44.15 45.43
N MET F 238 20.14 -44.62 44.21
CA MET F 238 19.18 -44.55 43.11
C MET F 238 18.88 -45.98 42.73
N LYS F 239 17.65 -46.25 42.27
CA LYS F 239 17.29 -47.60 41.87
C LYS F 239 18.29 -48.13 40.85
N PRO F 240 18.64 -49.41 40.95
CA PRO F 240 18.14 -50.40 41.92
C PRO F 240 18.74 -50.42 43.35
N PHE F 241 19.43 -49.35 43.74
CA PHE F 241 20.04 -49.26 45.07
C PHE F 241 19.48 -48.10 45.92
N GLU F 242 18.15 -47.92 45.89
CA GLU F 242 17.51 -46.87 46.69
C GLU F 242 17.52 -47.22 48.18
N GLY F 243 17.67 -46.20 49.03
CA GLY F 243 17.68 -46.39 50.47
C GLY F 243 18.99 -46.98 50.95
N GLU F 244 19.99 -47.02 50.07
CA GLU F 244 21.32 -47.57 50.38
C GLU F 244 22.39 -46.56 50.07
N THR F 245 23.44 -46.57 50.87
CA THR F 245 24.58 -45.70 50.66
C THR F 245 25.87 -46.46 50.86
N LEU F 246 26.95 -45.88 50.34
CA LEU F 246 28.26 -46.47 50.48
C LEU F 246 28.88 -46.00 51.79
N LEU F 247 28.23 -45.06 52.46
CA LEU F 247 28.74 -44.57 53.75
C LEU F 247 28.43 -45.63 54.84
N PRO F 248 29.47 -46.26 55.41
CA PRO F 248 29.28 -47.30 56.43
C PRO F 248 28.61 -46.83 57.71
N SER F 249 28.89 -45.61 58.14
CA SER F 249 28.31 -45.07 59.37
C SER F 249 28.20 -43.54 59.42
N ALA F 250 27.15 -43.09 60.09
CA ALA F 250 26.88 -41.69 60.24
C ALA F 250 28.02 -40.97 60.97
N ASP F 251 28.77 -41.69 61.80
CA ASP F 251 29.84 -41.05 62.58
C ASP F 251 31.09 -40.67 61.79
N MET F 252 31.10 -40.96 60.48
CA MET F 252 32.22 -40.56 59.61
C MET F 252 32.01 -39.13 59.11
N LEU F 253 30.82 -38.58 59.34
CA LEU F 253 30.51 -37.22 58.93
C LEU F 253 30.69 -36.28 60.11
N ARG F 254 30.46 -34.99 59.88
CA ARG F 254 30.52 -33.97 60.94
C ARG F 254 29.68 -32.78 60.44
N PRO F 255 29.11 -32.00 61.36
CA PRO F 255 28.26 -30.87 60.99
C PRO F 255 28.76 -29.89 59.93
N GLU F 256 30.05 -29.55 59.94
CA GLU F 256 30.59 -28.58 58.97
C GLU F 256 30.81 -29.17 57.58
N LEU F 257 30.88 -30.49 57.48
CA LEU F 257 31.12 -31.18 56.22
C LEU F 257 29.98 -31.00 55.25
N ILE F 258 30.30 -30.76 53.99
CA ILE F 258 29.27 -30.63 52.95
C ILE F 258 29.13 -31.99 52.31
N VAL F 259 27.91 -32.48 52.20
CA VAL F 259 27.68 -33.80 51.57
C VAL F 259 26.89 -33.61 50.27
N SER F 260 27.44 -34.15 49.20
CA SER F 260 26.87 -34.01 47.86
C SER F 260 26.54 -35.32 47.20
N ASP F 261 25.43 -35.35 46.48
CA ASP F 261 25.07 -36.54 45.74
C ASP F 261 24.73 -36.11 44.32
N VAL F 262 25.21 -36.86 43.32
CA VAL F 262 24.86 -36.56 41.95
C VAL F 262 23.44 -37.11 41.70
N VAL F 263 22.99 -38.03 42.55
CA VAL F 263 21.64 -38.59 42.43
C VAL F 263 20.59 -37.54 42.83
N TYR F 264 19.52 -37.44 42.04
CA TYR F 264 18.43 -36.50 42.33
C TYR F 264 17.02 -37.16 42.28
N LYS F 265 16.98 -38.44 41.95
CA LYS F 265 15.75 -39.23 41.90
C LYS F 265 16.11 -40.54 42.62
N PRO F 266 15.76 -40.65 43.93
CA PRO F 266 15.04 -39.70 44.76
C PRO F 266 15.82 -38.39 44.99
N THR F 267 15.09 -37.36 45.44
CA THR F 267 15.63 -36.05 45.71
C THR F 267 16.44 -36.02 47.01
N LYS F 268 16.25 -37.06 47.83
CA LYS F 268 16.90 -37.19 49.12
C LYS F 268 17.32 -38.64 49.25
N THR F 269 18.56 -38.95 48.85
CA THR F 269 19.06 -40.32 48.94
C THR F 269 19.30 -40.70 50.39
N ARG F 270 19.63 -41.97 50.63
CA ARG F 270 19.95 -42.42 51.97
C ARG F 270 21.16 -41.65 52.51
N LEU F 271 22.16 -41.44 51.67
CA LEU F 271 23.36 -40.69 52.08
C LEU F 271 22.97 -39.30 52.56
N LEU F 272 22.19 -38.59 51.76
CA LEU F 272 21.77 -37.27 52.12
C LEU F 272 20.94 -37.31 53.40
N GLU F 273 20.11 -38.35 53.57
CA GLU F 273 19.29 -38.45 54.80
C GLU F 273 20.19 -38.50 56.04
N ILE F 274 21.22 -39.33 55.98
CA ILE F 274 22.14 -39.48 57.11
C ILE F 274 22.86 -38.16 57.38
N ALA F 275 23.35 -37.56 56.29
CA ALA F 275 24.05 -36.29 56.37
C ALA F 275 23.17 -35.23 57.04
N GLU F 276 21.90 -35.21 56.70
CA GLU F 276 20.98 -34.22 57.25
C GLU F 276 20.80 -34.42 58.76
N GLU F 277 20.59 -35.66 59.18
CA GLU F 277 20.42 -36.00 60.61
C GLU F 277 21.67 -35.62 61.41
N GLN F 278 22.82 -35.70 60.76
CA GLN F 278 24.10 -35.37 61.37
C GLN F 278 24.38 -33.86 61.39
N GLY F 279 23.44 -33.07 60.88
CA GLY F 279 23.58 -31.62 60.87
C GLY F 279 24.33 -31.06 59.69
N CYS F 280 24.71 -31.92 58.75
CA CYS F 280 25.44 -31.46 57.57
C CYS F 280 24.60 -30.59 56.63
N GLN F 281 25.30 -30.07 55.63
CA GLN F 281 24.72 -29.28 54.59
C GLN F 281 24.72 -30.25 53.40
N THR F 282 23.58 -30.39 52.74
CA THR F 282 23.48 -31.34 51.64
C THR F 282 23.07 -30.70 50.33
N LEU F 283 23.37 -31.41 49.24
CA LEU F 283 23.00 -30.95 47.93
C LEU F 283 22.77 -32.17 47.05
N ASN F 284 21.57 -32.32 46.50
CA ASN F 284 21.29 -33.45 45.63
C ASN F 284 21.77 -33.08 44.21
N GLY F 285 21.44 -33.88 43.21
CA GLY F 285 21.94 -33.66 41.87
C GLY F 285 21.22 -32.72 40.93
N LEU F 286 20.10 -32.16 41.36
CA LEU F 286 19.33 -31.27 40.50
C LEU F 286 20.19 -30.18 39.91
N GLY F 287 20.89 -29.44 40.78
CA GLY F 287 21.76 -28.37 40.35
C GLY F 287 22.64 -28.83 39.21
N MET F 288 23.28 -29.97 39.40
CA MET F 288 24.17 -30.52 38.40
C MET F 288 23.53 -30.71 37.08
N MET F 289 22.32 -31.28 37.05
CA MET F 289 21.69 -31.53 35.77
C MET F 289 21.25 -30.20 35.15
N LEU F 290 20.67 -29.32 35.97
CA LEU F 290 20.24 -28.01 35.48
C LEU F 290 21.38 -27.18 34.92
N TRP F 291 22.48 -27.10 35.64
CA TRP F 291 23.64 -26.31 35.18
C TRP F 291 24.47 -26.98 34.11
N GLN F 292 24.33 -28.30 33.94
CA GLN F 292 25.09 -28.88 32.86
C GLN F 292 24.28 -28.54 31.61
N GLY F 293 22.97 -28.43 31.77
CA GLY F 293 22.10 -28.04 30.67
C GLY F 293 22.35 -26.57 30.30
N ALA F 294 22.46 -25.71 31.31
CA ALA F 294 22.71 -24.29 31.09
C ALA F 294 24.06 -24.10 30.38
N LYS F 295 25.06 -24.89 30.77
CA LYS F 295 26.36 -24.76 30.15
C LYS F 295 26.23 -25.01 28.65
N ALA F 296 25.62 -26.12 28.28
CA ALA F 296 25.44 -26.49 26.89
C ALA F 296 24.62 -25.44 26.16
N PHE F 297 23.60 -24.94 26.83
CA PHE F 297 22.73 -23.92 26.31
C PHE F 297 23.52 -22.67 25.99
N GLU F 298 24.33 -22.23 26.92
CA GLU F 298 25.15 -21.03 26.71
C GLU F 298 26.21 -21.29 25.59
N ILE F 299 26.68 -22.52 25.48
CA ILE F 299 27.66 -22.83 24.43
C ILE F 299 27.01 -22.59 23.08
N TRP F 300 25.76 -23.04 22.95
CA TRP F 300 25.05 -22.93 21.69
C TRP F 300 24.48 -21.56 21.42
N THR F 301 23.90 -20.93 22.43
CA THR F 301 23.24 -19.65 22.25
C THR F 301 23.98 -18.41 22.72
N HIS F 302 25.00 -18.61 23.55
CA HIS F 302 25.74 -17.50 24.16
C HIS F 302 24.77 -16.73 25.08
N LYS F 303 23.73 -17.42 25.53
CA LYS F 303 22.76 -16.83 26.44
C LYS F 303 22.84 -17.63 27.73
N GLU F 304 22.26 -17.08 28.77
CA GLU F 304 22.22 -17.75 30.06
C GLU F 304 20.84 -18.37 30.19
N MET F 305 20.80 -19.69 30.39
CA MET F 305 19.52 -20.41 30.55
C MET F 305 18.87 -19.93 31.86
N PRO F 306 17.53 -19.81 31.90
CA PRO F 306 16.89 -19.36 33.13
C PRO F 306 16.69 -20.58 34.06
N VAL F 307 17.74 -20.87 34.80
CA VAL F 307 17.78 -22.03 35.69
C VAL F 307 16.64 -22.12 36.70
N ASP F 308 16.37 -21.06 37.46
CA ASP F 308 15.26 -21.15 38.42
C ASP F 308 13.93 -21.38 37.72
N TYR F 309 13.78 -20.81 36.54
CA TYR F 309 12.54 -20.93 35.79
C TYR F 309 12.28 -22.37 35.38
N ILE F 310 13.27 -22.98 34.77
CA ILE F 310 13.17 -24.36 34.34
C ILE F 310 13.14 -25.35 35.53
N LYS F 311 13.74 -24.98 36.65
CA LYS F 311 13.72 -25.84 37.83
C LYS F 311 12.29 -26.05 38.28
N GLU F 312 11.50 -24.98 38.27
CA GLU F 312 10.09 -25.09 38.69
C GLU F 312 9.16 -25.64 37.63
N ILE F 313 9.59 -25.63 36.39
CA ILE F 313 8.78 -26.21 35.34
C ILE F 313 8.93 -27.72 35.52
N LEU F 314 10.18 -28.18 35.58
CA LEU F 314 10.49 -29.60 35.72
C LEU F 314 10.30 -30.27 37.06
N PHE F 315 10.31 -29.51 38.17
CA PHE F 315 10.19 -30.14 39.49
C PHE F 315 9.28 -29.40 40.49
N MET G 25 29.91 -1.43 38.02
CA MET G 25 30.13 -1.80 36.59
C MET G 25 28.96 -2.67 36.11
N THR G 26 28.65 -3.72 36.87
CA THR G 26 27.54 -4.62 36.54
C THR G 26 26.28 -4.13 37.24
N ASN G 27 25.12 -4.36 36.64
CA ASN G 27 23.87 -3.95 37.27
C ASN G 27 23.00 -5.18 37.49
N LYS G 28 22.75 -5.48 38.77
CA LYS G 28 21.95 -6.63 39.18
C LYS G 28 20.43 -6.34 39.12
N ILE G 29 20.09 -5.06 39.23
CA ILE G 29 18.69 -4.66 39.12
C ILE G 29 18.24 -5.01 37.71
N THR G 30 17.10 -5.70 37.61
CA THR G 30 16.55 -6.10 36.32
C THR G 30 15.21 -5.42 36.06
N GLU G 31 14.50 -5.09 37.15
CA GLU G 31 13.20 -4.44 37.08
C GLU G 31 13.36 -2.97 36.71
N ARG G 32 12.60 -2.55 35.71
CA ARG G 32 12.67 -1.16 35.25
C ARG G 32 11.86 -0.20 36.10
N ILE G 33 10.88 -0.73 36.84
CA ILE G 33 10.01 0.10 37.66
C ILE G 33 10.68 0.55 38.96
N THR G 34 10.77 1.88 39.14
CA THR G 34 11.36 2.47 40.34
C THR G 34 10.38 3.49 40.92
N GLY G 35 10.87 4.34 41.82
CA GLY G 35 10.00 5.38 42.40
C GLY G 35 9.71 6.50 41.41
N HIS G 36 10.43 6.53 40.30
CA HIS G 36 10.24 7.53 39.26
C HIS G 36 9.18 7.08 38.25
N THR G 37 8.93 5.78 38.18
CA THR G 37 7.95 5.26 37.22
C THR G 37 6.54 5.79 37.49
N GLU G 38 5.84 6.22 36.44
CA GLU G 38 4.48 6.77 36.58
C GLU G 38 3.44 5.82 36.01
N LEU G 39 2.23 5.95 36.54
CA LEU G 39 1.12 5.09 36.17
C LEU G 39 0.10 5.65 35.18
N ILE G 40 -0.34 4.76 34.30
CA ILE G 40 -1.39 5.04 33.34
C ILE G 40 -2.38 3.93 33.67
N GLY G 41 -3.63 4.28 33.95
CA GLY G 41 -4.59 3.26 34.28
C GLY G 41 -5.46 2.80 33.12
N LEU G 42 -6.28 1.80 33.40
CA LEU G 42 -7.31 1.28 32.50
C LEU G 42 -8.41 0.94 33.49
N ILE G 43 -9.50 1.70 33.49
CA ILE G 43 -10.56 1.44 34.45
C ILE G 43 -11.82 0.89 33.79
N ALA G 44 -12.14 -0.35 34.17
CA ALA G 44 -13.29 -1.05 33.62
C ALA G 44 -13.52 -2.36 34.37
N THR G 45 -14.58 -3.05 34.00
CA THR G 45 -14.91 -4.34 34.58
C THR G 45 -16.00 -5.05 33.75
N PRO G 46 -15.74 -6.29 33.34
CA PRO G 46 -14.49 -7.03 33.57
C PRO G 46 -13.38 -6.41 32.73
N ILE G 47 -12.12 -6.65 33.11
CA ILE G 47 -11.00 -6.06 32.37
C ILE G 47 -9.66 -6.79 32.45
N ARG G 48 -9.47 -7.64 33.45
CA ARG G 48 -8.15 -8.28 33.62
C ARG G 48 -7.57 -9.12 32.49
N HIS G 49 -8.37 -9.53 31.51
CA HIS G 49 -7.85 -10.26 30.35
C HIS G 49 -7.47 -9.29 29.23
N SER G 50 -7.51 -8.00 29.52
CA SER G 50 -7.16 -7.05 28.48
C SER G 50 -5.73 -7.25 28.02
N LEU G 51 -5.50 -6.93 26.75
CA LEU G 51 -4.18 -6.98 26.14
C LEU G 51 -3.60 -5.57 26.04
N SER G 52 -4.36 -4.55 26.44
CA SER G 52 -3.86 -3.18 26.39
C SER G 52 -2.63 -2.95 27.31
N PRO G 53 -2.64 -3.53 28.51
CA PRO G 53 -1.46 -3.29 29.35
C PRO G 53 -0.21 -3.85 28.71
N THR G 54 -0.34 -4.96 28.02
CA THR G 54 0.84 -5.55 27.36
C THR G 54 1.31 -4.62 26.24
N MET G 55 0.36 -4.12 25.45
CA MET G 55 0.65 -3.18 24.37
C MET G 55 1.42 -1.96 24.84
N HIS G 56 0.86 -1.22 25.79
CA HIS G 56 1.51 -0.01 26.29
C HIS G 56 2.84 -0.27 27.02
N ASN G 57 2.84 -1.21 27.96
CA ASN G 57 4.06 -1.54 28.70
C ASN G 57 5.22 -1.94 27.76
N GLU G 58 4.90 -2.68 26.71
CA GLU G 58 5.93 -3.06 25.72
C GLU G 58 6.37 -1.84 24.93
N ALA G 59 5.44 -0.91 24.74
CA ALA G 59 5.71 0.34 24.03
C ALA G 59 6.60 1.23 24.90
N PHE G 60 6.30 1.32 26.18
CA PHE G 60 7.11 2.14 27.09
C PHE G 60 8.53 1.60 27.17
N ALA G 61 8.62 0.28 27.35
CA ALA G 61 9.88 -0.43 27.47
C ALA G 61 10.75 -0.25 26.25
N LYS G 62 10.13 -0.22 25.07
CA LYS G 62 10.89 -0.07 23.83
C LYS G 62 11.43 1.34 23.67
N LEU G 63 10.57 2.34 23.80
CA LEU G 63 11.00 3.71 23.65
C LEU G 63 11.77 4.21 24.89
N GLY G 64 11.77 3.42 25.96
CA GLY G 64 12.48 3.79 27.19
C GLY G 64 11.76 4.81 28.04
N LEU G 65 10.43 4.89 27.89
CA LEU G 65 9.63 5.84 28.66
C LEU G 65 9.33 5.25 30.04
N ASP G 66 9.49 6.06 31.10
CA ASP G 66 9.32 5.56 32.46
C ASP G 66 7.83 5.55 32.93
N TYR G 67 7.05 4.69 32.29
CA TYR G 67 5.63 4.55 32.60
C TYR G 67 5.23 3.09 32.65
N VAL G 68 4.23 2.80 33.47
CA VAL G 68 3.64 1.46 33.53
C VAL G 68 2.17 1.66 33.39
N TYR G 69 1.52 0.66 32.78
CA TYR G 69 0.08 0.69 32.52
C TYR G 69 -0.52 -0.47 33.25
N LEU G 70 -1.57 -0.22 34.04
CA LEU G 70 -2.22 -1.25 34.82
C LEU G 70 -3.73 -1.14 34.74
N ALA G 71 -4.40 -2.28 34.88
CA ALA G 71 -5.86 -2.34 34.85
C ALA G 71 -6.39 -2.45 36.27
N PHE G 72 -7.58 -1.91 36.46
CA PHE G 72 -8.27 -1.93 37.74
C PHE G 72 -9.74 -2.21 37.50
N GLU G 73 -10.32 -3.10 38.31
CA GLU G 73 -11.71 -3.49 38.17
C GLU G 73 -12.57 -2.39 38.71
N VAL G 74 -12.98 -1.49 37.83
CA VAL G 74 -13.81 -0.36 38.24
C VAL G 74 -15.13 -0.35 37.51
N GLY G 75 -16.20 -0.16 38.28
CA GLY G 75 -17.57 -0.13 37.77
C GLY G 75 -18.32 1.12 38.23
N ASP G 76 -19.63 1.09 38.10
CA ASP G 76 -20.44 2.25 38.47
C ASP G 76 -20.13 2.72 39.87
N LYS G 77 -20.29 1.82 40.84
CA LYS G 77 -20.08 2.13 42.25
C LYS G 77 -18.72 2.75 42.60
N GLU G 78 -17.66 2.36 41.88
CA GLU G 78 -16.32 2.85 42.19
C GLU G 78 -15.82 3.99 41.32
N LEU G 79 -16.48 4.22 40.19
CA LEU G 79 -16.06 5.24 39.21
C LEU G 79 -15.69 6.63 39.78
N LYS G 80 -16.62 7.26 40.47
CA LYS G 80 -16.40 8.60 41.01
C LYS G 80 -15.20 8.65 41.96
N ASP G 81 -15.11 7.72 42.91
CA ASP G 81 -13.98 7.73 43.86
C ASP G 81 -12.68 7.49 43.17
N VAL G 82 -12.70 6.64 42.15
CA VAL G 82 -11.48 6.35 41.41
C VAL G 82 -10.99 7.59 40.68
N VAL G 83 -11.86 8.25 39.92
CA VAL G 83 -11.44 9.47 39.21
C VAL G 83 -10.90 10.52 40.18
N GLN G 84 -11.59 10.71 41.30
CA GLN G 84 -11.10 11.68 42.27
C GLN G 84 -9.74 11.25 42.81
N GLY G 85 -9.56 9.94 42.92
CA GLY G 85 -8.34 9.39 43.43
C GLY G 85 -7.21 9.60 42.45
N PHE G 86 -7.49 9.41 41.17
CA PHE G 86 -6.45 9.63 40.15
C PHE G 86 -6.03 11.10 40.10
N ARG G 87 -6.94 12.02 40.45
CA ARG G 87 -6.58 13.43 40.49
C ARG G 87 -5.49 13.64 41.56
N ALA G 88 -5.73 13.12 42.76
CA ALA G 88 -4.81 13.26 43.90
C ALA G 88 -3.50 12.55 43.64
N MET G 89 -3.55 11.46 42.89
CA MET G 89 -2.34 10.73 42.53
C MET G 89 -1.62 11.43 41.39
N ASN G 90 -2.23 12.48 40.86
CA ASN G 90 -1.68 13.23 39.73
C ASN G 90 -1.36 12.30 38.56
N LEU G 91 -2.25 11.38 38.24
CA LEU G 91 -1.97 10.52 37.12
C LEU G 91 -2.11 11.33 35.85
N ARG G 92 -1.21 11.06 34.93
CA ARG G 92 -1.17 11.69 33.64
C ARG G 92 -2.36 11.31 32.77
N GLY G 93 -2.86 10.08 32.92
CA GLY G 93 -4.00 9.63 32.11
C GLY G 93 -4.38 8.16 32.32
N TRP G 94 -5.41 7.73 31.62
CA TRP G 94 -5.88 6.34 31.70
C TRP G 94 -6.89 6.06 30.63
N ASN G 95 -7.09 4.78 30.36
CA ASN G 95 -8.10 4.35 29.43
C ASN G 95 -9.31 4.03 30.23
N VAL G 96 -10.43 3.92 29.55
CA VAL G 96 -11.69 3.66 30.21
C VAL G 96 -12.50 2.73 29.35
N SER G 97 -13.15 1.75 29.95
CA SER G 97 -13.98 0.86 29.15
C SER G 97 -15.29 0.49 29.86
N MET G 98 -16.03 -0.47 29.30
N MET G 98 -16.05 -0.44 29.29
CA MET G 98 -17.32 -0.92 29.86
CA MET G 98 -17.32 -0.84 29.88
C MET G 98 -17.16 -1.17 31.37
C MET G 98 -17.14 -1.14 31.36
N PRO G 99 -18.08 -0.64 32.20
CA PRO G 99 -19.27 0.14 31.88
C PRO G 99 -19.15 1.62 32.24
N ASN G 100 -17.97 2.20 32.07
CA ASN G 100 -17.76 3.59 32.48
C ASN G 100 -17.71 4.66 31.39
N LYS G 101 -17.57 4.29 30.13
CA LYS G 101 -17.42 5.25 29.03
C LYS G 101 -18.46 6.36 28.92
N THR G 102 -19.74 6.01 29.04
CA THR G 102 -20.79 7.00 28.93
C THR G 102 -20.98 7.83 30.20
N ASN G 103 -20.59 7.30 31.35
CA ASN G 103 -20.72 8.04 32.62
C ASN G 103 -19.55 8.93 33.02
N ILE G 104 -18.35 8.59 32.58
CA ILE G 104 -17.17 9.29 33.05
C ILE G 104 -17.03 10.78 32.73
N HIS G 105 -17.84 11.29 31.79
CA HIS G 105 -17.80 12.71 31.46
C HIS G 105 -18.19 13.49 32.69
N LYS G 106 -19.14 12.93 33.44
CA LYS G 106 -19.63 13.55 34.66
C LYS G 106 -18.54 13.98 35.62
N TYR G 107 -17.39 13.28 35.62
CA TYR G 107 -16.28 13.56 36.58
C TYR G 107 -15.00 14.14 35.94
N LEU G 108 -15.11 14.52 34.66
CA LEU G 108 -14.01 15.15 33.95
C LEU G 108 -14.31 16.64 33.86
N ASP G 109 -13.31 17.41 33.48
CA ASP G 109 -13.41 18.86 33.35
C ASP G 109 -13.76 19.26 31.93
N LYS G 110 -13.12 18.62 30.96
CA LYS G 110 -13.34 18.93 29.54
C LYS G 110 -13.50 17.70 28.66
N LEU G 111 -14.07 17.91 27.49
CA LEU G 111 -14.27 16.83 26.52
C LEU G 111 -13.82 17.24 25.12
N SER G 112 -13.26 16.30 24.37
CA SER G 112 -12.85 16.60 23.02
C SER G 112 -14.15 16.67 22.24
N PRO G 113 -14.16 17.41 21.13
CA PRO G 113 -15.42 17.48 20.38
C PRO G 113 -16.03 16.10 20.07
N ALA G 114 -15.20 15.12 19.72
CA ALA G 114 -15.68 13.75 19.44
C ALA G 114 -16.35 13.08 20.64
N ALA G 115 -15.71 13.14 21.81
CA ALA G 115 -16.25 12.51 23.02
C ALA G 115 -17.60 13.11 23.41
N GLU G 116 -17.72 14.41 23.23
CA GLU G 116 -18.93 15.12 23.62
C GLU G 116 -20.08 14.78 22.67
N LEU G 117 -19.74 14.62 21.41
CA LEU G 117 -20.72 14.37 20.37
C LEU G 117 -21.13 12.90 20.44
N VAL G 118 -20.15 12.00 20.58
CA VAL G 118 -20.42 10.58 20.75
C VAL G 118 -21.08 10.31 22.11
N GLY G 119 -20.64 11.04 23.14
CA GLY G 119 -21.18 10.86 24.49
C GLY G 119 -20.45 9.76 25.24
N ALA G 120 -19.21 9.53 24.85
CA ALA G 120 -18.38 8.49 25.46
C ALA G 120 -16.94 8.91 25.52
N VAL G 121 -16.23 8.40 26.51
CA VAL G 121 -14.82 8.68 26.68
C VAL G 121 -14.10 7.35 26.92
N ASN G 122 -13.03 7.09 26.18
CA ASN G 122 -12.26 5.86 26.42
C ASN G 122 -10.82 6.18 26.84
N THR G 123 -10.45 7.46 26.77
CA THR G 123 -9.12 7.90 27.11
C THR G 123 -9.17 9.22 27.83
N VAL G 124 -8.40 9.34 28.89
CA VAL G 124 -8.38 10.58 29.65
C VAL G 124 -6.94 11.05 29.82
N VAL G 125 -6.73 12.37 29.75
CA VAL G 125 -5.40 12.94 29.93
C VAL G 125 -5.50 14.06 30.94
N ASN G 126 -4.47 14.13 31.79
CA ASN G 126 -4.32 15.09 32.85
C ASN G 126 -3.26 16.12 32.49
N ASP G 127 -3.70 17.36 32.31
CA ASP G 127 -2.80 18.45 31.99
C ASP G 127 -2.89 19.49 33.06
N ASP G 128 -1.84 19.62 33.85
CA ASP G 128 -1.82 20.64 34.86
C ASP G 128 -3.06 20.55 35.77
N GLY G 129 -3.52 19.32 36.05
CA GLY G 129 -4.72 19.12 36.89
C GLY G 129 -6.08 19.16 36.18
N VAL G 130 -6.11 19.51 34.89
CA VAL G 130 -7.38 19.54 34.13
C VAL G 130 -7.55 18.21 33.35
N LEU G 131 -8.66 17.51 33.58
CA LEU G 131 -8.89 16.25 32.90
C LEU G 131 -9.73 16.45 31.64
N THR G 132 -9.22 15.93 30.53
CA THR G 132 -9.87 16.02 29.24
C THR G 132 -10.16 14.60 28.76
N GLY G 133 -11.42 14.34 28.43
CA GLY G 133 -11.82 13.03 27.93
C GLY G 133 -11.77 13.01 26.41
N HIS G 134 -11.16 11.97 25.88
CA HIS G 134 -11.03 11.74 24.45
C HIS G 134 -11.69 10.43 24.11
N ILE G 135 -11.97 10.22 22.83
CA ILE G 135 -12.51 8.96 22.37
C ILE G 135 -11.65 8.63 21.15
N THR G 136 -10.88 7.54 21.30
CA THR G 136 -9.89 7.12 20.30
C THR G 136 -10.28 5.96 19.36
N ASP G 137 -11.47 5.40 19.51
CA ASP G 137 -11.91 4.30 18.64
C ASP G 137 -11.96 4.69 17.18
N GLY G 138 -12.63 5.80 16.90
CA GLY G 138 -12.77 6.27 15.51
C GLY G 138 -11.43 6.67 14.94
N THR G 139 -10.64 7.38 15.75
CA THR G 139 -9.33 7.79 15.33
C THR G 139 -8.54 6.58 14.92
N GLY G 140 -8.53 5.55 15.78
CA GLY G 140 -7.82 4.31 15.47
C GLY G 140 -8.32 3.67 14.19
N TYR G 141 -9.64 3.60 14.05
CA TYR G 141 -10.24 2.99 12.86
C TYR G 141 -9.85 3.72 11.57
N MET G 142 -9.91 5.04 11.60
CA MET G 142 -9.59 5.85 10.42
C MET G 142 -8.11 5.78 10.12
N ARG G 143 -7.27 5.94 11.14
CA ARG G 143 -5.84 5.86 10.93
C ARG G 143 -5.51 4.53 10.25
N ALA G 144 -6.08 3.43 10.74
CA ALA G 144 -5.83 2.11 10.15
C ALA G 144 -6.16 2.10 8.65
N LEU G 145 -7.21 2.80 8.25
CA LEU G 145 -7.57 2.88 6.84
C LEU G 145 -6.55 3.68 6.06
N LYS G 146 -6.12 4.80 6.64
CA LYS G 146 -5.13 5.66 6.00
C LYS G 146 -3.84 4.89 5.82
N GLU G 147 -3.39 4.20 6.86
CA GLU G 147 -2.15 3.43 6.80
C GLU G 147 -2.22 2.27 5.80
N ALA G 148 -3.38 1.64 5.70
CA ALA G 148 -3.58 0.53 4.77
C ALA G 148 -3.68 1.00 3.32
N GLY G 149 -3.77 2.32 3.14
CA GLY G 149 -3.83 2.92 1.82
C GLY G 149 -5.25 3.09 1.32
N HIS G 150 -6.20 3.26 2.24
CA HIS G 150 -7.58 3.43 1.85
C HIS G 150 -8.04 4.83 2.21
N ASP G 151 -8.24 5.66 1.19
CA ASP G 151 -8.69 7.03 1.36
C ASP G 151 -10.19 7.05 1.22
N ILE G 152 -10.91 7.47 2.25
CA ILE G 152 -12.36 7.53 2.17
C ILE G 152 -12.84 8.97 2.41
N ILE G 153 -11.90 9.86 2.70
CA ILE G 153 -12.20 11.27 2.93
C ILE G 153 -12.80 11.84 1.64
N GLY G 154 -13.90 12.56 1.78
CA GLY G 154 -14.59 13.14 0.62
C GLY G 154 -15.32 12.07 -0.19
N LYS G 155 -15.52 10.91 0.42
CA LYS G 155 -16.19 9.80 -0.24
C LYS G 155 -17.35 9.33 0.62
N LYS G 156 -18.02 8.27 0.17
CA LYS G 156 -19.17 7.73 0.90
C LYS G 156 -18.88 6.37 1.48
N MET G 157 -19.40 6.14 2.69
CA MET G 157 -19.26 4.89 3.43
C MET G 157 -20.62 4.35 3.83
N THR G 158 -20.76 3.02 3.75
CA THR G 158 -21.93 2.31 4.24
C THR G 158 -21.42 1.60 5.51
N ILE G 159 -22.12 1.78 6.62
CA ILE G 159 -21.68 1.17 7.87
C ILE G 159 -22.84 0.50 8.60
N CYS G 160 -22.55 -0.68 9.17
CA CYS G 160 -23.53 -1.44 9.93
C CYS G 160 -23.13 -1.24 11.38
N GLY G 161 -24.09 -0.79 12.20
CA GLY G 161 -23.86 -0.55 13.61
C GLY G 161 -24.34 0.81 14.10
N ALA G 162 -24.62 0.86 15.41
CA ALA G 162 -25.05 2.05 16.11
C ALA G 162 -24.68 1.96 17.59
N GLY G 163 -23.70 1.11 17.91
CA GLY G 163 -23.23 0.94 19.28
C GLY G 163 -22.04 1.83 19.50
N GLY G 164 -21.27 1.55 20.54
CA GLY G 164 -20.10 2.35 20.87
C GLY G 164 -19.11 2.47 19.72
N ALA G 165 -18.76 1.34 19.12
CA ALA G 165 -17.78 1.36 18.03
C ALA G 165 -18.32 2.06 16.80
N ALA G 166 -19.54 1.72 16.40
CA ALA G 166 -20.14 2.31 15.22
C ALA G 166 -20.34 3.79 15.40
N THR G 167 -20.74 4.20 16.59
CA THR G 167 -20.96 5.61 16.84
C THR G 167 -19.65 6.40 16.80
N ALA G 168 -18.59 5.84 17.35
CA ALA G 168 -17.30 6.54 17.34
C ALA G 168 -16.76 6.62 15.91
N ILE G 169 -16.94 5.55 15.16
CA ILE G 169 -16.44 5.53 13.79
C ILE G 169 -17.17 6.56 12.92
N CYS G 170 -18.49 6.56 12.97
CA CYS G 170 -19.29 7.52 12.18
C CYS G 170 -18.92 8.99 12.47
N ILE G 171 -18.86 9.33 13.74
CA ILE G 171 -18.50 10.68 14.20
C ILE G 171 -17.10 11.10 13.77
N GLN G 172 -16.12 10.22 13.97
CA GLN G 172 -14.75 10.55 13.62
C GLN G 172 -14.64 10.67 12.10
N ALA G 173 -15.34 9.77 11.41
CA ALA G 173 -15.36 9.77 9.96
C ALA G 173 -15.85 11.12 9.46
N ALA G 174 -16.98 11.56 10.01
CA ALA G 174 -17.60 12.82 9.63
C ALA G 174 -16.63 13.95 9.89
N LEU G 175 -16.01 13.94 11.05
CA LEU G 175 -15.04 14.95 11.43
C LEU G 175 -13.85 14.98 10.49
N ASP G 176 -13.36 13.79 10.09
CA ASP G 176 -12.19 13.71 9.20
C ASP G 176 -12.46 14.08 7.75
N GLY G 177 -13.73 14.32 7.41
CA GLY G 177 -14.05 14.75 6.06
C GLY G 177 -14.75 13.78 5.13
N VAL G 178 -15.38 12.74 5.66
CA VAL G 178 -16.13 11.82 4.78
C VAL G 178 -17.42 12.54 4.38
N LYS G 179 -17.77 12.50 3.09
CA LYS G 179 -18.99 13.19 2.59
C LYS G 179 -20.29 12.67 3.10
N GLU G 180 -20.51 11.38 2.93
CA GLU G 180 -21.79 10.80 3.29
C GLU G 180 -21.63 9.44 3.98
N ILE G 181 -22.48 9.21 4.98
CA ILE G 181 -22.48 7.96 5.71
C ILE G 181 -23.89 7.40 5.75
N SER G 182 -24.10 6.21 5.18
CA SER G 182 -25.40 5.54 5.26
C SER G 182 -25.27 4.49 6.37
N ILE G 183 -26.04 4.66 7.44
CA ILE G 183 -25.99 3.74 8.56
C ILE G 183 -27.13 2.72 8.49
N PHE G 184 -26.79 1.46 8.74
CA PHE G 184 -27.75 0.36 8.76
C PHE G 184 -27.69 -0.35 10.10
N ASN G 185 -28.86 -0.66 10.66
CA ASN G 185 -28.92 -1.36 11.93
C ASN G 185 -30.22 -2.11 12.06
N ARG G 186 -30.22 -3.16 12.87
CA ARG G 186 -31.45 -3.91 13.14
C ARG G 186 -32.27 -2.98 14.01
N LYS G 187 -33.57 -3.22 14.09
CA LYS G 187 -34.42 -2.37 14.91
C LYS G 187 -34.43 -2.88 16.36
N ASP G 188 -33.36 -2.54 17.09
CA ASP G 188 -33.18 -2.93 18.50
C ASP G 188 -32.93 -1.69 19.36
N ASP G 189 -32.50 -1.90 20.60
CA ASP G 189 -32.22 -0.80 21.55
C ASP G 189 -31.26 0.29 21.03
N PHE G 190 -30.40 -0.07 20.08
CA PHE G 190 -29.43 0.87 19.52
C PHE G 190 -29.94 1.65 18.32
N TYR G 191 -31.10 1.29 17.80
CA TYR G 191 -31.62 1.98 16.62
C TYR G 191 -31.85 3.47 16.90
N ALA G 192 -32.30 3.78 18.12
CA ALA G 192 -32.54 5.16 18.54
C ALA G 192 -31.23 5.94 18.65
N ASN G 193 -30.16 5.26 19.07
CA ASN G 193 -28.88 5.95 19.18
C ASN G 193 -28.37 6.35 17.81
N ALA G 194 -28.57 5.47 16.84
CA ALA G 194 -28.17 5.74 15.47
C ALA G 194 -28.96 6.97 15.01
N GLU G 195 -30.26 6.97 15.28
CA GLU G 195 -31.08 8.10 14.91
C GLU G 195 -30.48 9.37 15.52
N LYS G 196 -30.00 9.28 16.75
CA LYS G 196 -29.38 10.43 17.39
C LYS G 196 -28.13 10.80 16.64
N THR G 197 -27.34 9.79 16.28
CA THR G 197 -26.10 10.01 15.56
C THR G 197 -26.32 10.71 14.23
N VAL G 198 -27.42 10.37 13.54
CA VAL G 198 -27.70 11.00 12.25
C VAL G 198 -27.89 12.51 12.36
N GLU G 199 -28.78 12.94 13.26
CA GLU G 199 -29.02 14.37 13.41
C GLU G 199 -27.80 15.10 13.99
N LYS G 200 -26.87 14.35 14.59
CA LYS G 200 -25.63 14.94 15.11
C LYS G 200 -24.73 15.24 13.93
N ILE G 201 -24.52 14.24 13.07
CA ILE G 201 -23.66 14.40 11.90
C ILE G 201 -24.19 15.45 10.93
N ASN G 202 -25.51 15.53 10.80
CA ASN G 202 -26.12 16.50 9.91
C ASN G 202 -26.11 17.92 10.47
N SER G 203 -26.55 18.07 11.71
CA SER G 203 -26.65 19.38 12.33
C SER G 203 -25.33 19.95 12.86
N LYS G 204 -24.28 19.13 12.96
CA LYS G 204 -23.01 19.62 13.51
C LYS G 204 -21.72 19.39 12.71
N THR G 205 -21.82 18.74 11.56
CA THR G 205 -20.66 18.50 10.71
C THR G 205 -21.06 18.76 9.27
N ASP G 206 -20.13 18.59 8.33
CA ASP G 206 -20.42 18.80 6.91
C ASP G 206 -20.86 17.52 6.22
N CYS G 207 -20.76 16.41 6.92
CA CYS G 207 -21.11 15.11 6.37
C CYS G 207 -22.63 14.91 6.31
N LYS G 208 -23.09 14.17 5.29
CA LYS G 208 -24.52 13.83 5.14
C LYS G 208 -24.71 12.41 5.65
N ALA G 209 -25.64 12.25 6.59
CA ALA G 209 -25.91 10.92 7.17
C ALA G 209 -27.37 10.57 7.10
N GLN G 210 -27.66 9.28 6.96
CA GLN G 210 -29.02 8.77 6.94
C GLN G 210 -29.03 7.33 7.47
N LEU G 211 -30.12 6.96 8.11
CA LEU G 211 -30.26 5.65 8.73
C LEU G 211 -31.31 4.76 8.04
N PHE G 212 -31.00 3.47 7.98
CA PHE G 212 -31.88 2.48 7.38
C PHE G 212 -31.90 1.19 8.21
N ASP G 213 -32.93 0.39 7.99
CA ASP G 213 -33.07 -0.89 8.67
C ASP G 213 -32.13 -1.84 7.96
N ILE G 214 -31.43 -2.67 8.72
CA ILE G 214 -30.50 -3.63 8.13
C ILE G 214 -31.29 -4.68 7.34
N GLU G 215 -32.55 -4.88 7.73
CA GLU G 215 -33.45 -5.80 7.05
C GLU G 215 -33.97 -5.25 5.73
N ASP G 216 -33.70 -3.98 5.45
CA ASP G 216 -34.13 -3.34 4.20
C ASP G 216 -33.13 -3.70 3.10
N HIS G 217 -33.18 -4.96 2.70
CA HIS G 217 -32.29 -5.49 1.68
C HIS G 217 -32.14 -4.61 0.45
N GLU G 218 -33.27 -4.23 -0.16
CA GLU G 218 -33.23 -3.45 -1.40
C GLU G 218 -32.41 -2.18 -1.20
N GLN G 219 -32.70 -1.45 -0.13
CA GLN G 219 -32.02 -0.19 0.16
C GLN G 219 -30.54 -0.37 0.46
N LEU G 220 -30.18 -1.48 1.13
CA LEU G 220 -28.80 -1.76 1.48
C LEU G 220 -27.98 -1.96 0.22
N ARG G 221 -28.62 -2.54 -0.78
CA ARG G 221 -28.01 -2.82 -2.07
C ARG G 221 -27.53 -1.53 -2.73
N LYS G 222 -28.46 -0.58 -2.87
CA LYS G 222 -28.17 0.70 -3.51
C LYS G 222 -27.25 1.63 -2.71
N GLU G 223 -27.27 1.54 -1.38
CA GLU G 223 -26.35 2.36 -0.56
C GLU G 223 -24.94 1.84 -0.74
N ILE G 224 -24.77 0.52 -0.65
CA ILE G 224 -23.45 -0.09 -0.85
C ILE G 224 -22.94 0.26 -2.23
N ALA G 225 -23.83 0.20 -3.22
CA ALA G 225 -23.53 0.51 -4.63
C ALA G 225 -22.97 1.92 -4.82
N GLU G 226 -23.39 2.83 -3.94
CA GLU G 226 -22.94 4.22 -4.00
C GLU G 226 -21.76 4.52 -3.09
N SER G 227 -21.22 3.48 -2.42
CA SER G 227 -20.11 3.64 -1.46
C SER G 227 -18.77 3.09 -1.93
N VAL G 228 -17.71 3.67 -1.39
CA VAL G 228 -16.35 3.26 -1.71
C VAL G 228 -15.90 2.21 -0.69
N ILE G 229 -16.60 2.18 0.45
CA ILE G 229 -16.32 1.26 1.54
C ILE G 229 -17.59 0.74 2.24
N PHE G 230 -17.54 -0.54 2.62
CA PHE G 230 -18.61 -1.17 3.36
C PHE G 230 -17.98 -1.63 4.68
N THR G 231 -18.59 -1.24 5.80
CA THR G 231 -18.01 -1.55 7.10
C THR G 231 -18.93 -2.18 8.12
N ASN G 232 -18.40 -3.20 8.78
CA ASN G 232 -19.12 -3.82 9.86
C ASN G 232 -18.58 -3.29 11.15
N ALA G 233 -19.43 -2.64 11.93
CA ALA G 233 -19.02 -2.15 13.23
C ALA G 233 -20.02 -2.69 14.27
N THR G 234 -20.40 -3.94 14.08
CA THR G 234 -21.30 -4.63 14.99
C THR G 234 -20.53 -5.82 15.48
N GLY G 235 -21.11 -6.57 16.40
CA GLY G 235 -20.48 -7.77 16.91
C GLY G 235 -20.69 -8.99 16.03
N VAL G 236 -21.54 -8.87 15.00
CA VAL G 236 -21.76 -10.03 14.10
C VAL G 236 -20.42 -10.34 13.44
N GLY G 237 -20.07 -11.64 13.40
CA GLY G 237 -18.80 -12.09 12.87
C GLY G 237 -17.83 -12.50 13.98
N MET G 238 -18.16 -12.10 15.21
CA MET G 238 -17.34 -12.39 16.41
C MET G 238 -18.25 -13.14 17.36
N LYS G 239 -17.69 -13.99 18.23
CA LYS G 239 -18.55 -14.72 19.16
C LYS G 239 -19.42 -13.75 19.95
N PRO G 240 -20.64 -14.15 20.27
CA PRO G 240 -21.30 -15.43 19.98
C PRO G 240 -21.95 -15.50 18.60
N PHE G 241 -21.56 -14.62 17.68
CA PHE G 241 -22.12 -14.59 16.35
C PHE G 241 -21.05 -14.82 15.28
N GLU G 242 -20.08 -15.66 15.61
CA GLU G 242 -18.99 -15.97 14.70
C GLU G 242 -19.48 -16.90 13.60
N GLY G 243 -19.12 -16.58 12.36
CA GLY G 243 -19.55 -17.34 11.20
C GLY G 243 -20.84 -16.78 10.61
N GLU G 244 -21.31 -15.65 11.13
CA GLU G 244 -22.52 -15.02 10.62
C GLU G 244 -22.15 -13.64 10.15
N THR G 245 -22.95 -13.12 9.22
CA THR G 245 -22.73 -11.81 8.66
C THR G 245 -24.05 -11.12 8.40
N LEU G 246 -24.03 -9.79 8.48
CA LEU G 246 -25.22 -8.99 8.23
C LEU G 246 -25.41 -8.75 6.75
N LEU G 247 -24.39 -9.06 5.94
CA LEU G 247 -24.50 -8.90 4.49
C LEU G 247 -25.45 -10.02 3.99
N PRO G 248 -26.68 -9.65 3.53
CA PRO G 248 -27.69 -10.61 3.09
C PRO G 248 -27.36 -11.34 1.80
N SER G 249 -26.70 -10.68 0.87
CA SER G 249 -26.29 -11.35 -0.36
C SER G 249 -24.95 -10.83 -0.87
N ALA G 250 -24.13 -11.75 -1.33
CA ALA G 250 -22.80 -11.46 -1.81
C ALA G 250 -22.80 -10.58 -3.07
N ASP G 251 -23.77 -10.78 -3.97
CA ASP G 251 -23.83 -9.98 -5.20
C ASP G 251 -24.04 -8.49 -4.97
N MET G 252 -24.05 -8.10 -3.70
CA MET G 252 -24.17 -6.70 -3.31
C MET G 252 -22.79 -6.06 -3.34
N LEU G 253 -21.74 -6.88 -3.40
CA LEU G 253 -20.36 -6.39 -3.46
C LEU G 253 -19.83 -6.33 -4.89
N ARG G 254 -18.71 -5.62 -5.05
CA ARG G 254 -18.03 -5.47 -6.35
C ARG G 254 -16.50 -5.41 -6.06
N PRO G 255 -15.67 -5.88 -7.00
CA PRO G 255 -14.21 -5.88 -6.81
C PRO G 255 -13.53 -4.58 -6.37
N GLU G 256 -14.10 -3.44 -6.76
CA GLU G 256 -13.50 -2.14 -6.45
C GLU G 256 -13.78 -1.76 -5.02
N LEU G 257 -14.73 -2.47 -4.41
CA LEU G 257 -15.16 -2.18 -3.06
C LEU G 257 -14.17 -2.56 -1.98
N ILE G 258 -14.12 -1.69 -0.96
CA ILE G 258 -13.29 -1.90 0.21
C ILE G 258 -14.28 -2.34 1.30
N VAL G 259 -14.00 -3.50 1.91
CA VAL G 259 -14.85 -4.04 2.96
C VAL G 259 -14.09 -4.13 4.28
N SER G 260 -14.51 -3.39 5.29
CA SER G 260 -13.79 -3.44 6.58
C SER G 260 -14.66 -3.96 7.70
N ASP G 261 -14.00 -4.55 8.69
CA ASP G 261 -14.68 -5.09 9.84
C ASP G 261 -13.86 -4.68 11.05
N VAL G 262 -14.55 -4.27 12.10
CA VAL G 262 -13.88 -3.88 13.34
C VAL G 262 -13.39 -5.13 14.09
N VAL G 263 -13.98 -6.28 13.76
CA VAL G 263 -13.59 -7.55 14.40
C VAL G 263 -12.22 -8.03 13.91
N TYR G 264 -11.38 -8.51 14.82
CA TYR G 264 -10.07 -9.06 14.45
C TYR G 264 -9.87 -10.43 15.07
N LYS G 265 -10.87 -10.91 15.82
CA LYS G 265 -10.81 -12.24 16.38
C LYS G 265 -12.20 -12.82 16.14
N PRO G 266 -12.32 -13.63 15.08
CA PRO G 266 -11.29 -14.08 14.14
C PRO G 266 -10.73 -13.02 13.20
N THR G 267 -9.54 -13.32 12.67
CA THR G 267 -8.83 -12.41 11.76
C THR G 267 -9.67 -12.17 10.51
N LYS G 268 -10.40 -13.20 10.07
CA LYS G 268 -11.30 -13.10 8.93
C LYS G 268 -12.72 -13.51 9.30
N THR G 269 -13.57 -12.51 9.53
CA THR G 269 -14.98 -12.75 9.84
C THR G 269 -15.61 -13.34 8.56
N ARG G 270 -16.88 -13.72 8.62
CA ARG G 270 -17.54 -14.29 7.45
C ARG G 270 -17.63 -13.19 6.39
N LEU G 271 -17.95 -11.98 6.83
CA LEU G 271 -18.04 -10.83 5.94
C LEU G 271 -16.76 -10.65 5.10
N LEU G 272 -15.60 -10.82 5.71
CA LEU G 272 -14.35 -10.63 4.99
C LEU G 272 -14.06 -11.75 3.99
N GLU G 273 -14.34 -12.99 4.37
CA GLU G 273 -14.14 -14.14 3.47
C GLU G 273 -14.91 -13.96 2.14
N ILE G 274 -16.17 -13.56 2.26
CA ILE G 274 -17.04 -13.33 1.12
C ILE G 274 -16.50 -12.19 0.23
N ALA G 275 -16.19 -11.05 0.87
CA ALA G 275 -15.67 -9.88 0.17
C ALA G 275 -14.41 -10.30 -0.57
N GLU G 276 -13.57 -11.08 0.12
CA GLU G 276 -12.34 -11.61 -0.44
C GLU G 276 -12.63 -12.47 -1.68
N GLU G 277 -13.59 -13.39 -1.55
CA GLU G 277 -13.98 -14.27 -2.65
C GLU G 277 -14.54 -13.49 -3.82
N GLN G 278 -14.95 -12.25 -3.59
CA GLN G 278 -15.48 -11.42 -4.65
C GLN G 278 -14.53 -10.30 -5.10
N GLY G 279 -13.23 -10.56 -4.94
CA GLY G 279 -12.19 -9.61 -5.36
C GLY G 279 -12.14 -8.28 -4.63
N CYS G 280 -12.75 -8.20 -3.45
CA CYS G 280 -12.73 -6.97 -2.68
C CYS G 280 -11.47 -6.93 -1.84
N GLN G 281 -11.00 -5.71 -1.58
CA GLN G 281 -9.82 -5.50 -0.76
C GLN G 281 -10.35 -5.47 0.69
N THR G 282 -9.76 -6.28 1.57
CA THR G 282 -10.24 -6.36 2.95
C THR G 282 -9.29 -5.89 4.03
N LEU G 283 -9.87 -5.35 5.09
CA LEU G 283 -9.12 -4.90 6.27
C LEU G 283 -9.90 -5.28 7.55
N ASN G 284 -9.30 -6.12 8.40
CA ASN G 284 -9.96 -6.48 9.65
C ASN G 284 -9.73 -5.32 10.64
N GLY G 285 -10.13 -5.52 11.90
CA GLY G 285 -10.04 -4.45 12.89
C GLY G 285 -8.81 -4.42 13.78
N LEU G 286 -7.76 -5.10 13.33
CA LEU G 286 -6.54 -5.16 14.12
C LEU G 286 -5.85 -3.80 14.12
N GLY G 287 -5.75 -3.19 12.95
CA GLY G 287 -5.15 -1.88 12.80
C GLY G 287 -5.91 -0.89 13.65
N MET G 288 -7.24 -1.04 13.69
CA MET G 288 -8.06 -0.18 14.50
C MET G 288 -7.59 -0.23 15.93
N MET G 289 -7.47 -1.46 16.44
CA MET G 289 -7.04 -1.71 17.78
C MET G 289 -5.68 -1.10 18.05
N LEU G 290 -4.69 -1.41 17.22
CA LEU G 290 -3.37 -0.83 17.41
C LEU G 290 -3.39 0.72 17.40
N TRP G 291 -3.90 1.32 16.33
CA TRP G 291 -3.90 2.77 16.26
C TRP G 291 -4.80 3.46 17.30
N GLN G 292 -5.78 2.77 17.87
CA GLN G 292 -6.53 3.50 18.89
C GLN G 292 -5.68 3.58 20.15
N GLY G 293 -4.84 2.56 20.36
CA GLY G 293 -3.91 2.55 21.47
C GLY G 293 -2.82 3.58 21.19
N ALA G 294 -2.38 3.63 19.93
CA ALA G 294 -1.33 4.56 19.50
C ALA G 294 -1.76 5.97 19.77
N LYS G 295 -3.02 6.26 19.51
CA LYS G 295 -3.55 7.59 19.73
C LYS G 295 -3.43 7.96 21.20
N ALA G 296 -3.94 7.07 22.05
CA ALA G 296 -3.91 7.26 23.49
C ALA G 296 -2.48 7.47 23.98
N PHE G 297 -1.58 6.64 23.46
CA PHE G 297 -0.17 6.68 23.82
C PHE G 297 0.45 8.00 23.45
N GLU G 298 0.10 8.51 22.28
CA GLU G 298 0.64 9.77 21.80
C GLU G 298 0.13 10.93 22.67
N ILE G 299 -1.17 10.90 22.94
CA ILE G 299 -1.79 11.91 23.79
C ILE G 299 -1.09 11.99 25.15
N TRP G 300 -0.78 10.84 25.74
CA TRP G 300 -0.13 10.81 27.05
C TRP G 300 1.37 11.14 27.04
N THR G 301 2.09 10.54 26.10
CA THR G 301 3.53 10.72 26.04
C THR G 301 4.05 11.70 25.00
N HIS G 302 3.24 12.07 24.01
CA HIS G 302 3.68 12.92 22.90
C HIS G 302 4.67 12.17 21.97
N LYS G 303 4.82 10.87 22.17
CA LYS G 303 5.70 10.05 21.34
C LYS G 303 4.84 9.10 20.52
N GLU G 304 5.39 8.62 19.42
CA GLU G 304 4.69 7.70 18.55
C GLU G 304 4.90 6.26 18.99
N MET G 305 3.81 5.51 19.12
CA MET G 305 3.93 4.12 19.50
C MET G 305 4.55 3.39 18.31
N PRO G 306 5.48 2.44 18.58
CA PRO G 306 6.08 1.69 17.49
C PRO G 306 5.12 0.57 17.13
N VAL G 307 4.12 0.90 16.33
CA VAL G 307 3.05 -0.03 15.99
C VAL G 307 3.50 -1.32 15.32
N ASP G 308 4.39 -1.22 14.34
CA ASP G 308 4.87 -2.42 13.63
C ASP G 308 5.52 -3.39 14.61
N TYR G 309 6.33 -2.84 15.52
CA TYR G 309 7.00 -3.61 16.56
C TYR G 309 5.98 -4.29 17.49
N ILE G 310 5.00 -3.53 17.94
CA ILE G 310 3.98 -4.09 18.80
C ILE G 310 3.17 -5.15 18.09
N LYS G 311 2.83 -4.89 16.82
CA LYS G 311 2.06 -5.86 16.06
C LYS G 311 2.83 -7.18 16.06
N GLU G 312 4.11 -7.10 15.75
CA GLU G 312 4.98 -8.27 15.73
C GLU G 312 4.84 -9.03 17.05
N ILE G 313 5.08 -8.34 18.15
CA ILE G 313 4.99 -8.93 19.49
C ILE G 313 3.62 -9.54 19.83
N LEU G 314 2.57 -8.74 19.64
CA LEU G 314 1.19 -9.18 19.98
C LEU G 314 0.54 -10.22 19.06
N PHE G 315 0.91 -10.23 17.79
CA PHE G 315 0.30 -11.17 16.83
C PHE G 315 1.32 -11.89 15.93
N MET H 25 7.56 -17.65 14.68
CA MET H 25 6.37 -17.81 15.56
C MET H 25 6.83 -17.85 17.03
N THR H 26 7.94 -17.17 17.31
CA THR H 26 8.50 -17.11 18.65
C THR H 26 7.66 -16.14 19.52
N ASN H 27 7.72 -16.35 20.84
CA ASN H 27 6.98 -15.50 21.78
C ASN H 27 7.88 -14.31 22.14
N LYS H 28 7.51 -13.12 21.63
CA LYS H 28 8.33 -11.94 21.83
C LYS H 28 7.93 -11.07 23.05
N ILE H 29 6.87 -11.46 23.76
CA ILE H 29 6.45 -10.71 24.94
C ILE H 29 7.52 -10.90 26.03
N THR H 30 8.09 -9.79 26.49
CA THR H 30 9.11 -9.79 27.53
C THR H 30 8.62 -9.09 28.81
N GLU H 31 7.67 -8.19 28.63
CA GLU H 31 7.15 -7.40 29.73
C GLU H 31 6.22 -8.25 30.63
N ARG H 32 6.49 -8.27 31.93
CA ARG H 32 5.70 -9.07 32.88
C ARG H 32 4.36 -8.45 33.36
N ILE H 33 4.19 -7.14 33.22
CA ILE H 33 2.95 -6.46 33.68
C ILE H 33 1.83 -6.65 32.65
N THR H 34 0.76 -7.33 33.06
CA THR H 34 -0.40 -7.58 32.21
C THR H 34 -1.63 -7.00 32.91
N GLY H 35 -2.80 -7.26 32.34
CA GLY H 35 -4.04 -6.81 32.95
C GLY H 35 -4.32 -7.57 34.24
N HIS H 36 -3.56 -8.64 34.51
CA HIS H 36 -3.76 -9.40 35.75
C HIS H 36 -2.95 -8.83 36.92
N THR H 37 -1.96 -8.01 36.62
CA THR H 37 -1.08 -7.45 37.64
C THR H 37 -1.78 -6.47 38.57
N GLU H 38 -1.53 -6.65 39.87
CA GLU H 38 -2.09 -5.80 40.90
C GLU H 38 -1.04 -4.85 41.43
N LEU H 39 -1.51 -3.75 41.99
CA LEU H 39 -0.66 -2.68 42.48
C LEU H 39 -0.48 -2.61 43.99
N ILE H 40 0.71 -2.21 44.40
CA ILE H 40 1.00 -1.95 45.79
C ILE H 40 1.56 -0.54 45.67
N GLY H 41 1.08 0.38 46.50
CA GLY H 41 1.52 1.74 46.42
C GLY H 41 2.47 2.14 47.53
N LEU H 42 2.92 3.39 47.45
CA LEU H 42 3.77 4.04 48.43
C LEU H 42 3.30 5.47 48.30
N ILE H 43 2.73 6.03 49.37
CA ILE H 43 2.23 7.39 49.31
C ILE H 43 2.91 8.29 50.34
N ALA H 44 3.55 9.32 49.81
CA ALA H 44 4.32 10.29 50.58
C ALA H 44 4.84 11.37 49.64
N THR H 45 5.50 12.37 50.20
CA THR H 45 6.08 13.43 49.40
C THR H 45 7.13 14.15 50.23
N PRO H 46 8.37 14.27 49.71
CA PRO H 46 8.84 13.76 48.42
C PRO H 46 8.94 12.26 48.50
N ILE H 47 9.20 11.56 47.39
CA ILE H 47 9.28 10.11 47.45
C ILE H 47 9.88 9.38 46.25
N ARG H 48 9.84 9.99 45.05
CA ARG H 48 10.32 9.31 43.84
C ARG H 48 11.77 8.80 43.89
N HIS H 49 12.56 9.30 44.83
N HIS H 49 12.51 9.30 44.85
CA HIS H 49 13.94 8.84 44.97
CA HIS H 49 13.90 8.92 45.09
C HIS H 49 14.02 7.55 45.81
C HIS H 49 13.99 7.56 45.79
N SER H 50 12.87 7.06 46.27
CA SER H 50 12.80 5.80 47.06
C SER H 50 13.36 4.56 46.39
N LEU H 51 13.99 3.71 47.20
CA LEU H 51 14.51 2.44 46.69
C LEU H 51 13.55 1.29 47.01
N SER H 52 12.46 1.60 47.72
CA SER H 52 11.47 0.58 48.08
C SER H 52 10.84 -0.10 46.88
N PRO H 53 10.48 0.67 45.84
CA PRO H 53 9.89 0.01 44.69
C PRO H 53 10.81 -1.00 44.04
N THR H 54 12.11 -0.71 44.00
CA THR H 54 13.05 -1.64 43.42
C THR H 54 13.03 -2.88 44.28
N MET H 55 13.15 -2.68 45.59
CA MET H 55 13.13 -3.78 46.58
C MET H 55 11.96 -4.72 46.34
N HIS H 56 10.76 -4.17 46.37
CA HIS H 56 9.56 -4.98 46.21
C HIS H 56 9.32 -5.54 44.81
N ASN H 57 9.56 -4.76 43.77
CA ASN H 57 9.36 -5.26 42.41
C ASN H 57 10.27 -6.44 42.11
N GLU H 58 11.52 -6.34 42.56
CA GLU H 58 12.49 -7.41 42.40
C GLU H 58 12.08 -8.68 43.16
N ALA H 59 11.56 -8.48 44.36
CA ALA H 59 11.06 -9.57 45.19
C ALA H 59 9.87 -10.22 44.47
N PHE H 60 8.92 -9.40 44.03
CA PHE H 60 7.74 -9.90 43.32
C PHE H 60 8.11 -10.68 42.07
N ALA H 61 9.00 -10.12 41.25
CA ALA H 61 9.44 -10.79 40.05
C ALA H 61 10.03 -12.12 40.46
N LYS H 62 11.06 -12.06 41.31
CA LYS H 62 11.76 -13.25 41.78
C LYS H 62 10.88 -14.40 42.24
N LEU H 63 9.85 -14.07 43.02
CA LEU H 63 8.90 -15.07 43.53
C LEU H 63 7.76 -15.38 42.54
N GLY H 64 7.72 -14.68 41.42
CA GLY H 64 6.65 -14.87 40.42
C GLY H 64 5.30 -14.39 40.95
N LEU H 65 5.30 -13.34 41.78
CA LEU H 65 4.05 -12.80 42.30
C LEU H 65 3.65 -11.69 41.37
N ASP H 66 2.35 -11.66 41.02
CA ASP H 66 1.85 -10.71 40.04
C ASP H 66 1.42 -9.40 40.67
N TYR H 67 2.43 -8.67 41.13
CA TYR H 67 2.24 -7.36 41.74
C TYR H 67 3.30 -6.39 41.25
N VAL H 68 2.95 -5.11 41.31
N VAL H 68 2.95 -5.11 41.30
CA VAL H 68 3.86 -4.05 40.95
CA VAL H 68 3.87 -4.05 40.98
C VAL H 68 3.76 -3.05 42.08
C VAL H 68 3.77 -3.06 42.10
N TYR H 69 4.90 -2.49 42.47
CA TYR H 69 4.95 -1.50 43.56
C TYR H 69 5.25 -0.16 42.93
N LEU H 70 4.38 0.83 43.16
CA LEU H 70 4.58 2.19 42.63
C LEU H 70 4.45 3.25 43.71
N ALA H 71 5.17 4.33 43.52
CA ALA H 71 5.15 5.45 44.43
C ALA H 71 4.27 6.54 43.87
N PHE H 72 3.64 7.30 44.74
CA PHE H 72 2.82 8.42 44.35
C PHE H 72 3.16 9.58 45.25
N GLU H 73 3.17 10.79 44.70
CA GLU H 73 3.48 11.99 45.48
C GLU H 73 2.22 12.45 46.20
N VAL H 74 2.05 12.00 47.43
CA VAL H 74 0.87 12.33 48.21
C VAL H 74 1.23 12.98 49.52
N GLY H 75 0.56 14.10 49.78
CA GLY H 75 0.76 14.89 50.97
C GLY H 75 -0.59 15.18 51.64
N ASP H 76 -0.56 16.06 52.62
CA ASP H 76 -1.76 16.41 53.42
C ASP H 76 -3.03 16.58 52.59
N LYS H 77 -2.96 17.44 51.57
CA LYS H 77 -4.11 17.77 50.72
C LYS H 77 -4.64 16.58 49.91
N GLU H 78 -3.76 15.65 49.52
CA GLU H 78 -4.15 14.50 48.72
C GLU H 78 -4.60 13.25 49.50
N LEU H 79 -4.00 13.04 50.67
CA LEU H 79 -4.22 11.83 51.49
C LEU H 79 -5.63 11.22 51.55
N LYS H 80 -6.64 11.99 51.93
CA LYS H 80 -7.99 11.44 52.04
C LYS H 80 -8.51 10.90 50.72
N ASP H 81 -8.44 11.70 49.66
CA ASP H 81 -8.92 11.30 48.37
C ASP H 81 -8.11 10.09 47.84
N VAL H 82 -6.83 10.05 48.14
CA VAL H 82 -6.04 8.89 47.67
C VAL H 82 -6.46 7.58 48.36
N VAL H 83 -6.71 7.61 49.67
CA VAL H 83 -7.09 6.37 50.36
C VAL H 83 -8.49 5.93 49.88
N GLN H 84 -9.42 6.88 49.74
CA GLN H 84 -10.74 6.54 49.21
C GLN H 84 -10.63 6.01 47.79
N GLY H 85 -9.64 6.49 47.06
CA GLY H 85 -9.40 6.03 45.72
C GLY H 85 -8.88 4.62 45.77
N PHE H 86 -7.93 4.36 46.67
CA PHE H 86 -7.37 3.01 46.82
C PHE H 86 -8.46 2.04 47.29
N ARG H 87 -9.34 2.48 48.18
CA ARG H 87 -10.44 1.60 48.58
C ARG H 87 -11.23 1.22 47.32
N ALA H 88 -11.48 2.24 46.48
CA ALA H 88 -12.28 2.07 45.27
C ALA H 88 -11.58 1.22 44.23
N MET H 89 -10.25 1.31 44.18
CA MET H 89 -9.46 0.51 43.25
C MET H 89 -9.19 -0.90 43.79
N ASN H 90 -9.69 -1.18 45.00
CA ASN H 90 -9.47 -2.44 45.67
C ASN H 90 -7.97 -2.80 45.80
N LEU H 91 -7.13 -1.84 46.15
CA LEU H 91 -5.69 -2.19 46.30
C LEU H 91 -5.47 -3.09 47.49
N ARG H 92 -4.53 -4.02 47.34
CA ARG H 92 -4.19 -4.94 48.40
C ARG H 92 -3.53 -4.22 49.56
N GLY H 93 -2.59 -3.34 49.24
CA GLY H 93 -1.88 -2.62 50.29
C GLY H 93 -0.94 -1.56 49.75
N TRP H 94 -0.23 -0.89 50.66
CA TRP H 94 0.69 0.17 50.27
C TRP H 94 1.45 0.68 51.47
N ASN H 95 2.58 1.32 51.22
CA ASN H 95 3.36 1.91 52.30
C ASN H 95 2.91 3.37 52.43
N VAL H 96 3.30 3.97 53.52
CA VAL H 96 2.99 5.35 53.79
C VAL H 96 4.21 5.95 54.42
N SER H 97 4.59 7.13 53.96
CA SER H 97 5.73 7.80 54.57
C SER H 97 5.44 9.26 54.71
N MET H 98 6.40 10.00 55.24
CA MET H 98 6.23 11.43 55.46
C MET H 98 5.54 12.04 54.24
N PRO H 99 4.57 12.93 54.48
CA PRO H 99 4.09 13.46 55.77
C PRO H 99 2.76 12.84 56.25
N ASN H 100 2.52 11.58 55.88
CA ASN H 100 1.25 10.90 56.17
C ASN H 100 1.20 9.85 57.27
N LYS H 101 2.34 9.44 57.82
CA LYS H 101 2.35 8.37 58.87
C LYS H 101 1.43 8.62 60.07
N THR H 102 1.51 9.80 60.67
CA THR H 102 0.68 10.12 61.84
C THR H 102 -0.79 10.47 61.52
N ASN H 103 -1.10 10.76 60.26
CA ASN H 103 -2.47 11.14 59.89
C ASN H 103 -3.37 10.07 59.29
N ILE H 104 -2.78 9.14 58.55
CA ILE H 104 -3.54 8.15 57.79
C ILE H 104 -4.51 7.24 58.58
N HIS H 105 -4.29 7.05 59.88
CA HIS H 105 -5.21 6.24 60.71
C HIS H 105 -6.64 6.76 60.62
N LYS H 106 -6.80 8.03 60.33
CA LYS H 106 -8.15 8.61 60.23
C LYS H 106 -8.96 8.03 59.06
N TYR H 107 -8.29 7.49 58.06
CA TYR H 107 -9.00 6.94 56.90
C TYR H 107 -8.91 5.42 56.83
N LEU H 108 -8.47 4.81 57.92
CA LEU H 108 -8.36 3.35 58.01
C LEU H 108 -9.40 2.83 58.97
N ASP H 109 -9.68 1.54 58.85
CA ASP H 109 -10.70 0.89 59.67
C ASP H 109 -10.14 0.32 61.00
N LYS H 110 -8.92 -0.19 60.96
CA LYS H 110 -8.30 -0.80 62.12
C LYS H 110 -6.81 -0.49 62.12
N LEU H 111 -6.18 -0.68 63.28
CA LEU H 111 -4.76 -0.47 63.46
C LEU H 111 -4.18 -1.64 64.23
N SER H 112 -2.95 -2.03 63.94
CA SER H 112 -2.29 -3.10 64.70
C SER H 112 -2.04 -2.50 66.07
N PRO H 113 -1.96 -3.33 67.12
CA PRO H 113 -1.72 -2.72 68.43
C PRO H 113 -0.47 -1.85 68.43
N ALA H 114 0.55 -2.24 67.66
CA ALA H 114 1.79 -1.46 67.59
C ALA H 114 1.53 -0.09 66.95
N ALA H 115 0.78 -0.08 65.85
CA ALA H 115 0.48 1.17 65.15
C ALA H 115 -0.39 2.09 66.02
N GLU H 116 -1.26 1.47 66.81
CA GLU H 116 -2.12 2.20 67.72
C GLU H 116 -1.30 2.81 68.86
N LEU H 117 -0.32 2.05 69.34
CA LEU H 117 0.46 2.47 70.48
C LEU H 117 1.54 3.47 70.05
N VAL H 118 2.17 3.22 68.90
CA VAL H 118 3.18 4.12 68.35
C VAL H 118 2.55 5.44 67.87
N GLY H 119 1.37 5.36 67.27
CA GLY H 119 0.68 6.53 66.73
C GLY H 119 1.06 6.86 65.29
N ALA H 120 1.63 5.91 64.57
CA ALA H 120 2.02 6.15 63.18
C ALA H 120 1.76 4.90 62.36
N VAL H 121 1.67 5.08 61.05
CA VAL H 121 1.42 3.97 60.15
C VAL H 121 2.30 4.05 58.90
N ASN H 122 3.03 2.97 58.60
CA ASN H 122 3.86 2.97 57.38
C ASN H 122 3.51 1.85 56.40
N THR H 123 2.50 1.05 56.74
CA THR H 123 2.09 -0.08 55.94
C THR H 123 0.61 -0.33 56.12
N VAL H 124 -0.12 -0.38 55.02
CA VAL H 124 -1.57 -0.63 55.08
C VAL H 124 -1.86 -1.91 54.29
N VAL H 125 -2.83 -2.69 54.76
CA VAL H 125 -3.23 -3.89 54.04
C VAL H 125 -4.74 -3.88 53.97
N ASN H 126 -5.28 -4.39 52.87
CA ASN H 126 -6.69 -4.46 52.61
C ASN H 126 -7.23 -5.88 52.48
N ASP H 127 -7.99 -6.33 53.48
CA ASP H 127 -8.62 -7.63 53.52
C ASP H 127 -10.12 -7.42 53.32
N ASP H 128 -10.63 -7.82 52.17
CA ASP H 128 -12.07 -7.69 51.83
C ASP H 128 -12.68 -6.32 52.12
N GLY H 129 -11.96 -5.27 51.73
CA GLY H 129 -12.42 -3.90 51.93
C GLY H 129 -12.17 -3.35 53.32
N VAL H 130 -11.50 -4.12 54.18
CA VAL H 130 -11.21 -3.66 55.56
C VAL H 130 -9.76 -3.27 55.63
N LEU H 131 -9.52 -1.99 55.91
CA LEU H 131 -8.16 -1.46 55.94
C LEU H 131 -7.56 -1.50 57.34
N THR H 132 -6.40 -2.14 57.44
CA THR H 132 -5.68 -2.24 58.69
C THR H 132 -4.34 -1.54 58.56
N GLY H 133 -4.08 -0.63 59.48
CA GLY H 133 -2.81 0.07 59.52
C GLY H 133 -1.80 -0.70 60.36
N HIS H 134 -0.58 -0.77 59.85
CA HIS H 134 0.55 -1.43 60.51
C HIS H 134 1.75 -0.49 60.56
N ILE H 135 2.76 -0.90 61.32
CA ILE H 135 4.03 -0.18 61.45
C ILE H 135 5.07 -1.29 61.52
N THR H 136 5.99 -1.25 60.56
CA THR H 136 6.98 -2.29 60.39
C THR H 136 8.43 -1.92 60.77
N ASP H 137 8.73 -0.66 60.98
CA ASP H 137 10.12 -0.27 61.30
C ASP H 137 10.61 -0.85 62.64
N GLY H 138 9.72 -0.98 63.63
CA GLY H 138 10.07 -1.56 64.92
C GLY H 138 10.41 -3.03 64.67
N THR H 139 9.45 -3.71 64.05
CA THR H 139 9.60 -5.09 63.67
C THR H 139 10.88 -5.35 62.88
N GLY H 140 11.16 -4.46 61.92
CA GLY H 140 12.37 -4.61 61.11
C GLY H 140 13.60 -4.50 62.00
N TYR H 141 13.60 -3.51 62.88
CA TYR H 141 14.71 -3.31 63.75
C TYR H 141 15.00 -4.58 64.56
N MET H 142 13.96 -5.10 65.20
CA MET H 142 14.06 -6.31 66.04
C MET H 142 14.47 -7.53 65.23
N ARG H 143 13.86 -7.72 64.07
CA ARG H 143 14.16 -8.87 63.22
C ARG H 143 15.60 -8.78 62.77
N ALA H 144 16.11 -7.59 62.53
CA ALA H 144 17.50 -7.45 62.10
C ALA H 144 18.48 -7.91 63.22
N LEU H 145 18.17 -7.59 64.47
CA LEU H 145 19.03 -8.00 65.60
C LEU H 145 19.04 -9.52 65.73
N LYS H 146 17.85 -10.12 65.69
CA LYS H 146 17.73 -11.57 65.81
C LYS H 146 18.47 -12.26 64.65
N GLU H 147 18.35 -11.73 63.44
CA GLU H 147 19.03 -12.32 62.30
C GLU H 147 20.53 -12.22 62.44
N ALA H 148 21.01 -11.12 63.04
CA ALA H 148 22.44 -10.93 63.26
C ALA H 148 22.90 -11.74 64.45
N GLY H 149 21.96 -12.32 65.18
CA GLY H 149 22.28 -13.18 66.31
C GLY H 149 22.33 -12.48 67.65
N HIS H 150 21.58 -11.39 67.78
CA HIS H 150 21.54 -10.65 69.03
C HIS H 150 20.16 -10.85 69.65
N ASP H 151 20.16 -11.57 70.77
CA ASP H 151 18.96 -11.88 71.51
C ASP H 151 18.82 -10.86 72.64
N ILE H 152 17.90 -9.92 72.47
CA ILE H 152 17.68 -8.92 73.51
C ILE H 152 16.33 -9.13 74.22
N ILE H 153 15.67 -10.25 73.93
CA ILE H 153 14.39 -10.56 74.57
C ILE H 153 14.72 -10.91 76.03
N GLY H 154 13.98 -10.34 76.97
CA GLY H 154 14.23 -10.59 78.39
C GLY H 154 15.40 -9.81 79.00
N LYS H 155 16.08 -9.01 78.19
CA LYS H 155 17.20 -8.20 78.67
C LYS H 155 16.84 -6.71 78.65
N LYS H 156 17.81 -5.87 78.99
CA LYS H 156 17.62 -4.44 79.05
C LYS H 156 18.30 -3.73 77.87
N MET H 157 17.65 -2.67 77.38
CA MET H 157 18.19 -1.86 76.30
C MET H 157 18.21 -0.39 76.70
N THR H 158 19.28 0.28 76.26
CA THR H 158 19.42 1.72 76.45
C THR H 158 19.33 2.29 75.03
N ILE H 159 18.39 3.19 74.79
CA ILE H 159 18.21 3.73 73.45
C ILE H 159 18.14 5.24 73.43
N CYS H 160 18.79 5.82 72.42
CA CYS H 160 18.82 7.27 72.21
C CYS H 160 17.84 7.59 71.12
N GLY H 161 16.84 8.43 71.41
CA GLY H 161 15.85 8.84 70.44
C GLY H 161 14.43 8.84 70.98
N ALA H 162 13.60 9.72 70.42
CA ALA H 162 12.19 9.84 70.78
C ALA H 162 11.38 10.16 69.53
N GLY H 163 11.99 9.97 68.35
CA GLY H 163 11.34 10.27 67.10
C GLY H 163 10.57 9.08 66.56
N GLY H 164 10.17 9.17 65.29
CA GLY H 164 9.40 8.12 64.65
C GLY H 164 10.01 6.73 64.82
N ALA H 165 11.29 6.63 64.53
CA ALA H 165 12.00 5.36 64.61
C ALA H 165 12.22 4.86 66.05
N ALA H 166 12.53 5.78 66.97
CA ALA H 166 12.81 5.39 68.35
C ALA H 166 11.56 4.89 68.95
N THR H 167 10.49 5.64 68.75
CA THR H 167 9.21 5.26 69.28
C THR H 167 8.83 3.87 68.74
N ALA H 168 8.90 3.67 67.43
CA ALA H 168 8.56 2.37 66.85
C ALA H 168 9.38 1.25 67.44
N ILE H 169 10.64 1.54 67.69
CA ILE H 169 11.53 0.53 68.21
C ILE H 169 11.19 0.23 69.66
N CYS H 170 10.97 1.27 70.47
CA CYS H 170 10.66 1.04 71.88
C CYS H 170 9.36 0.29 72.03
N ILE H 171 8.36 0.67 71.26
CA ILE H 171 7.09 -0.01 71.37
C ILE H 171 7.24 -1.46 70.93
N GLN H 172 7.87 -1.71 69.79
CA GLN H 172 7.94 -3.07 69.31
C GLN H 172 8.73 -3.94 70.25
N ALA H 173 9.81 -3.38 70.80
CA ALA H 173 10.67 -4.09 71.75
C ALA H 173 9.89 -4.50 72.96
N ALA H 174 9.16 -3.53 73.50
CA ALA H 174 8.32 -3.79 74.66
C ALA H 174 7.36 -4.92 74.32
N LEU H 175 6.64 -4.80 73.22
CA LEU H 175 5.69 -5.84 72.81
C LEU H 175 6.32 -7.22 72.56
N ASP H 176 7.56 -7.27 72.10
CA ASP H 176 8.21 -8.55 71.80
C ASP H 176 8.78 -9.22 73.02
N GLY H 177 8.90 -8.49 74.14
CA GLY H 177 9.42 -9.07 75.34
C GLY H 177 10.75 -8.55 75.85
N VAL H 178 11.16 -7.35 75.43
CA VAL H 178 12.38 -6.78 76.02
C VAL H 178 11.92 -6.53 77.45
N LYS H 179 12.81 -6.75 78.41
N LYS H 179 12.80 -6.76 78.41
CA LYS H 179 12.48 -6.61 79.84
CA LYS H 179 12.46 -6.61 79.84
C LYS H 179 12.50 -5.17 80.33
C LYS H 179 12.48 -5.15 80.29
N GLU H 180 13.50 -4.40 79.91
CA GLU H 180 13.61 -3.01 80.34
C GLU H 180 14.26 -2.11 79.29
N ILE H 181 13.70 -0.91 79.13
CA ILE H 181 14.24 0.07 78.19
C ILE H 181 14.50 1.40 78.87
N SER H 182 15.72 1.91 78.73
CA SER H 182 16.08 3.22 79.26
C SER H 182 16.28 4.08 77.99
N ILE H 183 15.53 5.17 77.93
CA ILE H 183 15.53 6.07 76.80
C ILE H 183 16.19 7.37 77.17
N PHE H 184 17.10 7.81 76.30
CA PHE H 184 17.78 9.08 76.47
C PHE H 184 17.44 9.94 75.27
N ASN H 185 17.16 11.21 75.52
CA ASN H 185 16.85 12.16 74.47
C ASN H 185 17.03 13.54 75.03
N ARG H 186 17.46 14.47 74.17
CA ARG H 186 17.60 15.88 74.57
C ARG H 186 16.23 16.45 74.92
N LYS H 187 16.25 17.62 75.54
CA LYS H 187 15.03 18.34 75.89
C LYS H 187 14.56 19.14 74.68
N ASP H 188 13.94 18.48 73.72
CA ASP H 188 13.44 19.15 72.50
C ASP H 188 11.95 18.86 72.30
N ASP H 189 11.43 19.12 71.09
CA ASP H 189 10.01 18.92 70.74
C ASP H 189 9.59 17.42 70.83
N PHE H 190 10.58 16.52 70.78
CA PHE H 190 10.34 15.08 70.85
C PHE H 190 10.30 14.48 72.29
N TYR H 191 10.70 15.26 73.30
CA TYR H 191 10.78 14.75 74.67
C TYR H 191 9.43 14.36 75.27
N ALA H 192 8.42 15.20 75.07
CA ALA H 192 7.07 14.90 75.57
C ALA H 192 6.60 13.59 74.92
N ASN H 193 7.04 13.36 73.68
CA ASN H 193 6.64 12.14 73.01
C ASN H 193 7.32 10.95 73.63
N ALA H 194 8.50 11.15 74.21
CA ALA H 194 9.22 10.07 74.85
C ALA H 194 8.49 9.73 76.14
N GLU H 195 8.06 10.75 76.85
CA GLU H 195 7.35 10.56 78.10
C GLU H 195 6.06 9.77 77.87
N LYS H 196 5.37 10.06 76.78
CA LYS H 196 4.14 9.35 76.48
C LYS H 196 4.52 7.92 76.17
N THR H 197 5.66 7.74 75.53
CA THR H 197 6.12 6.41 75.21
C THR H 197 6.37 5.61 76.48
N VAL H 198 6.91 6.26 77.51
CA VAL H 198 7.14 5.60 78.79
C VAL H 198 5.81 5.20 79.39
N GLU H 199 4.89 6.17 79.46
CA GLU H 199 3.55 5.94 79.98
C GLU H 199 2.88 4.79 79.26
N LYS H 200 3.13 4.61 77.96
CA LYS H 200 2.48 3.55 77.22
C LYS H 200 3.13 2.20 77.46
N ILE H 201 4.47 2.14 77.43
CA ILE H 201 5.17 0.90 77.67
C ILE H 201 4.86 0.36 79.06
N ASN H 202 5.00 1.21 80.07
CA ASN H 202 4.74 0.80 81.46
C ASN H 202 3.31 0.34 81.74
N SER H 203 2.32 1.02 81.16
CA SER H 203 0.92 0.68 81.42
C SER H 203 0.30 -0.38 80.51
N LYS H 204 0.82 -0.52 79.29
CA LYS H 204 0.24 -1.49 78.32
C LYS H 204 1.09 -2.75 78.03
N THR H 205 2.28 -2.85 78.62
CA THR H 205 3.09 -4.02 78.37
C THR H 205 3.72 -4.48 79.66
N ASP H 206 4.55 -5.51 79.55
CA ASP H 206 5.25 -6.05 80.70
C ASP H 206 6.68 -5.54 80.75
N CYS H 207 7.03 -4.68 79.81
CA CYS H 207 8.34 -4.08 79.75
C CYS H 207 8.39 -2.87 80.66
N LYS H 208 9.52 -2.66 81.35
CA LYS H 208 9.65 -1.48 82.24
C LYS H 208 10.50 -0.43 81.52
N ALA H 209 9.99 0.80 81.43
CA ALA H 209 10.70 1.87 80.73
C ALA H 209 10.86 3.14 81.55
N GLN H 210 11.92 3.88 81.26
CA GLN H 210 12.16 5.16 81.90
C GLN H 210 12.95 6.06 80.92
N LEU H 211 12.72 7.37 81.06
CA LEU H 211 13.34 8.36 80.21
C LEU H 211 14.26 9.29 80.97
N PHE H 212 15.42 9.57 80.39
CA PHE H 212 16.35 10.51 81.00
C PHE H 212 16.82 11.47 79.92
N ASP H 213 17.51 12.50 80.38
CA ASP H 213 18.09 13.53 79.55
C ASP H 213 19.43 13.01 79.03
N ILE H 214 19.68 13.21 77.76
CA ILE H 214 20.92 12.78 77.15
C ILE H 214 22.11 13.51 77.79
N GLU H 215 21.86 14.63 78.46
CA GLU H 215 22.93 15.39 79.14
C GLU H 215 23.38 14.71 80.43
N ASP H 216 22.54 13.84 80.97
CA ASP H 216 22.86 13.13 82.21
C ASP H 216 23.85 12.01 81.88
N HIS H 217 25.12 12.39 81.82
CA HIS H 217 26.18 11.44 81.45
C HIS H 217 26.41 10.29 82.42
N GLU H 218 26.35 10.55 83.72
N GLU H 218 26.32 10.59 83.73
CA GLU H 218 26.60 9.46 84.66
CA GLU H 218 26.51 9.58 84.78
C GLU H 218 25.42 8.47 84.70
C GLU H 218 25.43 8.51 84.67
N GLN H 219 24.19 8.96 84.53
CA GLN H 219 23.04 8.06 84.46
C GLN H 219 23.18 7.21 83.19
N LEU H 220 23.62 7.84 82.11
CA LEU H 220 23.83 7.14 80.85
C LEU H 220 24.88 6.01 81.01
N ARG H 221 25.96 6.28 81.73
CA ARG H 221 26.97 5.24 81.93
C ARG H 221 26.40 4.07 82.73
N LYS H 222 25.61 4.38 83.75
CA LYS H 222 24.98 3.38 84.59
C LYS H 222 24.01 2.51 83.78
N GLU H 223 23.18 3.17 82.96
CA GLU H 223 22.19 2.43 82.17
C GLU H 223 22.88 1.54 81.14
N ILE H 224 23.85 2.08 80.42
CA ILE H 224 24.58 1.29 79.43
C ILE H 224 25.26 0.06 80.08
N ALA H 225 25.86 0.24 81.27
CA ALA H 225 26.53 -0.85 81.95
C ALA H 225 25.55 -1.97 82.35
N GLU H 226 24.29 -1.61 82.61
CA GLU H 226 23.25 -2.57 82.96
C GLU H 226 22.54 -3.17 81.73
N SER H 227 22.86 -2.68 80.52
CA SER H 227 22.16 -3.14 79.30
C SER H 227 22.95 -4.10 78.40
N VAL H 228 22.26 -5.01 77.70
CA VAL H 228 22.97 -5.88 76.77
C VAL H 228 23.16 -5.15 75.43
N ILE H 229 22.36 -4.11 75.20
CA ILE H 229 22.45 -3.36 73.95
C ILE H 229 22.36 -1.85 74.12
N PHE H 230 23.16 -1.12 73.32
CA PHE H 230 23.12 0.32 73.29
C PHE H 230 22.82 0.74 71.86
N THR H 231 21.73 1.47 71.71
CA THR H 231 21.26 1.87 70.39
C THR H 231 21.00 3.32 70.14
N ASN H 232 21.52 3.78 69.01
CA ASN H 232 21.26 5.12 68.53
C ASN H 232 20.03 5.09 67.62
N ALA H 233 19.00 5.82 67.99
CA ALA H 233 17.76 5.92 67.19
C ALA H 233 17.46 7.41 66.87
N THR H 234 18.52 8.20 66.82
CA THR H 234 18.41 9.60 66.47
C THR H 234 19.08 9.70 65.11
N GLY H 235 19.07 10.89 64.52
CA GLY H 235 19.71 11.09 63.26
C GLY H 235 21.19 11.45 63.41
N VAL H 236 21.66 11.57 64.65
CA VAL H 236 23.04 11.92 64.89
C VAL H 236 23.87 10.77 64.36
N GLY H 237 24.91 11.11 63.59
CA GLY H 237 25.82 10.12 62.96
C GLY H 237 25.56 10.14 61.46
N MET H 238 24.35 10.59 61.09
CA MET H 238 23.92 10.71 59.70
C MET H 238 23.84 12.19 59.34
N LYS H 239 24.01 12.50 58.06
CA LYS H 239 23.91 13.90 57.58
C LYS H 239 22.59 14.47 58.08
N PRO H 240 22.58 15.74 58.55
CA PRO H 240 23.69 16.69 58.65
C PRO H 240 24.55 16.57 59.92
N PHE H 241 24.65 15.37 60.50
CA PHE H 241 25.41 15.12 61.70
C PHE H 241 26.45 13.99 61.52
N GLU H 242 26.98 13.78 60.30
CA GLU H 242 28.02 12.77 60.13
C GLU H 242 29.25 13.23 60.90
N GLY H 243 29.89 12.29 61.57
CA GLY H 243 31.09 12.57 62.35
C GLY H 243 30.78 12.93 63.78
N GLU H 244 29.49 13.07 64.12
CA GLU H 244 29.08 13.37 65.48
C GLU H 244 28.46 12.14 66.13
N THR H 245 28.55 12.08 67.45
CA THR H 245 27.95 11.01 68.22
C THR H 245 27.42 11.58 69.52
N LEU H 246 26.37 10.95 70.06
CA LEU H 246 25.79 11.37 71.36
C LEU H 246 26.50 10.68 72.53
N LEU H 247 27.38 9.71 72.24
CA LEU H 247 28.15 9.01 73.26
C LEU H 247 29.20 9.95 73.88
N PRO H 248 29.09 10.23 75.19
CA PRO H 248 30.08 11.08 75.87
C PRO H 248 31.51 10.54 75.88
N SER H 249 31.71 9.25 76.20
CA SER H 249 33.06 8.70 76.19
C SER H 249 33.13 7.24 75.80
N ALA H 250 34.27 6.86 75.25
CA ALA H 250 34.49 5.49 74.83
C ALA H 250 34.36 4.49 75.96
N ASP H 251 34.98 4.79 77.10
CA ASP H 251 34.96 3.90 78.25
C ASP H 251 33.57 3.48 78.77
N MET H 252 32.49 4.11 78.29
CA MET H 252 31.13 3.73 78.70
C MET H 252 30.71 2.42 78.04
N LEU H 253 31.42 2.05 76.99
CA LEU H 253 31.14 0.79 76.31
C LEU H 253 32.01 -0.28 76.97
N ARG H 254 31.79 -1.53 76.60
CA ARG H 254 32.58 -2.63 77.14
C ARG H 254 32.45 -3.70 76.06
N PRO H 255 33.50 -4.52 75.87
CA PRO H 255 33.47 -5.50 74.78
C PRO H 255 32.20 -6.35 74.63
N GLU H 256 31.57 -6.71 75.74
N GLU H 256 31.59 -6.71 75.75
CA GLU H 256 30.40 -7.57 75.70
CA GLU H 256 30.39 -7.53 75.79
C GLU H 256 29.16 -6.84 75.16
C GLU H 256 29.16 -6.83 75.19
N LEU H 257 29.12 -5.51 75.29
CA LEU H 257 27.97 -4.70 74.84
C LEU H 257 27.75 -4.71 73.33
N ILE H 258 26.48 -4.76 72.95
CA ILE H 258 26.11 -4.72 71.55
C ILE H 258 25.79 -3.27 71.25
N VAL H 259 26.40 -2.71 70.22
CA VAL H 259 26.10 -1.32 69.85
C VAL H 259 25.44 -1.32 68.48
N SER H 260 24.25 -0.74 68.48
CA SER H 260 23.39 -0.67 67.32
C SER H 260 23.07 0.76 66.86
N ASP H 261 22.97 0.93 65.55
CA ASP H 261 22.63 2.23 65.01
C ASP H 261 21.58 2.02 63.94
N VAL H 262 20.60 2.92 63.91
CA VAL H 262 19.56 2.87 62.92
C VAL H 262 20.13 3.38 61.60
N VAL H 263 21.17 4.20 61.69
CA VAL H 263 21.76 4.78 60.47
C VAL H 263 22.62 3.78 59.72
N TYR H 264 22.53 3.77 58.39
CA TYR H 264 23.38 2.89 57.56
C TYR H 264 24.05 3.63 56.40
N LYS H 265 23.96 4.96 56.42
CA LYS H 265 24.57 5.85 55.46
C LYS H 265 25.09 6.97 56.38
N PRO H 266 26.37 6.94 56.76
CA PRO H 266 27.42 5.99 56.39
C PRO H 266 27.23 4.61 57.03
N THR H 267 27.93 3.61 56.47
CA THR H 267 27.84 2.24 56.95
C THR H 267 28.22 2.18 58.42
N LYS H 268 29.27 2.90 58.82
CA LYS H 268 29.58 3.00 60.23
C LYS H 268 29.72 4.45 60.71
N THR H 269 28.75 4.85 61.54
CA THR H 269 28.69 6.16 62.15
C THR H 269 29.82 6.25 63.17
N ARG H 270 30.15 7.46 63.61
CA ARG H 270 31.18 7.65 64.62
C ARG H 270 30.96 6.68 65.79
N LEU H 271 29.71 6.54 66.24
CA LEU H 271 29.36 5.63 67.36
C LEU H 271 29.87 4.21 67.11
N LEU H 272 29.56 3.68 65.93
CA LEU H 272 29.98 2.34 65.57
C LEU H 272 31.51 2.26 65.44
N GLU H 273 32.15 3.32 64.95
CA GLU H 273 33.61 3.31 64.87
C GLU H 273 34.14 3.20 66.28
N ILE H 274 33.57 3.99 67.18
CA ILE H 274 33.99 3.98 68.58
C ILE H 274 33.66 2.64 69.23
N ALA H 275 32.46 2.14 68.94
CA ALA H 275 32.02 0.88 69.49
C ALA H 275 33.06 -0.17 69.10
N GLU H 276 33.37 -0.19 67.82
CA GLU H 276 34.33 -1.11 67.25
C GLU H 276 35.74 -0.98 67.86
N GLU H 277 36.18 0.24 68.13
CA GLU H 277 37.49 0.44 68.76
C GLU H 277 37.52 -0.13 70.18
N GLN H 278 36.34 -0.32 70.77
CA GLN H 278 36.21 -0.83 72.13
C GLN H 278 35.94 -2.33 72.21
N GLY H 279 35.87 -3.00 71.06
CA GLY H 279 35.66 -4.45 70.99
C GLY H 279 34.23 -4.94 71.00
N CYS H 280 33.28 -4.03 70.75
CA CYS H 280 31.88 -4.37 70.76
C CYS H 280 31.41 -4.91 69.41
N GLN H 281 30.40 -5.78 69.45
CA GLN H 281 29.78 -6.24 68.24
C GLN H 281 28.94 -5.05 67.80
N THR H 282 28.87 -4.78 66.51
CA THR H 282 28.09 -3.65 66.00
C THR H 282 27.13 -4.08 64.91
N LEU H 283 26.10 -3.27 64.69
CA LEU H 283 25.14 -3.52 63.64
C LEU H 283 24.57 -2.18 63.20
N ASN H 284 24.80 -1.79 61.95
CA ASN H 284 24.24 -0.53 61.46
C ASN H 284 22.78 -0.77 61.12
N GLY H 285 22.10 0.20 60.53
CA GLY H 285 20.67 0.04 60.25
C GLY H 285 20.25 -0.58 58.95
N LEU H 286 21.18 -1.23 58.25
CA LEU H 286 20.84 -1.81 56.97
C LEU H 286 19.81 -2.90 57.17
N GLY H 287 20.01 -3.75 58.17
CA GLY H 287 19.08 -4.85 58.44
C GLY H 287 17.70 -4.37 58.74
N MET H 288 17.62 -3.29 59.49
CA MET H 288 16.32 -2.70 59.85
C MET H 288 15.54 -2.35 58.60
N MET H 289 16.20 -1.70 57.63
CA MET H 289 15.56 -1.31 56.39
C MET H 289 15.12 -2.52 55.59
N LEU H 290 15.98 -3.53 55.50
CA LEU H 290 15.65 -4.73 54.74
C LEU H 290 14.48 -5.50 55.33
N TRP H 291 14.47 -5.63 56.65
CA TRP H 291 13.40 -6.38 57.32
C TRP H 291 12.13 -5.61 57.47
N GLN H 292 12.20 -4.28 57.54
CA GLN H 292 10.94 -3.56 57.67
C GLN H 292 10.15 -3.75 56.34
N GLY H 293 10.88 -3.77 55.23
CA GLY H 293 10.30 -4.01 53.92
C GLY H 293 9.84 -5.46 53.81
N ALA H 294 10.67 -6.38 54.30
CA ALA H 294 10.33 -7.79 54.28
C ALA H 294 9.03 -8.03 55.05
N LYS H 295 8.81 -7.31 56.12
CA LYS H 295 7.57 -7.48 56.88
C LYS H 295 6.37 -7.04 56.07
N ALA H 296 6.46 -5.84 55.49
CA ALA H 296 5.38 -5.26 54.69
C ALA H 296 5.01 -6.22 53.57
N PHE H 297 6.04 -6.77 52.96
CA PHE H 297 5.91 -7.72 51.88
C PHE H 297 5.13 -8.93 52.34
N GLU H 298 5.49 -9.46 53.52
CA GLU H 298 4.86 -10.64 54.07
C GLU H 298 3.39 -10.37 54.40
N ILE H 299 3.12 -9.20 54.95
CA ILE H 299 1.73 -8.80 55.27
C ILE H 299 0.86 -8.79 54.00
N TRP H 300 1.39 -8.31 52.89
CA TRP H 300 0.60 -8.26 51.67
C TRP H 300 0.38 -9.59 50.97
N THR H 301 1.44 -10.38 50.89
CA THR H 301 1.45 -11.61 50.13
C THR H 301 1.47 -12.91 50.90
N HIS H 302 1.78 -12.86 52.19
CA HIS H 302 1.89 -14.09 52.97
C HIS H 302 2.96 -15.03 52.38
N LYS H 303 4.05 -14.41 51.93
CA LYS H 303 5.19 -15.10 51.44
C LYS H 303 6.41 -14.33 51.97
N GLU H 304 7.50 -15.04 52.22
CA GLU H 304 8.68 -14.40 52.77
C GLU H 304 9.51 -13.80 51.68
N MET H 305 9.85 -12.52 51.84
CA MET H 305 10.73 -11.85 50.88
C MET H 305 12.07 -12.53 50.94
N PRO H 306 12.71 -12.74 49.78
CA PRO H 306 14.03 -13.31 49.89
C PRO H 306 15.02 -12.18 50.15
N VAL H 307 15.28 -11.91 51.42
CA VAL H 307 16.19 -10.83 51.82
C VAL H 307 17.61 -10.99 51.31
N ASP H 308 18.23 -12.15 51.52
CA ASP H 308 19.59 -12.38 51.04
C ASP H 308 19.73 -12.03 49.55
N TYR H 309 18.71 -12.37 48.77
CA TYR H 309 18.68 -12.12 47.35
C TYR H 309 18.55 -10.64 47.08
N ILE H 310 17.59 -10.03 47.77
CA ILE H 310 17.34 -8.61 47.65
C ILE H 310 18.47 -7.78 48.22
N LYS H 311 19.21 -8.31 49.19
CA LYS H 311 20.30 -7.57 49.75
C LYS H 311 21.39 -7.48 48.71
N GLU H 312 21.74 -8.63 48.15
CA GLU H 312 22.79 -8.71 47.14
C GLU H 312 22.55 -7.76 45.96
N ILE H 313 21.38 -7.84 45.32
CA ILE H 313 21.08 -6.97 44.19
C ILE H 313 21.23 -5.49 44.51
N LEU H 314 20.74 -5.08 45.67
CA LEU H 314 20.78 -3.67 46.06
C LEU H 314 22.09 -3.17 46.66
N PHE H 315 22.94 -4.09 47.13
CA PHE H 315 24.22 -3.71 47.75
C PHE H 315 25.36 -4.66 47.39
PA NAD I . 11.91 10.79 -17.69
O1A NAD I . 12.04 11.98 -18.60
O2A NAD I . 10.55 10.21 -17.40
O5B NAD I . 12.56 11.16 -16.28
C5B NAD I . 13.81 11.82 -16.20
C4B NAD I . 14.44 11.49 -14.88
O4B NAD I . 15.82 11.78 -15.00
C3B NAD I . 13.92 12.32 -13.72
O3B NAD I . 13.82 11.52 -12.52
C2B NAD I . 14.93 13.43 -13.56
O2B NAD I . 15.10 13.92 -12.22
C1B NAD I . 16.20 12.78 -14.07
N9A NAD I . 17.13 13.72 -14.72
C8A NAD I . 17.14 14.11 -16.01
N7A NAD I . 18.18 14.96 -16.24
C5A NAD I . 18.84 15.12 -15.08
C6A NAD I . 19.95 15.84 -14.65
N6A NAD I . 20.65 16.62 -15.51
N1A NAD I . 20.34 15.74 -13.35
C2A NAD I . 19.68 14.98 -12.45
N3A NAD I . 18.61 14.25 -12.80
C4A NAD I . 18.15 14.29 -14.08
O3 NAD I . 12.92 9.68 -18.27
PN NAD I . 12.57 8.11 -18.25
O1N NAD I . 11.54 7.81 -19.32
O2N NAD I . 12.24 7.72 -16.83
O5D NAD I . 13.97 7.46 -18.71
C5D NAD I . 15.24 7.87 -18.15
C4D NAD I . 16.41 7.26 -18.94
O4D NAD I . 16.25 5.83 -19.11
C3D NAD I . 16.59 7.80 -20.35
O3D NAD I . 17.98 8.00 -20.61
C2D NAD I . 16.01 6.74 -21.27
O2D NAD I . 16.57 6.77 -22.59
C1D NAD I . 16.32 5.45 -20.50
N1N NAD I . 15.41 4.30 -20.70
C2N NAD I . 15.94 3.11 -21.01
C3N NAD I . 15.12 2.00 -21.19
C7N NAD I . 15.70 0.66 -21.54
O7N NAD I . 15.05 -0.11 -22.22
N7N NAD I . 16.91 0.33 -21.10
C4N NAD I . 13.75 2.12 -21.01
C5N NAD I . 13.22 3.37 -20.67
C6N NAD I . 14.09 4.45 -20.51
S SO4 J . 3.57 9.40 -20.17
O1 SO4 J . 3.50 10.85 -20.31
O2 SO4 J . 4.96 9.02 -19.90
O3 SO4 J . 2.69 8.97 -19.09
O4 SO4 J . 3.13 8.72 -21.38
S SO4 K . 8.83 3.22 -22.78
O1 SO4 K . 10.24 2.90 -23.02
O2 SO4 K . 8.32 2.39 -21.68
O3 SO4 K . 8.71 4.64 -22.43
O4 SO4 K . 8.06 2.94 -23.98
PA NAD L . -21.87 -8.64 -56.69
O1A NAD L . -22.28 -9.70 -55.70
O2A NAD L . -21.91 -7.17 -56.35
O5B NAD L . -22.77 -8.80 -58.00
C5B NAD L . -23.24 -10.06 -58.44
C4B NAD L . -23.62 -9.91 -59.90
O4B NAD L . -23.61 -11.19 -60.52
C3B NAD L . -25.02 -9.34 -60.07
O3B NAD L . -25.08 -8.55 -61.27
C2B NAD L . -25.87 -10.58 -60.13
O2B NAD L . -27.09 -10.36 -60.83
C1B NAD L . -24.96 -11.54 -60.88
N9A NAD L . -25.17 -12.98 -60.60
C8A NAD L . -24.70 -13.68 -59.54
N7A NAD L . -25.04 -14.99 -59.67
C5A NAD L . -25.71 -15.15 -60.83
C6A NAD L . -26.31 -16.19 -61.51
N6A NAD L . -26.31 -17.44 -61.01
N1A NAD L . -26.93 -15.97 -62.70
C2A NAD L . -26.97 -14.75 -63.24
N3A NAD L . -26.40 -13.69 -62.63
C4A NAD L . -25.77 -13.82 -61.44
O3 NAD L . -20.43 -9.06 -57.24
PN NAD L . -19.35 -8.01 -57.78
O1N NAD L . -18.51 -7.50 -56.63
O2N NAD L . -20.02 -7.04 -58.73
O5D NAD L . -18.42 -9.01 -58.62
C5D NAD L . -18.91 -9.90 -59.64
C4D NAD L . -17.73 -10.70 -60.21
O4D NAD L . -16.69 -9.82 -60.64
C3D NAD L . -17.11 -11.65 -59.17
O3D NAD L . -16.88 -12.92 -59.76
C2D NAD L . -15.79 -10.99 -58.79
O2D NAD L . -14.77 -11.92 -58.41
C1D NAD L . -15.44 -10.22 -60.07
N1N NAD L . -14.57 -9.07 -59.81
C2N NAD L . -13.35 -9.06 -60.39
C3N NAD L . -12.47 -8.00 -60.21
C7N NAD L . -11.09 -7.98 -60.84
O7N NAD L . -10.19 -7.35 -60.28
N7N NAD L . -10.84 -8.62 -61.98
C4N NAD L . -12.89 -6.95 -59.39
C5N NAD L . -14.15 -6.96 -58.81
C6N NAD L . -14.99 -8.05 -59.04
S SO4 M . -13.26 -4.48 -54.47
O1 SO4 M . -13.42 -3.11 -54.94
O2 SO4 M . -12.24 -4.49 -53.43
O3 SO4 M . -14.50 -5.02 -53.92
O4 SO4 M . -12.85 -5.31 -55.61
S SO4 N . -20.64 -3.09 -50.06
O1 SO4 N . -19.22 -2.94 -49.83
O2 SO4 N . -21.03 -4.45 -49.70
O3 SO4 N . -21.37 -2.11 -49.25
O4 SO4 N . -20.94 -2.89 -51.48
S SO4 O . -6.97 -21.88 -64.05
O1 SO4 O . -6.69 -20.68 -63.25
O2 SO4 O . -6.92 -23.06 -63.19
O3 SO4 O . -8.30 -21.77 -64.64
O4 SO4 O . -5.97 -21.99 -65.11
PA NAD P . -19.66 38.52 -42.53
O1A NAD P . -18.63 39.60 -42.63
O2A NAD P . -19.27 37.14 -42.13
O5B NAD P . -20.46 38.37 -43.91
C5B NAD P . -20.80 39.49 -44.73
C4B NAD P . -21.95 39.10 -45.66
O4B NAD P . -22.66 40.26 -46.07
C3B NAD P . -21.46 38.48 -46.96
O3B NAD P . -22.49 37.67 -47.52
C2B NAD P . -21.22 39.68 -47.86
O2B NAD P . -21.28 39.37 -49.25
C1B NAD P . -22.41 40.52 -47.46
N9A NAD P . -22.24 41.97 -47.67
C8A NAD P . -21.52 42.83 -46.92
N7A NAD P . -21.66 44.09 -47.38
C5A NAD P . -22.51 44.06 -48.43
C6A NAD P . -23.04 44.99 -49.30
N6A NAD P . -22.71 46.28 -49.18
N1A NAD P . -23.88 44.60 -50.27
C2A NAD P . -24.22 43.30 -50.41
N3A NAD P . -23.75 42.35 -49.60
C4A NAD P . -22.89 42.66 -48.60
O3 NAD P . -20.80 39.07 -41.52
PN NAD P . -21.57 38.05 -40.53
O1N NAD P . -20.70 37.68 -39.37
O2N NAD P . -22.17 36.97 -41.39
O5D NAD P . -22.71 39.06 -40.00
C5D NAD P . -23.89 39.33 -40.75
C4D NAD P . -24.87 40.18 -39.93
O4D NAD P . -25.57 39.32 -39.01
C3D NAD P . -24.18 41.23 -39.07
O3D NAD P . -24.93 42.45 -39.16
C2D NAD P . -24.21 40.64 -37.67
O2D NAD P . -24.23 41.61 -36.63
C1D NAD P . -25.50 39.85 -37.69
N1N NAD P . -25.56 38.74 -36.76
C2N NAD P . -26.60 38.67 -35.88
C3N NAD P . -26.69 37.61 -34.98
C7N NAD P . -27.82 37.46 -34.02
O7N NAD P . -27.72 36.65 -33.16
N7N NAD P . -28.94 38.19 -34.12
C4N NAD P . -25.70 36.63 -35.00
C5N NAD P . -24.64 36.73 -35.89
C6N NAD P . -24.60 37.80 -36.78
CL CL Q . -43.15 26.48 -49.77
CL CL R . -13.80 34.54 -36.70
PA NAD S . 2.00 22.40 8.15
O1A NAD S . 1.54 21.01 7.78
O2A NAD S . 2.87 23.15 7.20
O5B NAD S . 2.82 22.31 9.54
C5B NAD S . 2.28 21.79 10.76
C4B NAD S . 3.09 22.34 11.94
O4B NAD S . 2.42 22.02 13.16
C3B NAD S . 4.48 21.73 12.04
O3B NAD S . 5.37 22.68 12.62
C2B NAD S . 4.29 20.55 12.96
O2B NAD S . 5.48 20.19 13.69
C1B NAD S . 3.20 21.05 13.88
N9A NAD S . 2.35 19.94 14.33
C8A NAD S . 1.36 19.35 13.61
N7A NAD S . 0.77 18.37 14.34
C5A NAD S . 1.39 18.33 15.54
C6A NAD S . 1.27 17.56 16.69
N6A NAD S . 0.34 16.59 16.75
N1A NAD S . 2.09 17.80 17.74
C2A NAD S . 3.04 18.77 17.70
N3A NAD S . 3.21 19.54 16.61
C4A NAD S . 2.43 19.36 15.52
O3 NAD S . 0.72 23.27 8.65
PN NAD S . 0.60 24.87 8.40
O1N NAD S . 0.23 25.06 6.95
O2N NAD S . 1.84 25.58 8.90
O5D NAD S . -0.64 25.33 9.30
C5D NAD S . -0.68 25.12 10.70
C4D NAD S . -1.93 25.77 11.31
O4D NAD S . -2.01 27.15 10.91
C3D NAD S . -3.25 25.14 10.88
O3D NAD S . -4.04 24.94 12.05
C2D NAD S . -3.92 26.13 9.95
O2D NAD S . -5.34 26.12 10.05
C1D NAD S . -3.35 27.45 10.48
N1N NAD S . -3.30 28.56 9.53
C2N NAD S . -4.04 29.66 9.76
C3N NAD S . -3.97 30.73 8.87
C7N NAD S . -4.76 31.99 9.08
O7N NAD S . -5.03 32.68 8.12
N7N NAD S . -5.12 32.33 10.32
C4N NAD S . -3.15 30.65 7.76
C5N NAD S . -2.39 29.51 7.55
C6N NAD S . -2.49 28.47 8.46
PA NAD T . 7.35 -25.45 -14.34
O1A NAD T . 8.37 -24.35 -14.43
O2A NAD T . 7.79 -26.86 -14.00
O5B NAD T . 6.54 -25.54 -15.73
C5B NAD T . 6.16 -24.35 -16.43
C4B NAD T . 5.00 -24.66 -17.36
O4B NAD T . 4.32 -23.44 -17.71
C3B NAD T . 5.43 -25.23 -18.69
O3B NAD T . 4.36 -26.03 -19.14
C2B NAD T . 5.60 -24.03 -19.59
O2B NAD T . 5.45 -24.35 -20.99
C1B NAD T . 4.44 -23.18 -19.11
N9A NAD T . 4.57 -21.70 -19.26
C8A NAD T . 5.27 -20.86 -18.47
N7A NAD T . 5.09 -19.57 -18.88
C5A NAD T . 4.26 -19.60 -19.94
C6A NAD T . 3.71 -18.65 -20.79
N6A NAD T . 3.99 -17.34 -20.62
N1A NAD T . 2.89 -19.05 -21.78
C2A NAD T . 2.60 -20.35 -21.97
N3A NAD T . 3.10 -21.33 -21.19
C4A NAD T . 3.91 -21.01 -20.18
O3 NAD T . 6.25 -24.93 -13.31
PN NAD T . 5.46 -25.93 -12.32
O1N NAD T . 6.41 -26.38 -11.23
O2N NAD T . 4.74 -26.97 -13.12
O5D NAD T . 4.32 -24.96 -11.72
C5D NAD T . 3.20 -24.53 -12.50
C4D NAD T . 2.23 -23.73 -11.64
O4D NAD T . 1.56 -24.63 -10.75
C3D NAD T . 2.92 -22.69 -10.80
O3D NAD T . 2.15 -21.48 -10.85
C2D NAD T . 2.94 -23.28 -9.40
O2D NAD T . 2.89 -22.28 -8.39
C1D NAD T . 1.69 -24.14 -9.42
N1N NAD T . 1.68 -25.27 -8.48
C2N NAD T . 0.65 -25.37 -7.65
C3N NAD T . 0.59 -26.42 -6.74
C7N NAD T . -0.55 -26.58 -5.76
O7N NAD T . -0.43 -27.44 -4.92
N7N NAD T . -1.65 -25.82 -5.82
C4N NAD T . 1.61 -27.38 -6.74
C5N NAD T . 2.66 -27.25 -7.63
C6N NAD T . 2.67 -26.18 -8.51
CL CL U . -23.62 -26.55 -21.01
PA NAD V . 28.45 -45.28 35.29
O1A NAD V . 27.76 -46.59 34.96
O2A NAD V . 29.34 -44.64 34.25
O5B NAD V . 29.31 -45.52 36.64
C5B NAD V . 28.74 -46.24 37.73
C4B NAD V . 29.56 -45.97 38.98
O4B NAD V . 28.82 -46.40 40.11
C3B NAD V . 30.90 -46.72 39.03
O3B NAD V . 31.89 -45.94 39.70
C2B NAD V . 30.55 -47.97 39.82
O2B NAD V . 31.71 -48.54 40.44
C1B NAD V . 29.53 -47.43 40.81
N9A NAD V . 28.51 -48.38 41.31
C8A NAD V . 27.38 -48.79 40.70
N7A NAD V . 26.68 -49.64 41.50
C5A NAD V . 27.37 -49.78 42.65
C6A NAD V . 27.20 -50.47 43.84
N6A NAD V . 26.12 -51.26 44.02
N1A NAD V . 28.13 -50.37 44.82
C2A NAD V . 29.22 -49.60 44.68
N3A NAD V . 29.45 -48.90 43.56
C4A NAD V . 28.57 -48.94 42.53
O3 NAD V . 27.34 -44.23 35.81
PN NAD V . 27.49 -42.63 35.65
O1N NAD V . 27.19 -42.25 34.21
O2N NAD V . 28.81 -42.19 36.27
O5D NAD V . 26.23 -42.14 36.55
C5D NAD V . 26.18 -42.50 37.93
C4D NAD V . 24.95 -41.90 38.63
O4D NAD V . 24.98 -40.47 38.59
C3D NAD V . 23.63 -42.34 38.01
O3D NAD V . 22.69 -42.66 39.03
C2D NAD V . 23.16 -41.13 37.22
O2D NAD V . 21.74 -41.06 37.15
C1D NAD V . 23.77 -39.97 37.99
N1N NAD V . 24.08 -38.82 37.14
C2N NAD V . 23.52 -37.64 37.44
C3N NAD V . 23.76 -36.49 36.67
C7N NAD V . 23.11 -35.17 37.03
O7N NAD V . 23.08 -34.27 36.19
N7N NAD V . 22.60 -34.96 38.24
C4N NAD V . 24.61 -36.58 35.58
C5N NAD V . 25.20 -37.82 35.28
C6N NAD V . 24.91 -38.93 36.08
S SO4 W . 30.13 -43.65 27.04
O1 SO4 W . 29.22 -43.14 28.06
O2 SO4 W . 30.15 -45.12 27.06
O3 SO4 W . 31.46 -43.12 27.33
O4 SO4 W . 29.71 -43.22 25.71
PA NAD X . -22.15 -2.50 21.35
O1A NAD X . -22.75 -3.52 22.29
O2A NAD X . -21.89 -1.07 21.81
O5B NAD X . -23.09 -2.43 20.06
C5B NAD X . -23.61 -3.60 19.44
C4B NAD X . -23.90 -3.30 18.00
O4B NAD X . -23.93 -4.52 17.26
C3B NAD X . -25.25 -2.64 17.77
O3B NAD X . -25.12 -1.75 16.67
C2B NAD X . -26.19 -3.78 17.44
O2B NAD X . -27.25 -3.42 16.55
C1B NAD X . -25.25 -4.72 16.73
N9A NAD X . -25.61 -6.14 16.89
C8A NAD X . -25.29 -6.94 17.92
N7A NAD X . -25.77 -8.17 17.70
C5A NAD X . -26.39 -8.18 16.50
C6A NAD X . -27.05 -9.10 15.73
N6A NAD X . -27.18 -10.35 16.18
N1A NAD X . -27.58 -8.74 14.53
C2A NAD X . -27.46 -7.47 14.07
N3A NAD X . -26.82 -6.52 14.76
C4A NAD X . -26.27 -6.81 15.97
O3 NAD X . -20.78 -3.13 20.79
PN NAD X . -19.48 -2.24 20.42
O1N NAD X . -18.85 -1.70 21.67
O2N NAD X . -19.89 -1.30 19.32
O5D NAD X . -18.51 -3.33 19.77
C5D NAD X . -18.94 -3.99 18.58
C4D NAD X . -17.78 -4.77 18.01
O4D NAD X . -16.68 -3.91 17.70
C3D NAD X . -17.28 -5.80 19.01
O3D NAD X . -17.29 -7.07 18.38
C2D NAD X . -15.88 -5.35 19.40
O2D NAD X . -14.96 -6.44 19.62
C1D NAD X . -15.46 -4.47 18.21
N1N NAD X . -14.47 -3.44 18.58
C2N NAD X . -13.27 -3.52 18.01
C3N NAD X . -12.27 -2.60 18.29
C7N NAD X . -10.92 -2.69 17.63
O7N NAD X . -10.02 -1.95 17.98
N7N NAD X . -10.67 -3.55 16.67
C4N NAD X . -12.56 -1.57 19.17
C5N NAD X . -13.82 -1.50 19.75
C6N NAD X . -14.76 -2.46 19.44
S SO4 Y . -20.19 1.88 28.48
O1 SO4 Y . -20.27 2.86 27.42
O2 SO4 Y . -18.91 1.97 29.18
O3 SO4 Y . -21.28 2.14 29.44
O4 SO4 Y . -20.34 0.56 27.88
PA NAD Z . 12.64 12.06 63.79
O1A NAD Z . 12.82 13.46 63.25
O2A NAD Z . 11.24 11.57 64.04
O5B NAD Z . 13.49 11.93 65.14
C5B NAD Z . 14.70 12.64 65.38
C4B NAD Z . 15.29 12.15 66.70
O4B NAD Z . 16.66 12.55 66.80
C3B NAD Z . 14.64 12.76 67.92
O3B NAD Z . 14.74 11.84 69.01
C2B NAD Z . 15.47 13.98 68.20
O2B NAD Z . 15.34 14.43 69.54
C1B NAD Z . 16.85 13.45 67.90
N9A NAD Z . 17.86 14.41 67.43
C8A NAD Z . 17.98 14.91 66.18
N7A NAD Z . 19.07 15.72 66.10
C5A NAD Z . 19.68 15.72 67.30
C6A NAD Z . 20.81 16.33 67.86
N6A NAD Z . 21.58 17.15 67.12
N1A NAD Z . 21.12 16.10 69.16
C2A NAD Z . 20.36 15.29 69.91
N3A NAD Z . 19.26 14.67 69.45
C4A NAD Z . 18.88 14.85 68.17
O3 NAD Z . 13.44 11.10 62.81
PN NAD Z . 13.24 9.51 62.69
O1N NAD Z . 12.22 9.17 61.61
O2N NAD Z . 13.09 8.91 64.07
O5D NAD Z . 14.68 9.11 62.14
C5D NAD Z . 15.85 9.16 62.94
C4D NAD Z . 16.94 8.38 62.23
O4D NAD Z . 16.48 7.03 61.98
C3D NAD Z . 17.29 8.95 60.86
O3D NAD Z . 18.72 8.95 60.70
C2D NAD Z . 16.61 8.02 59.87
O2D NAD Z . 17.31 7.99 58.62
C1D NAD Z . 16.73 6.70 60.62
N1N NAD Z . 15.83 5.63 60.20
C2N NAD Z . 16.37 4.48 59.72
C3N NAD Z . 15.58 3.41 59.33
C7N NAD Z . 16.17 2.12 58.78
O7N NAD Z . 15.47 1.40 58.11
N7N NAD Z . 17.43 1.76 59.02
C4N NAD Z . 14.19 3.57 59.42
C5N NAD Z . 13.66 4.75 59.92
C6N NAD Z . 14.51 5.78 60.31
CL CL AA . 20.10 -7.26 80.85
S SO4 BA . 30.57 3.95 53.22
O1 SO4 BA . 31.79 4.69 52.86
O2 SO4 BA . 30.93 2.65 53.75
O3 SO4 BA . 29.78 4.70 54.20
O4 SO4 BA . 29.77 3.74 52.02
#